data_5AO2
#
_entry.id   5AO2
#
_cell.length_a   69.706
_cell.length_b   199.320
_cell.length_c   81.804
_cell.angle_alpha   90.00
_cell.angle_beta   100.79
_cell.angle_gamma   90.00
#
_symmetry.space_group_name_H-M   'P 1 21 1'
#
loop_
_entity.id
_entity.type
_entity.pdbx_description
1 polymer 'DEOXYNUCLEOSIDE TRIPHOSPHATE TRIPHOSPHOHYDROLASE SAMHD1'
2 non-polymer 'FE (III) ION'
3 non-polymer "2'-DEOXYGUANOSINE-5'-TRIPHOSPHATE"
4 water water
#
_entity_poly.entity_id   1
_entity_poly.type   'polypeptide(L)'
_entity_poly.pdbx_seq_one_letter_code
;MASWSHPQFEKGALEVLFQGPGMKVINDPIHGHIELHPLLVRIIDTPQFQRLRYIKQLGGGYYVFPGASHNAFEHSLGVG
YLAGCLVHALGEKQPELQISERDVLCVQIAGLCHDLGHGPFSHMFDGRFIPLARPEVKWTHEQGSVMMFEHLINSNGIKP
VMEQYGLIPEEDICFIKEQIVGPLESPVEDSLWPYKGRPENKSFLYEIVSNKRNGIDVDKWDYFARDCHHLGIQNNFDYK
RFIKFARVCEVDNELRICARDKEVGNLYDMFHTRNSLHRRAYQHKVGNIIDTMITDAFLKADDYIEITGAGGKKYRISTA
IDDMEAYTKLTDNIFLEILYSTDPKLKDAREILKQIEYRNLFKYVGETQPTGQIKIKREDYESLPKEVASAKPKVLLDVK
LKAEDFIVDVINMDYGMQEKNPIDHVSFYCKTAPNRAIRITKNQVSQLLPEKFAEQLIRVYCKKVDRKSLYAARQYFVQW
CADRNFTKPQD
;
_entity_poly.pdbx_strand_id   A,B,C,D
#
loop_
_chem_comp.id
_chem_comp.type
_chem_comp.name
_chem_comp.formula
DGT non-polymer 2'-DEOXYGUANOSINE-5'-TRIPHOSPHATE 'C10 H16 N5 O13 P3'
FE non-polymer 'FE (III) ION' 'Fe 3'
#
# COMPACT_ATOMS: atom_id res chain seq x y z
N MET A 23 2.14 -29.35 3.54
CA MET A 23 1.85 -28.08 2.88
C MET A 23 2.39 -26.81 3.57
N LYS A 24 3.70 -26.56 3.49
CA LYS A 24 4.32 -25.38 4.15
C LYS A 24 4.03 -24.06 3.43
N VAL A 25 3.73 -23.01 4.18
CA VAL A 25 3.60 -21.70 3.55
C VAL A 25 4.63 -20.69 4.10
N ILE A 26 5.33 -20.05 3.18
CA ILE A 26 6.44 -19.15 3.45
C ILE A 26 6.09 -17.69 3.14
N ASN A 27 6.37 -16.77 4.05
CA ASN A 27 6.11 -15.37 3.75
C ASN A 27 7.25 -14.77 2.95
N ASP A 28 6.88 -14.05 1.90
CA ASP A 28 7.84 -13.47 0.99
C ASP A 28 7.50 -12.01 0.71
N PRO A 29 8.50 -11.14 0.75
CA PRO A 29 8.23 -9.70 0.57
C PRO A 29 7.71 -9.31 -0.82
N ILE A 30 7.91 -10.13 -1.84
CA ILE A 30 7.51 -9.79 -3.22
C ILE A 30 6.18 -10.44 -3.58
N HIS A 31 6.05 -11.71 -3.26
CA HIS A 31 4.91 -12.54 -3.62
C HIS A 31 3.87 -12.80 -2.52
N GLY A 32 4.10 -12.28 -1.31
CA GLY A 32 3.22 -12.52 -0.18
C GLY A 32 3.41 -13.92 0.38
N HIS A 33 2.33 -14.66 0.52
CA HIS A 33 2.43 -16.03 0.99
C HIS A 33 2.67 -16.95 -0.18
N ILE A 34 3.64 -17.83 -0.02
CA ILE A 34 3.96 -18.84 -1.00
C ILE A 34 3.63 -20.18 -0.40
N GLU A 35 2.70 -20.92 -0.99
CA GLU A 35 2.41 -22.26 -0.49
C GLU A 35 3.28 -23.27 -1.22
N LEU A 36 3.80 -24.24 -0.47
CA LEU A 36 4.73 -25.23 -1.02
C LEU A 36 4.23 -26.67 -0.84
N HIS A 37 4.06 -27.40 -1.93
CA HIS A 37 3.76 -28.83 -1.89
C HIS A 37 4.85 -29.63 -1.17
N PRO A 38 4.46 -30.59 -0.32
CA PRO A 38 5.38 -31.41 0.48
C PRO A 38 6.56 -32.02 -0.28
N LEU A 39 6.39 -32.38 -1.54
CA LEU A 39 7.51 -32.86 -2.34
C LEU A 39 8.60 -31.80 -2.57
N LEU A 40 8.17 -30.56 -2.81
CA LEU A 40 9.09 -29.42 -2.96
C LEU A 40 9.86 -29.20 -1.67
N VAL A 41 9.14 -29.15 -0.55
CA VAL A 41 9.73 -29.03 0.78
C VAL A 41 10.79 -30.10 1.03
N ARG A 42 10.56 -31.30 0.55
CA ARG A 42 11.53 -32.34 0.70
C ARG A 42 12.81 -31.99 -0.06
N ILE A 43 12.64 -31.41 -1.24
CA ILE A 43 13.79 -31.04 -2.09
C ILE A 43 14.54 -29.82 -1.51
N ILE A 44 13.77 -28.89 -0.95
CA ILE A 44 14.30 -27.67 -0.38
C ILE A 44 15.19 -27.99 0.81
N ASP A 45 14.73 -28.91 1.63
CA ASP A 45 15.41 -29.20 2.87
C ASP A 45 16.56 -30.19 2.68
N THR A 46 17.48 -29.83 1.79
CA THR A 46 18.64 -30.65 1.49
C THR A 46 19.87 -29.77 1.44
N PRO A 47 21.05 -30.35 1.66
CA PRO A 47 22.28 -29.58 1.54
C PRO A 47 22.45 -28.92 0.17
N GLN A 48 22.05 -29.61 -0.88
CA GLN A 48 22.30 -29.11 -2.22
C GLN A 48 21.42 -27.93 -2.53
N PHE A 49 20.31 -27.78 -1.81
CA PHE A 49 19.45 -26.64 -2.04
C PHE A 49 19.72 -25.50 -1.10
N GLN A 50 19.80 -25.82 0.18
CA GLN A 50 20.02 -24.79 1.18
C GLN A 50 21.33 -24.08 0.86
N ARG A 51 22.18 -24.75 0.09
CA ARG A 51 23.42 -24.16 -0.43
C ARG A 51 23.20 -22.79 -1.02
N LEU A 52 22.06 -22.59 -1.66
CA LEU A 52 21.79 -21.34 -2.37
C LEU A 52 21.59 -20.13 -1.44
N ARG A 53 21.52 -20.37 -0.13
CA ARG A 53 21.41 -19.27 0.83
C ARG A 53 22.73 -18.53 0.91
N TYR A 54 23.80 -19.15 0.42
CA TYR A 54 25.16 -18.64 0.61
C TYR A 54 25.78 -18.21 -0.71
N ILE A 55 24.90 -17.85 -1.63
CA ILE A 55 25.31 -17.31 -2.90
C ILE A 55 24.50 -16.05 -3.22
N LYS A 56 25.16 -14.90 -3.20
CA LYS A 56 24.52 -13.62 -3.50
C LYS A 56 24.08 -13.56 -4.98
N GLN A 57 22.90 -13.03 -5.22
CA GLN A 57 22.38 -12.89 -6.56
C GLN A 57 23.17 -11.91 -7.41
N LEU A 58 23.50 -10.75 -6.86
CA LEU A 58 24.12 -9.73 -7.67
C LEU A 58 25.61 -9.72 -7.44
N GLY A 59 26.11 -10.75 -6.77
CA GLY A 59 27.55 -10.86 -6.52
C GLY A 59 28.09 -9.56 -5.98
N GLY A 60 29.15 -9.05 -6.61
CA GLY A 60 29.80 -7.81 -6.22
C GLY A 60 28.95 -6.55 -6.32
N GLY A 61 27.71 -6.68 -6.76
CA GLY A 61 26.81 -5.55 -6.83
C GLY A 61 26.50 -4.98 -5.47
N TYR A 62 26.48 -5.89 -4.50
CA TYR A 62 26.29 -5.54 -3.09
C TYR A 62 27.32 -4.48 -2.61
N TYR A 63 28.51 -4.43 -3.22
CA TYR A 63 29.55 -3.49 -2.82
C TYR A 63 29.32 -2.10 -3.38
N VAL A 64 28.19 -1.94 -4.08
CA VAL A 64 27.71 -0.68 -4.64
C VAL A 64 26.25 -0.36 -4.20
N PHE A 65 25.44 -1.40 -4.05
CA PHE A 65 24.07 -1.29 -3.55
C PHE A 65 23.89 -2.04 -2.25
N PRO A 66 23.92 -1.30 -1.13
CA PRO A 66 23.90 -1.96 0.17
C PRO A 66 22.61 -2.72 0.45
N GLY A 67 21.52 -2.43 -0.25
CA GLY A 67 20.27 -3.13 0.01
C GLY A 67 20.22 -4.51 -0.59
N ALA A 68 21.17 -4.76 -1.49
CA ALA A 68 21.19 -5.95 -2.33
C ALA A 68 21.90 -7.12 -1.65
N SER A 69 21.38 -7.49 -0.51
CA SER A 69 21.96 -8.54 0.29
C SER A 69 21.39 -9.90 -0.07
N HIS A 70 20.45 -9.94 -1.01
CA HIS A 70 19.70 -11.18 -1.23
C HIS A 70 20.40 -12.29 -2.00
N ASN A 71 20.02 -13.52 -1.67
CA ASN A 71 20.66 -14.71 -2.21
C ASN A 71 19.77 -15.51 -3.18
N ALA A 72 20.39 -16.47 -3.88
CA ALA A 72 19.71 -17.31 -4.88
C ALA A 72 18.57 -18.18 -4.28
N PHE A 73 18.67 -18.47 -2.99
CA PHE A 73 17.68 -19.27 -2.30
C PHE A 73 16.28 -18.65 -2.39
N GLU A 74 16.11 -17.41 -1.97
CA GLU A 74 14.79 -16.79 -2.05
C GLU A 74 14.37 -16.56 -3.52
N HIS A 75 15.32 -16.33 -4.42
CA HIS A 75 14.95 -16.16 -5.83
C HIS A 75 14.31 -17.46 -6.31
N SER A 76 14.94 -18.59 -5.97
CA SER A 76 14.46 -19.89 -6.40
C SER A 76 13.06 -20.23 -5.89
N LEU A 77 12.75 -19.90 -4.65
CA LEU A 77 11.40 -20.13 -4.13
C LEU A 77 10.38 -19.39 -4.98
N GLY A 78 10.70 -18.16 -5.35
CA GLY A 78 9.80 -17.29 -6.09
C GLY A 78 9.57 -17.79 -7.49
N VAL A 79 10.63 -18.24 -8.14
CA VAL A 79 10.53 -18.79 -9.48
C VAL A 79 9.68 -20.05 -9.47
N GLY A 80 9.89 -20.87 -8.45
CA GLY A 80 9.06 -22.04 -8.24
C GLY A 80 7.61 -21.65 -7.98
N TYR A 81 7.43 -20.61 -7.19
CA TYR A 81 6.08 -20.15 -6.88
C TYR A 81 5.40 -19.60 -8.12
N LEU A 82 6.10 -18.77 -8.91
CA LEU A 82 5.48 -18.20 -10.11
C LEU A 82 5.12 -19.23 -11.17
N ALA A 83 6.07 -20.13 -11.44
CA ALA A 83 5.88 -21.19 -12.42
C ALA A 83 4.62 -21.93 -12.12
N GLY A 84 4.44 -22.22 -10.84
CA GLY A 84 3.22 -22.83 -10.38
C GLY A 84 2.01 -21.99 -10.69
N CYS A 85 2.06 -20.71 -10.40
CA CYS A 85 0.90 -19.85 -10.57
C CYS A 85 0.46 -19.81 -12.01
N LEU A 86 1.44 -19.77 -12.89
CA LEU A 86 1.17 -19.63 -14.31
C LEU A 86 0.55 -20.89 -14.86
N VAL A 87 1.11 -22.06 -14.52
CA VAL A 87 0.61 -23.31 -15.07
C VAL A 87 -0.74 -23.63 -14.44
N HIS A 88 -0.91 -23.34 -13.16
CA HIS A 88 -2.19 -23.54 -12.53
C HIS A 88 -3.24 -22.64 -13.17
N ALA A 89 -2.87 -21.39 -13.45
CA ALA A 89 -3.83 -20.44 -14.02
C ALA A 89 -4.29 -20.86 -15.41
N LEU A 90 -3.34 -21.30 -16.24
CA LEU A 90 -3.66 -21.73 -17.59
C LEU A 90 -4.58 -22.96 -17.59
N GLY A 91 -4.23 -23.95 -16.77
CA GLY A 91 -5.00 -25.18 -16.71
C GLY A 91 -6.45 -24.98 -16.32
N GLU A 92 -6.70 -24.06 -15.39
CA GLU A 92 -8.04 -23.86 -14.91
C GLU A 92 -8.88 -23.11 -15.94
N LYS A 93 -8.23 -22.34 -16.81
CA LYS A 93 -8.95 -21.57 -17.81
C LYS A 93 -9.06 -22.31 -19.15
N GLN A 94 -8.29 -23.38 -19.31
CA GLN A 94 -8.32 -24.16 -20.54
C GLN A 94 -8.12 -25.64 -20.29
N PRO A 95 -9.15 -26.32 -19.76
CA PRO A 95 -9.05 -27.75 -19.45
C PRO A 95 -8.69 -28.59 -20.67
N GLU A 96 -8.94 -28.05 -21.85
CA GLU A 96 -8.64 -28.77 -23.08
C GLU A 96 -7.14 -29.02 -23.23
N LEU A 97 -6.33 -28.25 -22.51
CA LEU A 97 -4.88 -28.40 -22.61
C LEU A 97 -4.43 -29.68 -21.95
N GLN A 98 -5.30 -30.24 -21.11
CA GLN A 98 -5.09 -31.52 -20.45
C GLN A 98 -3.85 -31.51 -19.54
N ILE A 99 -3.73 -30.49 -18.69
CA ILE A 99 -2.59 -30.35 -17.78
C ILE A 99 -2.82 -31.11 -16.48
N SER A 100 -2.00 -32.11 -16.20
CA SER A 100 -2.20 -32.94 -15.03
C SER A 100 -1.65 -32.28 -13.78
N GLU A 101 -1.95 -32.83 -12.61
CA GLU A 101 -1.33 -32.37 -11.36
C GLU A 101 0.18 -32.59 -11.44
N ARG A 102 0.53 -33.70 -12.07
CA ARG A 102 1.89 -34.11 -12.31
C ARG A 102 2.65 -33.11 -13.18
N ASP A 103 1.98 -32.54 -14.16
CA ASP A 103 2.63 -31.53 -15.01
C ASP A 103 2.98 -30.32 -14.17
N VAL A 104 2.07 -29.90 -13.30
CA VAL A 104 2.31 -28.76 -12.43
C VAL A 104 3.48 -28.98 -11.47
N LEU A 105 3.56 -30.14 -10.82
CA LEU A 105 4.68 -30.39 -9.92
C LEU A 105 6.02 -30.34 -10.64
N CYS A 106 6.05 -30.88 -11.85
CA CYS A 106 7.30 -30.90 -12.60
C CYS A 106 7.73 -29.51 -13.04
N VAL A 107 6.75 -28.66 -13.33
CA VAL A 107 7.04 -27.29 -13.71
C VAL A 107 7.54 -26.51 -12.52
N GLN A 108 6.95 -26.78 -11.35
CA GLN A 108 7.37 -26.13 -10.10
C GLN A 108 8.77 -26.54 -9.70
N ILE A 109 9.05 -27.84 -9.79
CA ILE A 109 10.37 -28.36 -9.42
C ILE A 109 11.45 -27.76 -10.33
N ALA A 110 11.10 -27.53 -11.59
CA ALA A 110 12.03 -26.91 -12.53
C ALA A 110 12.31 -25.45 -12.15
N GLY A 111 11.30 -24.71 -11.72
CA GLY A 111 11.52 -23.34 -11.31
C GLY A 111 12.39 -23.30 -10.07
N LEU A 112 12.10 -24.22 -9.17
CA LEU A 112 12.84 -24.33 -7.92
C LEU A 112 14.34 -24.60 -8.14
N CYS A 113 14.69 -25.47 -9.09
CA CYS A 113 16.09 -25.92 -9.21
C CYS A 113 16.84 -25.32 -10.41
N HIS A 114 16.26 -24.33 -11.09
CA HIS A 114 16.86 -23.78 -12.30
C HIS A 114 18.21 -23.07 -12.06
N ASP A 115 18.40 -22.52 -10.86
CA ASP A 115 19.64 -21.82 -10.59
C ASP A 115 20.48 -22.61 -9.55
N LEU A 116 20.15 -23.89 -9.37
CA LEU A 116 20.94 -24.77 -8.48
C LEU A 116 22.42 -24.78 -8.78
N GLY A 117 22.77 -24.51 -10.03
CA GLY A 117 24.15 -24.64 -10.49
C GLY A 117 25.03 -23.43 -10.31
N HIS A 118 24.50 -22.34 -9.76
CA HIS A 118 25.33 -21.14 -9.55
C HIS A 118 26.51 -21.46 -8.63
N GLY A 119 27.61 -20.73 -8.82
CA GLY A 119 28.79 -20.86 -7.98
C GLY A 119 28.94 -19.55 -7.24
N PRO A 120 30.06 -19.35 -6.54
CA PRO A 120 30.31 -18.14 -5.78
C PRO A 120 30.10 -16.86 -6.60
N PHE A 121 29.24 -15.98 -6.09
CA PHE A 121 28.89 -14.70 -6.72
C PHE A 121 28.24 -14.84 -8.11
N SER A 122 27.40 -15.87 -8.28
CA SER A 122 26.58 -16.03 -9.47
C SER A 122 27.29 -15.98 -10.84
N HIS A 123 26.91 -14.98 -11.61
CA HIS A 123 27.29 -14.89 -12.99
C HIS A 123 28.77 -14.56 -13.08
N MET A 124 29.34 -14.17 -11.95
CA MET A 124 30.75 -13.89 -11.89
C MET A 124 31.56 -15.16 -12.13
N PHE A 125 31.04 -16.26 -11.60
CA PHE A 125 31.76 -17.51 -11.60
C PHE A 125 31.80 -18.15 -12.98
N ASP A 126 30.67 -18.20 -13.66
CA ASP A 126 30.63 -18.87 -14.95
C ASP A 126 30.92 -17.91 -16.11
N GLY A 127 30.73 -16.63 -15.86
CA GLY A 127 30.93 -15.63 -16.89
C GLY A 127 32.37 -15.20 -17.03
N ARG A 128 33.12 -15.16 -15.92
CA ARG A 128 34.48 -14.67 -16.00
C ARG A 128 35.50 -15.62 -15.36
N PHE A 129 35.25 -16.10 -14.15
CA PHE A 129 36.25 -16.93 -13.44
C PHE A 129 36.58 -18.24 -14.17
N ILE A 130 35.59 -19.07 -14.46
CA ILE A 130 35.88 -20.34 -15.13
C ILE A 130 36.55 -20.13 -16.51
N PRO A 131 36.02 -19.18 -17.32
CA PRO A 131 36.75 -18.87 -18.56
C PRO A 131 38.22 -18.46 -18.36
N LEU A 132 38.53 -17.64 -17.38
CA LEU A 132 39.92 -17.25 -17.20
C LEU A 132 40.77 -18.39 -16.66
N ALA A 133 40.15 -19.29 -15.89
CA ALA A 133 40.90 -20.34 -15.21
C ALA A 133 41.03 -21.59 -16.08
N ARG A 134 40.00 -21.88 -16.85
CA ARG A 134 39.99 -23.07 -17.68
C ARG A 134 39.34 -22.74 -19.02
N PRO A 135 40.10 -22.05 -19.91
CA PRO A 135 39.63 -21.55 -21.21
C PRO A 135 39.24 -22.74 -22.07
N GLU A 136 39.92 -23.82 -21.70
CA GLU A 136 39.74 -25.20 -22.14
C GLU A 136 38.29 -25.65 -22.12
N VAL A 137 37.65 -25.36 -20.99
CA VAL A 137 36.43 -26.02 -20.52
C VAL A 137 35.14 -25.32 -20.96
N LYS A 138 34.13 -26.11 -21.33
CA LYS A 138 32.79 -25.59 -21.57
C LYS A 138 31.91 -25.77 -20.32
N TRP A 139 31.46 -24.66 -19.72
CA TRP A 139 30.65 -24.70 -18.50
C TRP A 139 29.63 -23.59 -18.41
N THR A 140 28.38 -23.95 -18.12
CA THR A 140 27.35 -22.96 -17.81
C THR A 140 26.59 -23.40 -16.56
N HIS A 141 26.08 -22.46 -15.79
CA HIS A 141 25.47 -22.87 -14.52
C HIS A 141 24.17 -23.67 -14.72
N GLU A 142 23.56 -23.51 -15.89
CA GLU A 142 22.35 -24.24 -16.24
C GLU A 142 22.68 -25.73 -16.32
N GLN A 143 23.83 -26.04 -16.90
CA GLN A 143 24.37 -27.39 -16.93
C GLN A 143 24.55 -27.88 -15.51
N GLY A 144 25.22 -27.04 -14.71
CA GLY A 144 25.48 -27.34 -13.32
C GLY A 144 24.21 -27.60 -12.55
N SER A 145 23.18 -26.79 -12.81
CA SER A 145 21.91 -26.95 -12.14
C SER A 145 21.40 -28.36 -12.40
N VAL A 146 21.63 -28.86 -13.61
CA VAL A 146 21.22 -30.23 -13.91
C VAL A 146 22.06 -31.29 -13.18
N MET A 147 23.38 -31.14 -13.19
CA MET A 147 24.26 -32.06 -12.45
C MET A 147 23.94 -32.05 -10.95
N MET A 148 23.75 -30.85 -10.41
CA MET A 148 23.45 -30.68 -9.00
C MET A 148 22.09 -31.27 -8.65
N PHE A 149 21.14 -31.10 -9.55
CA PHE A 149 19.80 -31.63 -9.34
C PHE A 149 19.81 -33.17 -9.27
N GLU A 150 20.63 -33.79 -10.10
CA GLU A 150 20.75 -35.24 -10.11
C GLU A 150 21.33 -35.67 -8.77
N HIS A 151 22.44 -35.03 -8.40
CA HIS A 151 23.13 -35.25 -7.12
C HIS A 151 22.19 -35.07 -5.92
N LEU A 152 21.30 -34.09 -6.01
CA LEU A 152 20.38 -33.82 -4.92
C LEU A 152 19.43 -34.99 -4.69
N ILE A 153 18.63 -35.31 -5.68
CA ILE A 153 17.59 -36.30 -5.51
C ILE A 153 18.18 -37.70 -5.26
N ASN A 154 19.41 -37.94 -5.73
CA ASN A 154 20.09 -39.18 -5.40
C ASN A 154 20.67 -39.20 -3.99
N SER A 155 21.22 -38.08 -3.55
CA SER A 155 21.76 -37.98 -2.20
C SER A 155 20.70 -38.04 -1.13
N ASN A 156 19.48 -37.64 -1.44
CA ASN A 156 18.45 -37.51 -0.40
C ASN A 156 17.22 -38.37 -0.62
N GLY A 157 17.35 -39.39 -1.48
CA GLY A 157 16.28 -40.35 -1.70
C GLY A 157 14.94 -39.74 -2.10
N ILE A 158 14.98 -38.86 -3.09
CA ILE A 158 13.79 -38.11 -3.49
C ILE A 158 12.90 -38.91 -4.42
N LYS A 159 13.48 -39.81 -5.21
CA LYS A 159 12.71 -40.52 -6.24
C LYS A 159 11.53 -41.35 -5.66
N PRO A 160 11.76 -42.10 -4.55
CA PRO A 160 10.59 -42.70 -3.85
C PRO A 160 9.51 -41.68 -3.47
N VAL A 161 9.93 -40.51 -3.01
CA VAL A 161 8.98 -39.47 -2.65
C VAL A 161 8.27 -38.94 -3.90
N MET A 162 8.99 -38.92 -5.02
CA MET A 162 8.40 -38.49 -6.29
C MET A 162 7.24 -39.39 -6.68
N GLU A 163 7.47 -40.71 -6.58
CA GLU A 163 6.44 -41.69 -6.96
C GLU A 163 5.27 -41.64 -6.03
N GLN A 164 5.56 -41.45 -4.75
CA GLN A 164 4.49 -41.31 -3.77
C GLN A 164 3.52 -40.20 -4.16
N TYR A 165 4.00 -39.20 -4.88
CA TYR A 165 3.12 -38.10 -5.25
C TYR A 165 2.77 -38.08 -6.73
N GLY A 166 2.97 -39.20 -7.38
CA GLY A 166 2.38 -39.41 -8.68
C GLY A 166 3.28 -39.10 -9.85
N LEU A 167 4.57 -38.96 -9.59
CA LEU A 167 5.49 -38.72 -10.67
C LEU A 167 6.07 -40.02 -11.21
N ILE A 168 6.43 -40.05 -12.48
CA ILE A 168 7.24 -41.15 -12.99
C ILE A 168 8.67 -40.64 -13.18
N PRO A 169 9.56 -40.98 -12.24
CA PRO A 169 10.92 -40.45 -12.18
C PRO A 169 11.69 -40.41 -13.51
N GLU A 170 11.75 -41.50 -14.25
CA GLU A 170 12.56 -41.46 -15.46
C GLU A 170 12.05 -40.46 -16.48
N GLU A 171 10.73 -40.33 -16.61
CA GLU A 171 10.22 -39.39 -17.60
C GLU A 171 10.16 -37.96 -17.08
N ASP A 172 9.77 -37.81 -15.82
CA ASP A 172 9.57 -36.48 -15.25
C ASP A 172 10.86 -35.77 -14.86
N ILE A 173 11.88 -36.52 -14.46
CA ILE A 173 13.18 -35.89 -14.27
C ILE A 173 13.75 -35.40 -15.61
N CYS A 174 13.53 -36.14 -16.71
CA CYS A 174 14.01 -35.67 -18.01
C CYS A 174 13.29 -34.36 -18.34
N PHE A 175 11.99 -34.33 -18.09
CA PHE A 175 11.19 -33.13 -18.31
C PHE A 175 11.73 -31.94 -17.49
N ILE A 176 11.95 -32.15 -16.20
CA ILE A 176 12.45 -31.06 -15.37
C ILE A 176 13.82 -30.59 -15.88
N LYS A 177 14.73 -31.52 -16.15
CA LYS A 177 16.03 -31.14 -16.69
C LYS A 177 15.95 -30.31 -17.99
N GLU A 178 15.02 -30.66 -18.87
CA GLU A 178 14.87 -29.99 -20.17
C GLU A 178 14.33 -28.59 -20.01
N GLN A 179 13.47 -28.39 -19.01
CA GLN A 179 12.98 -27.05 -18.70
C GLN A 179 14.13 -26.13 -18.26
N ILE A 180 15.21 -26.71 -17.74
CA ILE A 180 16.29 -25.94 -17.18
C ILE A 180 17.36 -25.65 -18.23
N VAL A 181 17.82 -26.69 -18.89
CA VAL A 181 18.99 -26.56 -19.75
C VAL A 181 18.63 -26.66 -21.23
N GLY A 182 17.40 -27.07 -21.53
CA GLY A 182 17.01 -27.24 -22.92
C GLY A 182 17.19 -28.66 -23.40
N PRO A 183 17.01 -28.92 -24.70
CA PRO A 183 17.17 -30.28 -25.24
C PRO A 183 18.60 -30.78 -25.02
N LEU A 184 18.73 -32.05 -24.63
CA LEU A 184 20.01 -32.60 -24.19
C LEU A 184 20.98 -33.11 -25.30
N LEU A 192 12.25 -30.87 -36.33
CA LEU A 192 11.79 -31.92 -35.43
C LEU A 192 11.62 -31.44 -33.99
N TRP A 193 10.87 -32.21 -33.20
CA TRP A 193 10.59 -31.91 -31.80
C TRP A 193 11.61 -32.59 -30.90
N PRO A 194 12.52 -31.78 -30.32
CA PRO A 194 13.75 -32.27 -29.68
C PRO A 194 13.56 -32.76 -28.25
N TYR A 195 12.39 -32.57 -27.67
CA TYR A 195 12.17 -32.91 -26.26
C TYR A 195 11.61 -34.33 -26.08
N LYS A 196 12.26 -35.11 -25.22
CA LYS A 196 11.78 -36.43 -24.87
C LYS A 196 10.87 -36.45 -23.63
N GLY A 197 10.97 -35.40 -22.81
CA GLY A 197 10.28 -35.33 -21.55
C GLY A 197 8.79 -35.11 -21.65
N ARG A 198 8.38 -34.42 -22.71
CA ARG A 198 6.96 -34.15 -22.98
C ARG A 198 6.63 -34.15 -24.49
N PRO A 199 5.41 -34.53 -24.84
CA PRO A 199 4.90 -34.46 -26.22
C PRO A 199 4.64 -33.02 -26.64
N GLU A 200 4.61 -32.77 -27.96
CA GLU A 200 4.49 -31.42 -28.51
C GLU A 200 3.14 -30.80 -28.21
N ASN A 201 2.14 -31.62 -27.85
CA ASN A 201 0.83 -31.07 -27.53
C ASN A 201 0.88 -30.35 -26.19
N LYS A 202 2.00 -30.55 -25.50
CA LYS A 202 2.27 -29.85 -24.25
C LYS A 202 3.50 -28.94 -24.32
N SER A 203 3.82 -28.48 -25.54
CA SER A 203 4.99 -27.62 -25.80
C SER A 203 5.02 -26.30 -25.00
N PHE A 204 3.84 -25.74 -24.71
CA PHE A 204 3.74 -24.45 -24.02
C PHE A 204 4.35 -24.51 -22.60
N LEU A 205 4.43 -25.72 -22.01
CA LEU A 205 5.05 -25.92 -20.69
C LEU A 205 6.54 -25.55 -20.66
N TYR A 206 7.24 -25.78 -21.77
CA TYR A 206 8.65 -25.43 -21.89
C TYR A 206 8.90 -23.90 -22.00
N GLU A 207 7.84 -23.12 -22.00
CA GLU A 207 7.99 -21.67 -22.07
C GLU A 207 7.89 -20.96 -20.72
N ILE A 208 7.57 -21.69 -19.65
CA ILE A 208 7.24 -21.09 -18.37
C ILE A 208 8.47 -20.69 -17.51
N VAL A 209 9.36 -21.64 -17.25
CA VAL A 209 10.56 -21.37 -16.45
C VAL A 209 11.67 -20.70 -17.24
N SER A 210 12.02 -21.30 -18.38
CA SER A 210 13.08 -20.77 -19.22
C SER A 210 12.64 -20.66 -20.67
N ASN A 211 12.48 -19.42 -21.14
CA ASN A 211 11.93 -19.23 -22.46
C ASN A 211 13.02 -18.72 -23.37
N LYS A 212 13.52 -19.68 -24.13
CA LYS A 212 14.55 -19.59 -25.16
C LYS A 212 14.77 -18.28 -25.91
N ARG A 213 13.87 -18.01 -26.84
CA ARG A 213 14.05 -16.87 -27.72
C ARG A 213 13.38 -15.57 -27.41
N ASN A 214 12.44 -15.56 -26.50
CA ASN A 214 12.02 -14.22 -26.15
C ASN A 214 12.47 -13.77 -24.77
N GLY A 215 12.94 -14.70 -23.96
CA GLY A 215 13.43 -14.36 -22.63
C GLY A 215 12.37 -13.83 -21.68
N ILE A 216 11.12 -14.09 -22.01
CA ILE A 216 10.05 -13.74 -21.11
C ILE A 216 9.58 -15.00 -20.40
N ASP A 217 10.03 -15.12 -19.15
CA ASP A 217 9.76 -16.28 -18.34
C ASP A 217 9.61 -15.82 -16.91
N VAL A 218 9.18 -16.74 -16.05
CA VAL A 218 8.97 -16.40 -14.67
C VAL A 218 10.30 -16.18 -13.94
N ASP A 219 11.39 -16.74 -14.47
CA ASP A 219 12.71 -16.47 -13.90
C ASP A 219 12.97 -14.96 -13.91
N LYS A 220 12.80 -14.31 -15.06
CA LYS A 220 13.04 -12.88 -15.17
C LYS A 220 12.01 -12.09 -14.35
N TRP A 221 10.76 -12.53 -14.36
CA TRP A 221 9.72 -11.81 -13.62
C TRP A 221 10.08 -11.66 -12.16
N ASP A 222 10.53 -12.75 -11.55
CA ASP A 222 10.93 -12.66 -10.17
C ASP A 222 12.13 -11.77 -9.99
N TYR A 223 13.20 -11.95 -10.76
CA TYR A 223 14.39 -11.23 -10.37
C TYR A 223 14.34 -9.78 -10.80
N PHE A 224 13.47 -9.42 -11.74
CA PHE A 224 13.18 -8.00 -11.99
C PHE A 224 12.52 -7.41 -10.74
N ALA A 225 11.49 -8.09 -10.23
CA ALA A 225 10.73 -7.60 -9.07
C ALA A 225 11.59 -7.52 -7.84
N ARG A 226 12.39 -8.55 -7.64
CA ARG A 226 13.20 -8.71 -6.46
C ARG A 226 14.39 -7.75 -6.50
N ASP A 227 15.09 -7.68 -7.64
CA ASP A 227 16.25 -6.79 -7.72
C ASP A 227 15.78 -5.35 -7.55
N CYS A 228 14.65 -5.02 -8.15
CA CYS A 228 14.07 -3.70 -7.99
C CYS A 228 13.85 -3.42 -6.53
N HIS A 229 13.32 -4.42 -5.86
CA HIS A 229 12.92 -4.24 -4.49
C HIS A 229 14.12 -3.97 -3.57
N HIS A 230 15.25 -4.61 -3.83
CA HIS A 230 16.41 -4.44 -2.97
C HIS A 230 17.22 -3.24 -3.44
N LEU A 231 17.13 -2.91 -4.71
CA LEU A 231 17.95 -1.81 -5.22
C LEU A 231 17.27 -0.45 -5.11
N GLY A 232 15.96 -0.44 -4.90
CA GLY A 232 15.20 0.79 -4.91
C GLY A 232 15.05 1.36 -6.31
N ILE A 233 14.66 0.49 -7.22
CA ILE A 233 14.33 0.90 -8.59
C ILE A 233 12.88 0.58 -8.78
N GLN A 234 12.11 1.45 -9.43
CA GLN A 234 10.69 1.17 -9.48
C GLN A 234 10.43 0.12 -10.53
N ASN A 235 9.62 -0.87 -10.14
CA ASN A 235 9.19 -1.91 -11.07
C ASN A 235 7.78 -1.61 -11.54
N ASN A 236 7.61 -1.42 -12.84
CA ASN A 236 6.31 -1.05 -13.37
C ASN A 236 5.55 -2.21 -14.00
N PHE A 237 6.21 -3.36 -14.12
CA PHE A 237 5.58 -4.55 -14.70
C PHE A 237 4.76 -5.24 -13.65
N ASP A 238 3.47 -5.44 -13.92
CA ASP A 238 2.61 -6.16 -12.99
C ASP A 238 2.45 -7.60 -13.44
N TYR A 239 3.27 -8.47 -12.85
CA TYR A 239 3.34 -9.86 -13.27
C TYR A 239 2.06 -10.59 -12.91
N LYS A 240 1.33 -10.06 -11.94
CA LYS A 240 0.11 -10.70 -11.51
C LYS A 240 -0.95 -10.47 -12.56
N ARG A 241 -0.92 -9.31 -13.23
CA ARG A 241 -1.86 -9.04 -14.32
C ARG A 241 -1.58 -9.87 -15.56
N PHE A 242 -0.30 -10.00 -15.90
CA PHE A 242 0.08 -10.79 -17.04
C PHE A 242 -0.32 -12.25 -16.90
N ILE A 243 -0.20 -12.80 -15.70
CA ILE A 243 -0.52 -14.20 -15.45
C ILE A 243 -2.02 -14.47 -15.45
N LYS A 244 -2.80 -13.46 -15.09
CA LYS A 244 -4.24 -13.62 -15.01
C LYS A 244 -4.90 -13.58 -16.38
N PHE A 245 -4.23 -12.96 -17.35
CA PHE A 245 -4.75 -12.95 -18.71
C PHE A 245 -4.03 -13.87 -19.69
N ALA A 246 -3.09 -14.67 -19.22
CA ALA A 246 -2.34 -15.51 -20.15
C ALA A 246 -3.15 -16.70 -20.63
N ARG A 247 -3.06 -16.99 -21.92
CA ARG A 247 -3.73 -18.14 -22.55
C ARG A 247 -2.78 -18.83 -23.49
N VAL A 248 -3.06 -20.11 -23.73
CA VAL A 248 -2.36 -20.85 -24.76
C VAL A 248 -3.18 -20.73 -26.04
N CYS A 249 -2.52 -20.25 -27.08
CA CYS A 249 -3.14 -20.05 -28.39
C CYS A 249 -2.20 -20.58 -29.45
N GLU A 250 -2.77 -20.87 -30.61
CA GLU A 250 -2.01 -21.47 -31.68
C GLU A 250 -1.22 -20.42 -32.44
N VAL A 251 0.06 -20.69 -32.67
CA VAL A 251 0.92 -19.78 -33.44
C VAL A 251 1.82 -20.54 -34.40
N ASP A 252 1.60 -20.44 -35.71
CA ASP A 252 2.52 -21.09 -36.65
C ASP A 252 2.60 -22.58 -36.36
N ASN A 253 1.51 -23.35 -36.40
CA ASN A 253 1.52 -24.80 -36.12
C ASN A 253 1.74 -25.21 -34.66
N GLU A 254 2.07 -24.24 -33.83
CA GLU A 254 2.50 -24.56 -32.47
C GLU A 254 1.75 -23.84 -31.35
N LEU A 255 1.69 -24.49 -30.19
CA LEU A 255 1.03 -23.97 -29.02
C LEU A 255 2.04 -23.17 -28.23
N ARG A 256 1.75 -21.90 -28.01
CA ARG A 256 2.64 -21.03 -27.29
C ARG A 256 1.85 -20.25 -26.26
N ILE A 257 2.52 -19.72 -25.25
CA ILE A 257 1.83 -18.91 -24.26
C ILE A 257 1.67 -17.50 -24.81
N CYS A 258 0.44 -16.99 -24.76
CA CYS A 258 0.10 -15.70 -25.38
C CYS A 258 -0.62 -14.78 -24.39
N ALA A 259 -0.54 -13.47 -24.64
CA ALA A 259 -1.15 -12.45 -23.75
C ALA A 259 -2.31 -11.70 -24.39
N ARG A 260 -3.21 -11.20 -23.56
CA ARG A 260 -4.37 -10.45 -24.03
C ARG A 260 -3.91 -9.15 -24.65
N ASP A 261 -4.72 -8.60 -25.56
CA ASP A 261 -4.28 -7.46 -26.31
C ASP A 261 -4.17 -6.19 -25.45
N LYS A 262 -4.82 -6.17 -24.29
CA LYS A 262 -4.74 -4.99 -23.46
C LYS A 262 -3.50 -4.99 -22.58
N GLU A 263 -2.75 -6.09 -22.63
CA GLU A 263 -1.53 -6.19 -21.86
C GLU A 263 -0.29 -5.78 -22.64
N VAL A 264 -0.49 -5.23 -23.83
CA VAL A 264 0.66 -4.68 -24.54
C VAL A 264 1.25 -3.52 -23.73
N GLY A 265 0.42 -2.79 -23.01
CA GLY A 265 0.92 -1.71 -22.19
C GLY A 265 1.79 -2.22 -21.07
N ASN A 266 1.43 -3.37 -20.50
CA ASN A 266 2.21 -3.94 -19.40
C ASN A 266 3.57 -4.46 -19.86
N LEU A 267 3.61 -5.02 -21.07
CA LEU A 267 4.84 -5.48 -21.69
C LEU A 267 5.88 -4.42 -21.96
N TYR A 268 5.45 -3.21 -22.34
CA TYR A 268 6.40 -2.13 -22.63
C TYR A 268 7.04 -1.68 -21.34
N ASP A 269 6.26 -1.70 -20.25
CA ASP A 269 6.79 -1.38 -18.94
C ASP A 269 7.82 -2.44 -18.53
N MET A 270 7.53 -3.71 -18.81
CA MET A 270 8.48 -4.76 -18.48
C MET A 270 9.81 -4.58 -19.23
N PHE A 271 9.75 -4.17 -20.48
CA PHE A 271 10.97 -4.02 -21.26
C PHE A 271 11.78 -2.83 -20.79
N HIS A 272 11.10 -1.80 -20.27
CA HIS A 272 11.81 -0.64 -19.74
C HIS A 272 12.41 -0.90 -18.36
N THR A 273 11.68 -1.63 -17.53
CA THR A 273 12.15 -2.00 -16.21
C THR A 273 13.43 -2.83 -16.39
N ARG A 274 13.36 -3.77 -17.33
CA ARG A 274 14.53 -4.56 -17.71
C ARG A 274 15.69 -3.65 -18.17
N ASN A 275 15.44 -2.68 -19.04
CA ASN A 275 16.56 -1.84 -19.51
C ASN A 275 17.12 -0.97 -18.42
N SER A 276 16.25 -0.49 -17.52
CA SER A 276 16.72 0.29 -16.35
C SER A 276 17.57 -0.54 -15.41
N LEU A 277 17.15 -1.78 -15.12
CA LEU A 277 17.95 -2.63 -14.24
C LEU A 277 19.31 -2.88 -14.85
N HIS A 278 19.38 -3.17 -16.15
CA HIS A 278 20.67 -3.41 -16.80
C HIS A 278 21.54 -2.17 -16.82
N ARG A 279 20.98 -1.06 -17.26
CA ARG A 279 21.84 0.13 -17.40
C ARG A 279 22.24 0.71 -16.04
N ARG A 280 21.37 0.68 -15.02
CA ARG A 280 21.70 1.23 -13.69
C ARG A 280 22.45 0.31 -12.69
N ALA A 281 22.24 -1.01 -12.75
CA ALA A 281 22.84 -1.89 -11.75
C ALA A 281 23.74 -2.98 -12.36
N TYR A 282 23.21 -3.78 -13.27
CA TYR A 282 23.98 -4.91 -13.82
C TYR A 282 25.22 -4.43 -14.59
N GLN A 283 25.14 -3.25 -15.19
CA GLN A 283 26.25 -2.68 -15.95
C GLN A 283 26.99 -1.57 -15.21
N HIS A 284 26.76 -1.47 -13.90
CA HIS A 284 27.37 -0.45 -13.09
C HIS A 284 28.88 -0.58 -13.15
N LYS A 285 29.57 0.54 -13.32
CA LYS A 285 30.99 0.50 -13.60
C LYS A 285 31.80 -0.01 -12.42
N VAL A 286 31.50 0.51 -11.24
CA VAL A 286 32.26 0.10 -10.06
C VAL A 286 31.88 -1.32 -9.69
N GLY A 287 30.59 -1.64 -9.82
CA GLY A 287 30.10 -2.96 -9.51
C GLY A 287 30.85 -4.00 -10.30
N ASN A 288 31.03 -3.75 -11.59
CA ASN A 288 31.75 -4.67 -12.43
C ASN A 288 33.26 -4.72 -12.14
N ILE A 289 33.86 -3.57 -11.85
CA ILE A 289 35.28 -3.50 -11.49
C ILE A 289 35.48 -4.39 -10.27
N ILE A 290 34.55 -4.32 -9.32
CA ILE A 290 34.69 -5.14 -8.13
C ILE A 290 34.55 -6.63 -8.48
N ASP A 291 33.62 -7.01 -9.37
CA ASP A 291 33.53 -8.42 -9.76
C ASP A 291 34.85 -8.92 -10.33
N THR A 292 35.52 -8.10 -11.12
CA THR A 292 36.80 -8.51 -11.68
C THR A 292 37.90 -8.49 -10.63
N MET A 293 37.78 -7.68 -9.57
CA MET A 293 38.79 -7.75 -8.50
C MET A 293 38.69 -9.06 -7.74
N ILE A 294 37.47 -9.47 -7.42
CA ILE A 294 37.19 -10.74 -6.76
C ILE A 294 37.67 -11.93 -7.61
N THR A 295 37.44 -11.83 -8.91
CA THR A 295 37.89 -12.85 -9.83
C THR A 295 39.40 -12.99 -9.79
N ASP A 296 40.11 -11.87 -9.77
CA ASP A 296 41.58 -11.86 -9.75
C ASP A 296 42.09 -12.57 -8.50
N ALA A 297 41.40 -12.32 -7.40
CA ALA A 297 41.72 -12.94 -6.12
C ALA A 297 41.54 -14.46 -6.17
N PHE A 298 40.47 -14.92 -6.81
CA PHE A 298 40.20 -16.35 -6.87
C PHE A 298 41.28 -17.04 -7.67
N LEU A 299 41.68 -16.40 -8.75
CA LEU A 299 42.72 -16.91 -9.63
C LEU A 299 44.05 -17.05 -8.89
N LYS A 300 44.36 -16.08 -8.03
CA LYS A 300 45.58 -16.12 -7.25
C LYS A 300 45.50 -17.08 -6.06
N ALA A 301 44.31 -17.63 -5.82
CA ALA A 301 44.10 -18.52 -4.70
C ALA A 301 43.77 -19.92 -5.17
N ASP A 302 43.56 -20.06 -6.48
CA ASP A 302 43.08 -21.31 -7.05
C ASP A 302 44.04 -22.47 -6.77
N ASP A 303 45.33 -22.21 -6.91
CA ASP A 303 46.37 -23.23 -6.74
C ASP A 303 46.46 -23.80 -5.34
N TYR A 304 46.09 -23.02 -4.34
CA TYR A 304 46.39 -23.36 -2.95
C TYR A 304 45.20 -23.79 -2.09
N ILE A 305 43.97 -23.53 -2.55
CA ILE A 305 42.79 -23.93 -1.79
C ILE A 305 42.27 -25.31 -2.15
N GLU A 306 42.00 -26.11 -1.13
CA GLU A 306 41.54 -27.47 -1.31
C GLU A 306 40.09 -27.57 -0.84
N ILE A 307 39.24 -28.07 -1.73
CA ILE A 307 37.85 -28.37 -1.43
C ILE A 307 37.69 -29.87 -1.46
N THR A 308 37.20 -30.43 -0.36
CA THR A 308 37.15 -31.88 -0.24
C THR A 308 35.95 -32.43 -1.01
N GLY A 309 36.19 -33.23 -2.03
CA GLY A 309 35.08 -33.71 -2.82
C GLY A 309 34.63 -35.10 -2.41
N ALA A 310 33.93 -35.77 -3.31
CA ALA A 310 33.45 -37.10 -3.03
C ALA A 310 34.63 -38.04 -2.86
N GLY A 311 34.50 -39.00 -1.94
CA GLY A 311 35.51 -40.02 -1.79
C GLY A 311 36.86 -39.50 -1.36
N GLY A 312 36.89 -38.32 -0.73
CA GLY A 312 38.13 -37.75 -0.23
C GLY A 312 39.00 -37.15 -1.31
N LYS A 313 38.62 -37.37 -2.57
CA LYS A 313 39.30 -36.78 -3.72
C LYS A 313 39.37 -35.28 -3.44
N LYS A 314 40.47 -34.63 -3.79
CA LYS A 314 40.50 -33.22 -3.48
C LYS A 314 40.52 -32.30 -4.71
N TYR A 315 39.84 -31.16 -4.60
CA TYR A 315 39.60 -30.29 -5.74
C TYR A 315 40.02 -28.84 -5.50
N ARG A 316 40.19 -28.11 -6.60
CA ARG A 316 40.49 -26.69 -6.57
C ARG A 316 39.20 -25.90 -6.79
N ILE A 317 39.24 -24.59 -6.57
CA ILE A 317 38.05 -23.79 -6.79
C ILE A 317 37.58 -24.00 -8.22
N SER A 318 38.51 -23.97 -9.16
CA SER A 318 38.17 -24.05 -10.58
C SER A 318 37.77 -25.44 -11.10
N THR A 319 38.18 -26.48 -10.37
CA THR A 319 37.92 -27.85 -10.77
C THR A 319 36.83 -28.49 -9.91
N ALA A 320 36.35 -27.76 -8.90
CA ALA A 320 35.27 -28.28 -8.07
C ALA A 320 33.99 -28.50 -8.87
N ILE A 321 33.88 -27.84 -10.02
CA ILE A 321 32.71 -28.00 -10.87
C ILE A 321 32.66 -29.39 -11.45
N ASP A 322 33.76 -30.12 -11.34
CA ASP A 322 33.84 -31.45 -11.93
C ASP A 322 33.15 -32.48 -11.03
N ASP A 323 33.07 -32.17 -9.73
CA ASP A 323 32.38 -33.04 -8.77
C ASP A 323 31.32 -32.32 -7.91
N MET A 324 30.08 -32.79 -7.98
CA MET A 324 28.97 -32.11 -7.30
C MET A 324 29.02 -32.14 -5.75
N GLU A 325 29.64 -33.17 -5.18
CA GLU A 325 29.77 -33.24 -3.72
C GLU A 325 30.68 -32.13 -3.22
N ALA A 326 31.72 -31.85 -3.98
CA ALA A 326 32.61 -30.76 -3.68
C ALA A 326 31.92 -29.42 -3.92
N TYR A 327 31.16 -29.34 -5.01
CA TYR A 327 30.53 -28.10 -5.46
C TYR A 327 29.49 -27.58 -4.46
N THR A 328 28.89 -28.51 -3.71
CA THR A 328 27.92 -28.17 -2.67
C THR A 328 28.60 -27.26 -1.64
N LYS A 329 29.88 -27.48 -1.42
CA LYS A 329 30.66 -26.77 -0.43
C LYS A 329 31.38 -25.56 -1.01
N LEU A 330 31.02 -25.21 -2.23
CA LEU A 330 31.59 -24.03 -2.87
C LEU A 330 30.55 -22.92 -2.98
N THR A 331 30.65 -21.94 -2.11
CA THR A 331 29.75 -20.80 -2.06
C THR A 331 30.52 -19.50 -1.87
N ASP A 332 29.80 -18.42 -1.56
CA ASP A 332 30.42 -17.09 -1.42
C ASP A 332 31.42 -17.07 -0.27
N ASN A 333 31.32 -18.08 0.60
CA ASN A 333 32.19 -18.21 1.75
C ASN A 333 33.64 -18.29 1.36
N ILE A 334 33.91 -18.70 0.12
CA ILE A 334 35.28 -18.87 -0.34
C ILE A 334 35.99 -17.51 -0.36
N PHE A 335 35.20 -16.43 -0.38
CA PHE A 335 35.70 -15.06 -0.29
C PHE A 335 36.31 -14.79 1.08
N LEU A 336 35.57 -15.13 2.13
CA LEU A 336 36.05 -14.85 3.49
C LEU A 336 37.13 -15.83 3.87
N GLU A 337 37.09 -17.03 3.29
CA GLU A 337 38.16 -17.96 3.59
C GLU A 337 39.49 -17.36 3.17
N ILE A 338 39.52 -16.75 2.00
CA ILE A 338 40.74 -16.13 1.53
C ILE A 338 41.09 -14.94 2.38
N LEU A 339 40.11 -14.06 2.60
CA LEU A 339 40.34 -12.81 3.33
C LEU A 339 40.88 -13.01 4.76
N TYR A 340 40.41 -14.08 5.40
CA TYR A 340 40.70 -14.34 6.81
C TYR A 340 41.91 -15.28 6.98
N SER A 341 42.48 -15.74 5.87
CA SER A 341 43.55 -16.73 5.90
C SER A 341 44.89 -16.22 6.50
N THR A 342 45.66 -17.14 7.08
CA THR A 342 46.94 -16.80 7.70
C THR A 342 48.11 -17.29 6.84
N ASP A 343 47.82 -18.29 6.00
CA ASP A 343 48.75 -18.85 5.03
C ASP A 343 49.49 -17.81 4.17
N PRO A 344 50.83 -17.92 4.09
CA PRO A 344 51.57 -17.05 3.19
C PRO A 344 51.47 -17.38 1.67
N LYS A 345 51.14 -18.62 1.27
CA LYS A 345 50.92 -18.90 -0.16
C LYS A 345 49.74 -18.08 -0.66
N LEU A 346 48.81 -17.77 0.24
CA LEU A 346 47.62 -17.02 -0.09
C LEU A 346 47.75 -15.50 0.06
N LYS A 347 48.95 -15.00 0.38
CA LYS A 347 49.07 -13.55 0.62
C LYS A 347 48.69 -12.70 -0.59
N ASP A 348 49.04 -13.18 -1.79
CA ASP A 348 48.76 -12.44 -3.02
C ASP A 348 47.26 -12.22 -3.22
N ALA A 349 46.48 -13.27 -2.95
CA ALA A 349 45.02 -13.22 -3.04
C ALA A 349 44.39 -12.34 -1.95
N ARG A 350 44.82 -12.56 -0.71
CA ARG A 350 44.31 -11.84 0.42
C ARG A 350 44.44 -10.32 0.27
N GLU A 351 45.50 -9.88 -0.41
CA GLU A 351 45.74 -8.45 -0.51
C GLU A 351 44.78 -7.76 -1.47
N ILE A 352 44.37 -8.48 -2.51
CA ILE A 352 43.42 -7.94 -3.46
C ILE A 352 42.07 -7.79 -2.76
N LEU A 353 41.71 -8.78 -1.96
CA LEU A 353 40.47 -8.73 -1.21
C LEU A 353 40.51 -7.61 -0.14
N LYS A 354 41.67 -7.43 0.52
CA LYS A 354 41.80 -6.30 1.45
C LYS A 354 41.67 -4.96 0.73
N GLN A 355 42.08 -4.93 -0.55
CA GLN A 355 41.90 -3.72 -1.35
C GLN A 355 40.44 -3.33 -1.50
N ILE A 356 39.58 -4.33 -1.64
CA ILE A 356 38.15 -4.08 -1.73
C ILE A 356 37.64 -3.45 -0.45
N GLU A 357 38.12 -3.93 0.69
CA GLU A 357 37.71 -3.40 2.00
C GLU A 357 38.17 -1.95 2.22
N TYR A 358 39.39 -1.62 1.82
CA TYR A 358 39.89 -0.26 1.95
C TYR A 358 39.40 0.62 0.78
N ARG A 359 38.76 -0.02 -0.20
CA ARG A 359 38.22 0.65 -1.40
C ARG A 359 39.34 1.29 -2.22
N ASN A 360 40.47 0.58 -2.33
CA ASN A 360 41.50 0.92 -3.31
C ASN A 360 41.25 -0.02 -4.47
N LEU A 361 40.35 0.40 -5.34
CA LEU A 361 39.87 -0.49 -6.38
C LEU A 361 40.67 -0.23 -7.67
N PHE A 362 40.57 -1.14 -8.65
CA PHE A 362 41.14 -0.89 -9.96
C PHE A 362 40.50 0.38 -10.47
N LYS A 363 41.19 1.09 -11.37
CA LYS A 363 40.60 2.29 -11.98
C LYS A 363 40.07 2.03 -13.38
N TYR A 364 38.94 2.65 -13.67
CA TYR A 364 38.29 2.53 -14.95
C TYR A 364 39.01 3.40 -15.98
N VAL A 365 39.48 2.78 -17.05
CA VAL A 365 40.22 3.48 -18.08
C VAL A 365 39.34 3.86 -19.25
N GLY A 366 38.53 2.92 -19.75
CA GLY A 366 37.63 3.22 -20.86
C GLY A 366 36.70 2.08 -21.25
N GLU A 367 35.81 2.37 -22.19
CA GLU A 367 34.83 1.38 -22.65
C GLU A 367 34.83 1.42 -24.14
N THR A 368 34.58 0.28 -24.77
CA THR A 368 34.45 0.20 -26.23
C THR A 368 33.49 -0.90 -26.69
N GLN A 369 33.05 -0.84 -27.94
CA GLN A 369 32.20 -1.89 -28.46
C GLN A 369 32.80 -2.43 -29.77
N PRO A 370 32.61 -3.74 -30.02
CA PRO A 370 33.00 -4.40 -31.26
C PRO A 370 31.95 -4.27 -32.35
N THR A 371 31.52 -3.05 -32.67
CA THR A 371 30.48 -2.86 -33.68
C THR A 371 30.91 -3.43 -35.02
N GLY A 372 29.96 -4.04 -35.72
CA GLY A 372 30.24 -4.84 -36.90
C GLY A 372 31.52 -5.68 -36.94
N GLN A 373 32.06 -6.00 -35.78
CA GLN A 373 33.27 -6.81 -35.74
C GLN A 373 32.92 -8.17 -35.12
N ILE A 374 33.75 -9.19 -35.31
CA ILE A 374 33.46 -10.48 -34.69
C ILE A 374 33.70 -10.27 -33.20
N LYS A 375 32.80 -10.80 -32.40
CA LYS A 375 32.75 -10.51 -30.98
C LYS A 375 33.75 -11.38 -30.26
N ILE A 376 34.24 -10.92 -29.11
CA ILE A 376 35.19 -11.69 -28.31
C ILE A 376 34.57 -12.92 -27.64
N LYS A 377 35.28 -14.04 -27.71
CA LYS A 377 34.78 -15.31 -27.22
C LYS A 377 35.45 -15.64 -25.89
N ARG A 378 34.73 -16.39 -25.03
CA ARG A 378 35.22 -16.78 -23.71
C ARG A 378 36.61 -17.42 -23.76
N GLU A 379 36.89 -18.15 -24.84
CA GLU A 379 38.17 -18.82 -25.02
C GLU A 379 39.33 -17.84 -25.24
N ASP A 380 39.00 -16.58 -25.52
CA ASP A 380 40.00 -15.55 -25.79
C ASP A 380 40.16 -14.53 -24.68
N TYR A 381 39.43 -14.72 -23.59
CA TYR A 381 39.49 -13.77 -22.50
C TYR A 381 40.92 -13.62 -21.94
N GLU A 382 41.58 -14.74 -21.66
CA GLU A 382 42.89 -14.73 -21.01
C GLU A 382 43.94 -13.94 -21.79
N SER A 383 43.84 -13.96 -23.12
CA SER A 383 44.82 -13.32 -23.98
C SER A 383 44.76 -11.79 -23.96
N LEU A 384 43.56 -11.26 -23.74
CA LEU A 384 43.30 -9.83 -23.96
C LEU A 384 44.19 -8.82 -23.22
N PRO A 385 44.51 -9.07 -21.93
CA PRO A 385 45.39 -8.08 -21.27
C PRO A 385 46.80 -8.06 -21.85
N LYS A 386 47.29 -9.16 -22.39
CA LYS A 386 48.58 -9.14 -23.06
C LYS A 386 48.45 -8.28 -24.32
N GLU A 387 47.33 -8.43 -25.03
CA GLU A 387 47.06 -7.65 -26.24
C GLU A 387 47.05 -6.16 -25.96
N VAL A 388 46.45 -5.75 -24.84
CA VAL A 388 46.37 -4.34 -24.54
C VAL A 388 47.74 -3.79 -24.17
N ALA A 389 48.50 -4.54 -23.39
CA ALA A 389 49.85 -4.11 -23.01
C ALA A 389 50.79 -4.15 -24.21
N SER A 390 50.44 -4.94 -25.21
CA SER A 390 51.30 -5.12 -26.36
C SER A 390 51.02 -4.08 -27.43
N ALA A 391 49.96 -3.29 -27.24
CA ALA A 391 49.69 -2.21 -28.18
C ALA A 391 50.74 -1.14 -27.96
N LYS A 392 51.18 -0.54 -29.03
CA LYS A 392 52.16 0.53 -28.91
C LYS A 392 51.48 1.83 -29.25
N PRO A 393 51.21 2.62 -28.21
CA PRO A 393 50.26 3.71 -28.30
C PRO A 393 50.86 4.92 -28.99
N LYS A 394 52.07 4.79 -29.53
CA LYS A 394 52.99 5.91 -29.65
C LYS A 394 52.31 7.10 -30.38
N VAL A 395 52.21 8.31 -29.79
CA VAL A 395 53.12 8.90 -28.79
C VAL A 395 53.58 7.97 -27.66
N LEU A 396 54.90 7.81 -27.51
CA LEU A 396 55.43 6.92 -26.51
C LEU A 396 55.27 7.73 -25.25
N LEU A 397 55.15 7.02 -24.14
CA LEU A 397 54.83 7.71 -22.93
C LEU A 397 55.90 7.41 -21.94
N ASP A 398 55.77 8.10 -20.83
CA ASP A 398 56.75 8.09 -19.76
C ASP A 398 56.91 6.76 -19.00
N VAL A 399 55.85 5.97 -18.85
CA VAL A 399 55.98 4.65 -18.20
C VAL A 399 55.47 3.53 -19.09
N LYS A 400 56.03 2.34 -18.97
CA LYS A 400 55.50 1.25 -19.75
C LYS A 400 54.88 0.22 -18.83
N LEU A 401 53.70 -0.26 -19.22
CA LEU A 401 52.85 -1.06 -18.35
C LEU A 401 52.84 -2.48 -18.85
N LYS A 402 53.01 -3.46 -17.96
CA LYS A 402 52.91 -4.86 -18.35
C LYS A 402 51.47 -5.31 -18.36
N ALA A 403 51.22 -6.50 -18.89
CA ALA A 403 49.87 -7.03 -19.06
C ALA A 403 49.19 -7.33 -17.72
N GLU A 404 50.00 -7.65 -16.72
CA GLU A 404 49.49 -7.89 -15.39
C GLU A 404 48.92 -6.59 -14.81
N ASP A 405 49.18 -5.45 -15.44
CA ASP A 405 48.67 -4.20 -14.88
C ASP A 405 47.32 -3.83 -15.46
N PHE A 406 46.84 -4.64 -16.40
CA PHE A 406 45.54 -4.42 -17.06
C PHE A 406 44.45 -5.45 -16.74
N ILE A 407 43.24 -4.96 -16.62
CA ILE A 407 42.06 -5.81 -16.57
C ILE A 407 41.17 -5.45 -17.75
N VAL A 408 40.81 -6.42 -18.57
CA VAL A 408 39.86 -6.14 -19.65
C VAL A 408 38.58 -6.95 -19.44
N ASP A 409 37.47 -6.25 -19.34
CA ASP A 409 36.22 -6.83 -18.93
C ASP A 409 35.22 -6.87 -20.08
N VAL A 410 34.70 -8.07 -20.36
CA VAL A 410 33.79 -8.24 -21.49
C VAL A 410 32.38 -8.50 -21.01
N ILE A 411 31.53 -7.51 -21.18
CA ILE A 411 30.15 -7.53 -20.69
C ILE A 411 29.11 -7.83 -21.77
N ASN A 412 28.40 -8.95 -21.64
CA ASN A 412 27.40 -9.32 -22.65
C ASN A 412 25.98 -9.12 -22.16
N MET A 413 25.13 -8.65 -23.06
CA MET A 413 23.71 -8.52 -22.80
C MET A 413 22.92 -9.71 -23.36
N ILE A 423 9.72 -7.41 -28.63
CA ILE A 423 8.35 -6.98 -28.87
C ILE A 423 7.72 -7.84 -30.02
N ASP A 424 8.53 -8.09 -31.07
CA ASP A 424 8.35 -9.19 -32.01
C ASP A 424 8.86 -10.24 -31.09
N HIS A 425 8.19 -11.41 -30.93
CA HIS A 425 8.59 -12.55 -30.09
C HIS A 425 7.40 -12.93 -29.25
N VAL A 426 6.52 -11.97 -29.09
CA VAL A 426 5.29 -12.16 -28.33
C VAL A 426 4.01 -12.20 -29.12
N SER A 427 3.21 -13.19 -28.75
CA SER A 427 1.95 -13.40 -29.39
C SER A 427 0.87 -12.75 -28.54
N PHE A 428 -0.08 -12.12 -29.21
CA PHE A 428 -1.20 -11.53 -28.54
C PHE A 428 -2.47 -12.22 -28.98
N TYR A 429 -3.56 -11.93 -28.28
CA TYR A 429 -4.83 -12.50 -28.65
C TYR A 429 -5.98 -11.52 -28.34
N CYS A 430 -7.06 -11.67 -29.09
CA CYS A 430 -8.27 -10.87 -28.97
C CYS A 430 -9.20 -11.77 -28.20
N LYS A 431 -10.02 -11.28 -27.29
CA LYS A 431 -10.82 -12.25 -26.55
C LYS A 431 -12.14 -12.54 -27.26
N THR A 432 -12.42 -11.81 -28.34
CA THR A 432 -13.45 -12.26 -29.31
C THR A 432 -12.95 -13.47 -30.11
N ALA A 433 -11.63 -13.58 -30.30
CA ALA A 433 -11.05 -14.70 -31.05
C ALA A 433 -9.94 -15.35 -30.27
N PRO A 434 -10.30 -16.00 -29.15
CA PRO A 434 -9.39 -16.45 -28.10
C PRO A 434 -8.31 -17.45 -28.52
N ASN A 435 -8.56 -18.33 -29.48
CA ASN A 435 -7.55 -19.36 -29.70
C ASN A 435 -6.54 -19.16 -30.81
N ARG A 436 -6.35 -17.93 -31.27
CA ARG A 436 -5.29 -17.73 -32.25
C ARG A 436 -4.75 -16.31 -32.27
N ALA A 437 -3.44 -16.22 -32.51
CA ALA A 437 -2.69 -14.98 -32.44
C ALA A 437 -3.08 -13.92 -33.44
N ILE A 438 -2.73 -12.69 -33.10
CA ILE A 438 -2.99 -11.48 -33.86
C ILE A 438 -1.77 -11.08 -34.71
N GLU A 455 24.26 -7.19 -27.68
CA GLU A 455 25.45 -6.37 -27.65
C GLU A 455 26.61 -7.02 -26.90
N GLN A 456 27.78 -6.38 -27.02
CA GLN A 456 28.96 -6.71 -26.23
C GLN A 456 29.59 -5.38 -25.80
N LEU A 457 30.00 -5.30 -24.55
CA LEU A 457 30.79 -4.19 -24.04
C LEU A 457 32.16 -4.69 -23.69
N ILE A 458 33.16 -3.88 -23.97
CA ILE A 458 34.51 -4.21 -23.58
C ILE A 458 35.04 -3.07 -22.75
N ARG A 459 35.34 -3.35 -21.49
CA ARG A 459 35.93 -2.31 -20.65
C ARG A 459 37.34 -2.67 -20.27
N VAL A 460 38.18 -1.67 -20.07
CA VAL A 460 39.53 -1.90 -19.62
C VAL A 460 39.75 -1.13 -18.33
N TYR A 461 40.34 -1.80 -17.35
CA TYR A 461 40.68 -1.22 -16.05
C TYR A 461 42.20 -1.28 -15.84
N CYS A 462 42.78 -0.32 -15.14
CA CYS A 462 44.21 -0.42 -14.79
C CYS A 462 44.38 -0.60 -13.28
N LYS A 463 45.29 -1.50 -12.90
CA LYS A 463 45.58 -1.77 -11.47
C LYS A 463 46.52 -0.74 -10.85
N LYS A 464 47.26 -0.01 -11.68
CA LYS A 464 48.13 1.04 -11.19
C LYS A 464 47.33 2.33 -11.18
N VAL A 465 47.37 3.08 -10.08
CA VAL A 465 46.43 4.18 -9.94
C VAL A 465 47.05 5.58 -10.01
N ASP A 466 48.38 5.66 -10.09
CA ASP A 466 49.05 6.94 -10.27
N ARG A 467 48.61 8.93 -11.53
CA ARG A 467 48.15 9.69 -12.66
C ARG A 467 49.03 9.50 -13.88
N LYS A 468 50.27 9.10 -13.67
CA LYS A 468 51.10 8.80 -14.82
C LYS A 468 50.80 7.40 -15.33
N SER A 469 50.48 6.46 -14.44
CA SER A 469 50.00 5.15 -14.88
C SER A 469 48.66 5.23 -15.59
N LEU A 470 47.73 5.98 -15.01
CA LEU A 470 46.40 6.08 -15.56
C LEU A 470 46.38 6.75 -16.94
N TYR A 471 47.27 7.70 -17.13
CA TYR A 471 47.38 8.34 -18.43
C TYR A 471 47.90 7.37 -19.47
N ALA A 472 48.97 6.69 -19.12
CA ALA A 472 49.59 5.69 -19.99
C ALA A 472 48.57 4.64 -20.40
N ALA A 473 47.83 4.14 -19.41
CA ALA A 473 46.78 3.15 -19.61
C ALA A 473 45.74 3.56 -20.66
N ARG A 474 45.37 4.84 -20.66
CA ARG A 474 44.39 5.34 -21.61
C ARG A 474 44.93 5.22 -23.00
N GLN A 475 46.24 5.40 -23.17
CA GLN A 475 46.84 5.36 -24.49
C GLN A 475 46.96 3.98 -25.07
N TYR A 476 47.47 3.04 -24.27
CA TYR A 476 47.44 1.63 -24.62
C TYR A 476 46.05 1.18 -25.06
N PHE A 477 45.03 1.67 -24.37
CA PHE A 477 43.65 1.27 -24.63
C PHE A 477 43.08 1.84 -25.92
N VAL A 478 43.24 3.15 -26.10
CA VAL A 478 42.75 3.79 -27.32
C VAL A 478 43.42 3.20 -28.54
N GLN A 479 44.66 2.77 -28.37
CA GLN A 479 45.43 2.20 -29.45
C GLN A 479 44.99 0.76 -29.73
N TRP A 480 44.62 0.04 -28.67
CA TRP A 480 44.10 -1.30 -28.79
C TRP A 480 42.78 -1.32 -29.53
N CYS A 481 41.94 -0.31 -29.29
CA CYS A 481 40.68 -0.19 -30.04
C CYS A 481 40.93 -0.02 -31.55
N ALA A 482 41.92 0.81 -31.90
CA ALA A 482 42.28 1.07 -33.29
C ALA A 482 42.79 -0.20 -33.97
N ASP A 483 43.70 -0.90 -33.31
CA ASP A 483 44.31 -2.10 -33.88
C ASP A 483 43.31 -3.22 -34.05
N ARG A 484 42.22 -3.10 -33.31
CA ARG A 484 41.21 -4.14 -33.23
C ARG A 484 39.88 -3.73 -33.87
N ASN A 485 39.87 -2.52 -34.43
CA ASN A 485 38.73 -2.00 -35.18
C ASN A 485 37.49 -1.86 -34.30
N PHE A 486 37.70 -1.62 -33.02
CA PHE A 486 36.59 -1.41 -32.11
C PHE A 486 36.27 0.08 -32.13
N THR A 487 35.11 0.46 -31.60
CA THR A 487 34.72 1.86 -31.62
C THR A 487 35.70 2.75 -30.86
N LYS A 488 35.76 4.02 -31.21
CA LYS A 488 36.69 4.92 -30.55
C LYS A 488 36.06 5.29 -29.21
N PRO A 489 36.85 5.19 -28.13
CA PRO A 489 36.48 5.42 -26.73
C PRO A 489 36.02 6.86 -26.55
N GLN A 490 34.89 7.09 -25.91
CA GLN A 490 34.33 8.44 -25.81
C GLN A 490 35.04 9.37 -24.80
N MET B 23 31.80 13.98 -1.17
CA MET B 23 30.41 13.75 -0.79
C MET B 23 29.81 12.58 -1.60
N LYS B 24 30.10 11.31 -1.23
CA LYS B 24 29.56 10.13 -1.92
C LYS B 24 28.06 10.02 -1.69
N VAL B 25 27.34 9.62 -2.72
CA VAL B 25 25.92 9.40 -2.56
C VAL B 25 25.56 7.93 -2.82
N ILE B 26 24.82 7.33 -1.87
CA ILE B 26 24.48 5.90 -1.89
C ILE B 26 22.99 5.61 -2.05
N ASN B 27 22.64 4.71 -2.96
CA ASN B 27 21.24 4.36 -3.11
C ASN B 27 20.85 3.30 -2.07
N ASP B 28 19.74 3.54 -1.37
CA ASP B 28 19.24 2.67 -0.30
C ASP B 28 17.77 2.36 -0.48
N PRO B 29 17.39 1.10 -0.25
CA PRO B 29 15.99 0.77 -0.52
C PRO B 29 15.00 1.47 0.41
N ILE B 30 15.45 1.91 1.57
CA ILE B 30 14.50 2.50 2.51
C ILE B 30 14.55 4.01 2.48
N HIS B 31 15.75 4.57 2.55
CA HIS B 31 15.87 6.00 2.69
C HIS B 31 16.10 6.71 1.35
N GLY B 32 16.23 5.94 0.27
CA GLY B 32 16.49 6.49 -1.04
C GLY B 32 17.94 6.86 -1.19
N HIS B 33 18.21 8.13 -1.52
CA HIS B 33 19.60 8.58 -1.62
C HIS B 33 20.15 9.11 -0.30
N ILE B 34 21.31 8.60 0.05
CA ILE B 34 22.03 8.99 1.25
C ILE B 34 23.32 9.68 0.84
N GLU B 35 23.46 10.96 1.22
CA GLU B 35 24.73 11.62 1.00
C GLU B 35 25.60 11.42 2.24
N LEU B 36 26.86 11.12 2.00
CA LEU B 36 27.81 10.84 3.05
C LEU B 36 29.00 11.76 2.98
N HIS B 37 29.20 12.52 4.04
CA HIS B 37 30.36 13.40 4.20
C HIS B 37 31.63 12.57 4.10
N PRO B 38 32.66 13.10 3.41
CA PRO B 38 33.96 12.44 3.18
C PRO B 38 34.58 11.85 4.41
N LEU B 39 34.39 12.47 5.58
CA LEU B 39 34.90 11.93 6.83
C LEU B 39 34.25 10.60 7.17
N LEU B 40 32.94 10.53 6.98
CA LEU B 40 32.20 9.29 7.20
C LEU B 40 32.68 8.20 6.23
N VAL B 41 32.80 8.55 4.95
CA VAL B 41 33.36 7.65 3.93
C VAL B 41 34.72 7.15 4.35
N ARG B 42 35.47 8.01 5.00
CA ARG B 42 36.78 7.60 5.45
C ARG B 42 36.64 6.49 6.50
N ILE B 43 35.65 6.59 7.39
CA ILE B 43 35.42 5.58 8.44
C ILE B 43 34.86 4.26 7.93
N ILE B 44 33.93 4.35 6.99
CA ILE B 44 33.30 3.18 6.41
C ILE B 44 34.31 2.30 5.70
N ASP B 45 35.20 2.92 4.94
CA ASP B 45 36.11 2.14 4.11
C ASP B 45 37.27 1.54 4.91
N THR B 46 36.92 0.77 5.94
CA THR B 46 37.90 0.10 6.80
C THR B 46 37.46 -1.33 7.04
N PRO B 47 38.40 -2.22 7.36
CA PRO B 47 38.04 -3.62 7.65
C PRO B 47 37.07 -3.73 8.80
N GLN B 48 37.25 -2.87 9.79
CA GLN B 48 36.49 -2.89 11.02
C GLN B 48 35.04 -2.47 10.83
N PHE B 49 34.72 -1.75 9.75
CA PHE B 49 33.35 -1.39 9.45
C PHE B 49 32.73 -2.36 8.46
N GLN B 50 33.49 -2.66 7.40
CA GLN B 50 33.03 -3.55 6.31
C GLN B 50 32.70 -4.93 6.86
N ARG B 51 33.29 -5.21 8.00
CA ARG B 51 32.97 -6.39 8.76
C ARG B 51 31.46 -6.60 8.86
N LEU B 52 30.71 -5.51 9.01
CA LEU B 52 29.28 -5.58 9.23
C LEU B 52 28.54 -6.07 8.00
N ARG B 53 29.22 -6.18 6.86
CA ARG B 53 28.59 -6.73 5.66
C ARG B 53 28.37 -8.24 5.82
N TYR B 54 29.01 -8.85 6.84
CA TYR B 54 29.03 -10.30 7.02
C TYR B 54 28.32 -10.74 8.27
N ILE B 55 27.44 -9.89 8.78
CA ILE B 55 26.66 -10.18 9.98
C ILE B 55 25.20 -9.92 9.71
N LYS B 56 24.41 -11.00 9.68
CA LYS B 56 22.97 -10.92 9.40
C LYS B 56 22.26 -10.17 10.51
N GLN B 57 21.34 -9.28 10.10
CA GLN B 57 20.56 -8.49 11.03
C GLN B 57 19.58 -9.31 11.87
N LEU B 58 18.82 -10.19 11.26
CA LEU B 58 17.89 -11.00 12.00
C LEU B 58 18.45 -12.39 12.27
N GLY B 59 19.76 -12.55 12.12
CA GLY B 59 20.43 -13.80 12.47
C GLY B 59 19.71 -15.02 11.93
N GLY B 60 19.39 -15.96 12.82
CA GLY B 60 18.66 -17.17 12.49
C GLY B 60 17.23 -16.93 12.02
N GLY B 61 16.81 -15.69 11.99
CA GLY B 61 15.50 -15.35 11.45
C GLY B 61 15.39 -15.64 9.97
N TYR B 62 16.51 -15.48 9.27
CA TYR B 62 16.59 -15.75 7.83
C TYR B 62 16.12 -17.18 7.49
N TYR B 63 16.23 -18.12 8.42
CA TYR B 63 15.85 -19.51 8.15
C TYR B 63 14.32 -19.75 8.27
N VAL B 64 13.57 -18.66 8.53
CA VAL B 64 12.10 -18.61 8.60
C VAL B 64 11.48 -17.54 7.68
N PHE B 65 12.19 -16.42 7.54
CA PHE B 65 11.78 -15.34 6.63
C PHE B 65 12.84 -15.11 5.60
N PRO B 66 12.68 -15.70 4.40
CA PRO B 66 13.77 -15.64 3.41
C PRO B 66 14.06 -14.22 2.90
N GLY B 67 13.10 -13.32 3.08
CA GLY B 67 13.34 -11.96 2.62
C GLY B 67 14.32 -11.24 3.53
N ALA B 68 14.63 -11.84 4.68
CA ALA B 68 15.47 -11.23 5.69
C ALA B 68 16.93 -11.51 5.47
N SER B 69 17.43 -11.13 4.30
CA SER B 69 18.81 -11.44 3.92
C SER B 69 19.78 -10.32 4.32
N HIS B 70 19.23 -9.25 4.90
CA HIS B 70 19.99 -8.01 5.12
C HIS B 70 20.98 -8.01 6.31
N ASN B 71 22.03 -7.20 6.18
CA ASN B 71 23.09 -7.20 7.19
C ASN B 71 23.19 -5.93 8.05
N ALA B 72 24.04 -6.01 9.08
CA ALA B 72 24.23 -4.92 10.04
C ALA B 72 24.77 -3.68 9.34
N PHE B 73 25.54 -3.89 8.26
CA PHE B 73 26.15 -2.86 7.44
C PHE B 73 25.13 -1.85 6.87
N GLU B 74 24.13 -2.30 6.11
CA GLU B 74 23.18 -1.32 5.55
C GLU B 74 22.33 -0.63 6.64
N HIS B 75 22.03 -1.34 7.72
CA HIS B 75 21.29 -0.75 8.83
C HIS B 75 22.10 0.40 9.47
N SER B 76 23.40 0.17 9.69
CA SER B 76 24.25 1.20 10.29
C SER B 76 24.34 2.46 9.45
N LEU B 77 24.49 2.31 8.13
CA LEU B 77 24.47 3.47 7.23
C LEU B 77 23.16 4.19 7.37
N GLY B 78 22.09 3.44 7.55
CA GLY B 78 20.77 4.03 7.60
C GLY B 78 20.62 4.88 8.82
N VAL B 79 21.06 4.34 9.96
CA VAL B 79 21.01 5.00 11.27
C VAL B 79 21.87 6.23 11.29
N GLY B 80 23.05 6.12 10.68
CA GLY B 80 23.92 7.26 10.55
C GLY B 80 23.24 8.34 9.74
N TYR B 81 22.58 7.95 8.65
CA TYR B 81 21.90 8.91 7.80
C TYR B 81 20.77 9.62 8.54
N LEU B 82 19.93 8.85 9.22
CA LEU B 82 18.81 9.40 9.97
C LEU B 82 19.31 10.29 11.10
N ALA B 83 20.38 9.85 11.77
CA ALA B 83 21.00 10.65 12.86
C ALA B 83 21.36 12.04 12.37
N GLY B 84 21.96 12.10 11.19
CA GLY B 84 22.27 13.37 10.53
C GLY B 84 21.03 14.22 10.24
N CYS B 85 20.02 13.62 9.60
CA CYS B 85 18.80 14.33 9.23
C CYS B 85 18.12 14.94 10.45
N LEU B 86 18.13 14.21 11.56
CA LEU B 86 17.45 14.69 12.75
C LEU B 86 18.19 15.87 13.38
N VAL B 87 19.51 15.79 13.49
CA VAL B 87 20.30 16.85 14.16
C VAL B 87 20.39 18.13 13.31
N HIS B 88 20.53 17.97 12.00
CA HIS B 88 20.51 19.08 11.05
C HIS B 88 19.17 19.78 11.13
N ALA B 89 18.10 19.00 11.30
CA ALA B 89 16.78 19.58 11.41
C ALA B 89 16.65 20.44 12.65
N LEU B 90 17.03 19.91 13.80
CA LEU B 90 16.85 20.65 15.04
C LEU B 90 17.61 21.96 15.00
N GLY B 91 18.86 21.95 14.53
CA GLY B 91 19.67 23.15 14.47
C GLY B 91 19.14 24.30 13.61
N GLU B 92 18.56 23.97 12.47
CA GLU B 92 18.01 24.99 11.57
C GLU B 92 16.62 25.52 11.96
N LYS B 93 15.85 24.76 12.74
CA LYS B 93 14.57 25.28 13.21
C LYS B 93 14.69 25.93 14.59
N GLN B 94 15.82 25.71 15.25
CA GLN B 94 16.11 26.34 16.52
C GLN B 94 17.60 26.69 16.67
N PRO B 95 18.06 27.75 15.99
CA PRO B 95 19.48 28.18 15.98
C PRO B 95 20.07 28.57 17.34
N GLU B 96 19.24 28.87 18.34
CA GLU B 96 19.74 29.21 19.67
C GLU B 96 20.43 28.03 20.36
N LEU B 97 20.15 26.82 19.89
CA LEU B 97 20.70 25.60 20.48
C LEU B 97 22.20 25.40 20.28
N GLN B 98 22.79 26.20 19.40
CA GLN B 98 24.23 26.26 19.21
C GLN B 98 24.77 24.96 18.54
N ILE B 99 24.05 24.43 17.55
CA ILE B 99 24.48 23.16 16.95
C ILE B 99 25.46 23.35 15.78
N SER B 100 26.71 22.92 15.99
CA SER B 100 27.78 23.12 15.01
C SER B 100 27.77 22.01 14.01
N GLU B 101 28.55 22.17 12.93
CA GLU B 101 28.80 21.08 12.00
C GLU B 101 29.56 19.99 12.72
N ARG B 102 30.38 20.41 13.67
CA ARG B 102 31.15 19.48 14.46
C ARG B 102 30.21 18.57 15.22
N ASP B 103 29.10 19.12 15.73
CA ASP B 103 28.10 18.30 16.40
C ASP B 103 27.40 17.32 15.46
N VAL B 104 27.08 17.78 14.25
CA VAL B 104 26.42 16.93 13.27
C VAL B 104 27.27 15.72 12.86
N LEU B 105 28.56 15.95 12.61
CA LEU B 105 29.48 14.88 12.25
C LEU B 105 29.61 13.84 13.39
N CYS B 106 29.56 14.32 14.63
CA CYS B 106 29.67 13.43 15.79
C CYS B 106 28.41 12.61 16.00
N VAL B 107 27.26 13.20 15.69
CA VAL B 107 26.00 12.49 15.78
C VAL B 107 25.92 11.48 14.62
N GLN B 108 26.43 11.83 13.43
CA GLN B 108 26.42 10.90 12.31
C GLN B 108 27.32 9.70 12.60
N ILE B 109 28.53 9.95 13.09
CA ILE B 109 29.49 8.89 13.38
C ILE B 109 28.99 7.94 14.47
N ALA B 110 28.28 8.48 15.45
CA ALA B 110 27.70 7.66 16.51
C ALA B 110 26.59 6.72 15.95
N GLY B 111 25.76 7.20 15.03
CA GLY B 111 24.74 6.39 14.39
C GLY B 111 25.32 5.27 13.53
N LEU B 112 26.39 5.63 12.81
CA LEU B 112 27.14 4.72 11.97
C LEU B 112 27.82 3.59 12.74
N CYS B 113 28.42 3.90 13.90
CA CYS B 113 29.27 2.93 14.59
C CYS B 113 28.61 2.33 15.80
N HIS B 114 27.34 2.63 15.99
CA HIS B 114 26.63 2.17 17.16
C HIS B 114 26.52 0.63 17.25
N ASP B 115 26.52 -0.04 16.08
CA ASP B 115 26.40 -1.49 16.03
C ASP B 115 27.71 -2.15 15.57
N LEU B 116 28.81 -1.38 15.60
CA LEU B 116 30.14 -1.91 15.25
C LEU B 116 30.52 -3.16 16.02
N GLY B 117 29.96 -3.28 17.21
CA GLY B 117 30.31 -4.34 18.14
C GLY B 117 29.56 -5.64 18.01
N HIS B 118 28.67 -5.75 17.03
CA HIS B 118 27.91 -6.97 16.85
C HIS B 118 28.85 -8.14 16.59
N GLY B 119 28.44 -9.33 16.98
CA GLY B 119 29.19 -10.54 16.70
C GLY B 119 28.31 -11.36 15.78
N PRO B 120 28.69 -12.62 15.52
CA PRO B 120 27.95 -13.50 14.60
C PRO B 120 26.46 -13.59 14.92
N PHE B 121 25.61 -13.33 13.95
CA PHE B 121 24.15 -13.41 14.12
C PHE B 121 23.61 -12.41 15.17
N SER B 122 24.21 -11.22 15.20
CA SER B 122 23.71 -10.11 16.03
C SER B 122 23.50 -10.48 17.47
N HIS B 123 22.23 -10.36 17.86
CA HIS B 123 21.86 -10.38 19.27
C HIS B 123 22.00 -11.77 19.82
N MET B 124 22.14 -12.75 18.93
CA MET B 124 22.37 -14.11 19.35
C MET B 124 23.69 -14.21 20.13
N PHE B 125 24.68 -13.40 19.72
CA PHE B 125 26.03 -13.53 20.26
C PHE B 125 26.18 -12.97 21.70
N ASP B 126 25.64 -11.78 21.94
CA ASP B 126 25.77 -11.19 23.24
C ASP B 126 24.59 -11.54 24.13
N GLY B 127 23.48 -11.93 23.52
CA GLY B 127 22.26 -12.24 24.25
C GLY B 127 22.22 -13.64 24.82
N ARG B 128 22.81 -14.60 24.12
CA ARG B 128 22.78 -16.00 24.53
C ARG B 128 24.11 -16.73 24.49
N PHE B 129 24.87 -16.62 23.40
CA PHE B 129 26.13 -17.38 23.31
C PHE B 129 27.14 -17.00 24.34
N ILE B 130 27.52 -15.73 24.42
CA ILE B 130 28.52 -15.33 25.41
C ILE B 130 28.06 -15.64 26.87
N PRO B 131 26.78 -15.41 27.21
CA PRO B 131 26.33 -15.88 28.54
C PRO B 131 26.54 -17.38 28.81
N LEU B 132 26.23 -18.23 27.85
CA LEU B 132 26.38 -19.67 28.05
C LEU B 132 27.85 -20.09 28.09
N ALA B 133 28.71 -19.40 27.33
CA ALA B 133 30.11 -19.80 27.16
C ALA B 133 31.04 -19.21 28.23
N ARG B 134 30.75 -18.00 28.66
CA ARG B 134 31.55 -17.35 29.68
C ARG B 134 30.64 -16.53 30.59
N PRO B 135 29.92 -17.21 31.50
CA PRO B 135 28.88 -16.56 32.32
C PRO B 135 29.40 -15.50 33.25
N GLU B 136 30.65 -15.66 33.71
CA GLU B 136 31.40 -14.68 34.48
C GLU B 136 31.42 -13.24 33.92
N VAL B 137 31.41 -13.13 32.59
CA VAL B 137 31.87 -11.93 31.87
C VAL B 137 30.88 -10.75 31.59
N LYS B 138 31.42 -9.54 31.76
CA LYS B 138 30.86 -8.23 31.39
C LYS B 138 29.85 -8.06 30.25
N TRP B 139 30.02 -8.84 29.19
CA TRP B 139 29.89 -8.35 27.81
C TRP B 139 28.52 -7.90 27.28
N THR B 140 28.53 -6.75 26.62
CA THR B 140 27.41 -6.29 25.79
C THR B 140 27.95 -5.77 24.44
N HIS B 141 27.15 -5.81 23.37
CA HIS B 141 27.71 -5.41 22.11
C HIS B 141 27.98 -3.90 22.08
N GLU B 142 27.25 -3.14 22.90
CA GLU B 142 27.53 -1.69 23.03
C GLU B 142 28.93 -1.45 23.57
N GLN B 143 29.38 -2.26 24.52
CA GLN B 143 30.77 -2.19 24.94
C GLN B 143 31.66 -2.45 23.74
N GLY B 144 31.37 -3.52 23.02
CA GLY B 144 32.13 -3.90 21.83
C GLY B 144 32.18 -2.82 20.77
N SER B 145 31.05 -2.16 20.53
CA SER B 145 31.04 -1.10 19.52
C SER B 145 32.06 -0.01 19.85
N VAL B 146 32.17 0.33 21.13
CA VAL B 146 33.13 1.34 21.58
C VAL B 146 34.55 0.81 21.45
N MET B 147 34.78 -0.43 21.86
CA MET B 147 36.10 -1.04 21.69
C MET B 147 36.50 -1.10 20.23
N MET B 148 35.58 -1.50 19.36
CA MET B 148 35.87 -1.62 17.94
C MET B 148 36.11 -0.25 17.28
N PHE B 149 35.30 0.75 17.66
CA PHE B 149 35.43 2.12 17.16
C PHE B 149 36.80 2.70 17.51
N GLU B 150 37.28 2.40 18.72
CA GLU B 150 38.59 2.84 19.13
C GLU B 150 39.62 2.12 18.28
N HIS B 151 39.52 0.80 18.20
CA HIS B 151 40.40 0.01 17.35
C HIS B 151 40.34 0.54 15.93
N LEU B 152 39.15 0.94 15.48
CA LEU B 152 39.00 1.39 14.11
C LEU B 152 39.85 2.62 13.86
N ILE B 153 39.58 3.71 14.58
CA ILE B 153 40.24 4.96 14.27
C ILE B 153 41.77 4.91 14.49
N ASN B 154 42.23 4.03 15.37
CA ASN B 154 43.67 3.94 15.59
C ASN B 154 44.39 3.22 14.47
N SER B 155 43.78 2.14 13.99
CA SER B 155 44.36 1.31 12.93
C SER B 155 44.38 2.01 11.58
N ASN B 156 43.50 2.97 11.39
CA ASN B 156 43.37 3.57 10.06
C ASN B 156 43.70 5.06 9.97
N GLY B 157 44.40 5.58 10.96
CA GLY B 157 44.80 6.97 10.96
C GLY B 157 43.64 7.92 10.77
N ILE B 158 42.58 7.72 11.55
CA ILE B 158 41.35 8.47 11.37
C ILE B 158 41.45 9.81 12.10
N LYS B 159 42.24 9.87 13.18
CA LYS B 159 42.30 11.12 13.97
C LYS B 159 42.77 12.35 13.15
N PRO B 160 43.82 12.22 12.31
CA PRO B 160 44.19 13.32 11.42
C PRO B 160 43.07 13.84 10.51
N VAL B 161 42.28 12.93 9.93
CA VAL B 161 41.17 13.33 9.08
C VAL B 161 40.10 14.03 9.91
N MET B 162 39.93 13.62 11.16
CA MET B 162 38.94 14.24 12.04
C MET B 162 39.20 15.72 12.20
N GLU B 163 40.46 16.05 12.43
CA GLU B 163 40.88 17.43 12.65
C GLU B 163 40.83 18.27 11.38
N GLN B 164 41.20 17.64 10.29
CA GLN B 164 41.14 18.25 8.97
C GLN B 164 39.73 18.81 8.64
N TYR B 165 38.67 18.20 9.18
CA TYR B 165 37.28 18.64 8.93
C TYR B 165 36.68 19.24 10.22
N GLY B 166 37.53 19.56 11.18
CA GLY B 166 37.15 20.40 12.30
C GLY B 166 36.74 19.78 13.62
N LEU B 167 37.04 18.51 13.84
CA LEU B 167 36.68 17.88 15.10
C LEU B 167 37.85 17.97 16.10
N ILE B 168 37.55 18.03 17.39
CA ILE B 168 38.60 17.87 18.39
C ILE B 168 38.57 16.45 18.94
N PRO B 169 39.48 15.58 18.44
CA PRO B 169 39.50 14.15 18.75
C PRO B 169 39.33 13.83 20.22
N GLU B 170 40.07 14.48 21.11
CA GLU B 170 39.97 14.15 22.53
C GLU B 170 38.56 14.43 23.06
N GLU B 171 37.93 15.50 22.58
CA GLU B 171 36.60 15.85 23.05
C GLU B 171 35.49 15.11 22.32
N ASP B 172 35.67 14.97 21.02
CA ASP B 172 34.66 14.36 20.15
C ASP B 172 34.62 12.84 20.14
N ILE B 173 35.76 12.19 20.27
CA ILE B 173 35.78 10.75 20.40
C ILE B 173 35.05 10.32 21.69
N CYS B 174 35.20 11.11 22.76
CA CYS B 174 34.46 10.82 23.98
C CYS B 174 32.96 10.99 23.72
N PHE B 175 32.60 12.05 23.01
CA PHE B 175 31.19 12.34 22.70
C PHE B 175 30.56 11.16 21.95
N ILE B 176 31.19 10.70 20.87
CA ILE B 176 30.66 9.61 20.06
C ILE B 176 30.50 8.35 20.90
N LYS B 177 31.53 8.00 21.66
CA LYS B 177 31.44 6.83 22.54
C LYS B 177 30.27 6.90 23.53
N GLU B 178 30.00 8.08 24.09
CA GLU B 178 28.94 8.18 25.10
C GLU B 178 27.57 7.98 24.45
N GLN B 179 27.44 8.46 23.22
CA GLN B 179 26.20 8.26 22.50
C GLN B 179 25.95 6.78 22.27
N ILE B 180 27.02 6.01 22.24
CA ILE B 180 26.88 4.61 21.92
C ILE B 180 26.63 3.78 23.17
N VAL B 181 27.47 3.99 24.18
CA VAL B 181 27.43 3.12 25.34
C VAL B 181 26.92 3.84 26.60
N GLY B 182 26.80 5.16 26.53
CA GLY B 182 26.40 5.93 27.70
C GLY B 182 27.65 6.41 28.42
N PRO B 183 27.47 7.00 29.62
CA PRO B 183 28.59 7.53 30.39
C PRO B 183 29.57 6.42 30.78
N LEU B 184 30.86 6.69 30.68
CA LEU B 184 31.91 5.68 30.87
C LEU B 184 32.31 5.47 32.33
N TRP B 193 25.19 15.44 36.33
CA TRP B 193 25.41 15.36 34.89
C TRP B 193 26.59 14.47 34.55
N PRO B 194 26.31 13.25 34.05
CA PRO B 194 27.31 12.19 33.94
C PRO B 194 28.17 12.20 32.69
N TYR B 195 27.86 13.03 31.70
CA TYR B 195 28.57 12.99 30.41
C TYR B 195 29.76 13.96 30.36
N LYS B 196 30.91 13.44 29.93
CA LYS B 196 32.16 14.16 29.77
C LYS B 196 32.33 14.79 28.37
N GLY B 197 31.58 14.28 27.39
CA GLY B 197 31.72 14.69 26.00
C GLY B 197 31.13 16.01 25.53
N ARG B 198 30.00 16.38 26.13
CA ARG B 198 29.27 17.62 25.82
C ARG B 198 28.61 18.20 27.09
N PRO B 199 28.45 19.53 27.17
CA PRO B 199 27.74 20.17 28.29
C PRO B 199 26.23 19.87 28.33
N GLU B 200 25.58 20.03 29.49
CA GLU B 200 24.15 19.71 29.65
C GLU B 200 23.23 20.59 28.80
N ASN B 201 23.72 21.74 28.35
CA ASN B 201 22.88 22.58 27.51
C ASN B 201 22.70 21.96 26.11
N LYS B 202 23.50 20.93 25.82
CA LYS B 202 23.41 20.09 24.60
C LYS B 202 23.02 18.65 24.89
N SER B 203 22.35 18.44 26.01
CA SER B 203 21.91 17.13 26.47
C SER B 203 21.04 16.38 25.47
N PHE B 204 20.27 17.14 24.69
CA PHE B 204 19.32 16.56 23.75
C PHE B 204 19.97 15.71 22.64
N LEU B 205 21.24 16.00 22.36
CA LEU B 205 22.00 15.26 21.34
C LEU B 205 22.17 13.78 21.72
N TYR B 206 22.28 13.49 23.02
CA TYR B 206 22.40 12.14 23.54
C TYR B 206 21.11 11.32 23.42
N GLU B 207 20.06 11.94 22.87
CA GLU B 207 18.77 11.30 22.70
C GLU B 207 18.52 10.74 21.32
N ILE B 208 19.42 11.03 20.40
CA ILE B 208 19.19 10.82 18.98
C ILE B 208 19.49 9.40 18.48
N VAL B 209 20.71 8.93 18.69
CA VAL B 209 21.11 7.62 18.21
C VAL B 209 20.63 6.50 19.09
N SER B 210 20.93 6.55 20.37
CA SER B 210 20.41 5.53 21.26
C SER B 210 19.85 6.23 22.48
N ASN B 211 18.53 6.14 22.59
CA ASN B 211 17.74 6.76 23.63
C ASN B 211 17.14 5.73 24.51
N LYS B 212 17.64 5.51 25.72
CA LYS B 212 16.95 4.53 26.54
C LYS B 212 15.87 5.04 27.51
N ARG B 213 15.79 6.35 27.71
CA ARG B 213 14.74 6.92 28.56
C ARG B 213 13.34 6.48 28.05
N ASN B 214 13.02 6.78 26.79
CA ASN B 214 11.80 6.32 26.14
C ASN B 214 11.96 5.19 25.12
N GLY B 215 13.21 4.87 24.77
CA GLY B 215 13.52 3.85 23.77
C GLY B 215 13.12 4.22 22.35
N ILE B 216 12.87 5.49 22.13
CA ILE B 216 12.58 6.01 20.81
C ILE B 216 13.76 6.78 20.26
N ASP B 217 14.47 6.15 19.33
CA ASP B 217 15.68 6.73 18.78
C ASP B 217 15.76 6.39 17.31
N VAL B 218 16.71 6.98 16.60
CA VAL B 218 16.77 6.74 15.17
C VAL B 218 17.24 5.33 14.84
N ASP B 219 17.92 4.66 15.77
CA ASP B 219 18.24 3.26 15.59
C ASP B 219 16.94 2.51 15.33
N LYS B 220 15.95 2.70 16.19
CA LYS B 220 14.68 1.99 16.06
C LYS B 220 13.93 2.33 14.78
N TRP B 221 13.93 3.59 14.37
CA TRP B 221 13.19 3.97 13.17
C TRP B 221 13.70 3.16 11.99
N ASP B 222 15.01 3.09 11.86
CA ASP B 222 15.57 2.40 10.72
C ASP B 222 15.22 0.93 10.75
N TYR B 223 15.49 0.25 11.85
CA TYR B 223 15.41 -1.19 11.75
C TYR B 223 13.98 -1.62 11.80
N PHE B 224 13.09 -0.76 12.29
CA PHE B 224 11.65 -1.03 12.10
C PHE B 224 11.32 -0.99 10.60
N ALA B 225 11.69 0.10 9.94
CA ALA B 225 11.35 0.29 8.54
C ALA B 225 11.99 -0.78 7.66
N ARG B 226 13.24 -1.07 7.96
CA ARG B 226 14.03 -2.00 7.15
C ARG B 226 13.51 -3.43 7.31
N ASP B 227 13.29 -3.85 8.55
CA ASP B 227 12.78 -5.18 8.82
C ASP B 227 11.41 -5.36 8.19
N CYS B 228 10.57 -4.34 8.25
CA CYS B 228 9.26 -4.37 7.60
C CYS B 228 9.40 -4.60 6.12
N HIS B 229 10.35 -3.89 5.53
CA HIS B 229 10.58 -3.97 4.10
C HIS B 229 11.07 -5.35 3.63
N HIS B 230 11.92 -5.99 4.41
CA HIS B 230 12.49 -7.27 4.05
C HIS B 230 11.62 -8.41 4.46
N LEU B 231 10.83 -8.23 5.51
CA LEU B 231 9.97 -9.31 6.02
C LEU B 231 8.62 -9.27 5.34
N GLY B 232 8.30 -8.14 4.73
CA GLY B 232 7.00 -7.99 4.11
C GLY B 232 5.95 -7.86 5.18
N ILE B 233 6.18 -6.97 6.13
CA ILE B 233 5.23 -6.60 7.18
C ILE B 233 4.93 -5.13 7.01
N GLN B 234 3.68 -4.72 7.14
CA GLN B 234 3.42 -3.35 6.74
C GLN B 234 3.78 -2.33 7.81
N ASN B 235 4.47 -1.28 7.37
CA ASN B 235 4.95 -0.23 8.24
C ASN B 235 4.09 1.02 8.20
N ASN B 236 3.58 1.40 9.37
CA ASN B 236 2.68 2.53 9.49
C ASN B 236 3.35 3.83 9.97
N PHE B 237 4.60 3.71 10.42
CA PHE B 237 5.33 4.86 10.93
C PHE B 237 5.99 5.65 9.82
N ASP B 238 5.74 6.95 9.78
CA ASP B 238 6.42 7.84 8.84
C ASP B 238 7.47 8.66 9.58
N TYR B 239 8.72 8.23 9.53
CA TYR B 239 9.78 8.90 10.27
C TYR B 239 10.07 10.28 9.68
N LYS B 240 9.68 10.51 8.43
CA LYS B 240 9.98 11.78 7.79
C LYS B 240 9.08 12.87 8.32
N ARG B 241 7.82 12.53 8.59
CA ARG B 241 6.89 13.51 9.13
C ARG B 241 7.27 13.79 10.57
N PHE B 242 7.76 12.78 11.26
CA PHE B 242 8.27 12.95 12.61
C PHE B 242 9.48 13.89 12.70
N ILE B 243 10.37 13.86 11.71
CA ILE B 243 11.57 14.68 11.84
C ILE B 243 11.31 16.17 11.66
N LYS B 244 10.37 16.56 10.82
CA LYS B 244 10.14 17.99 10.66
C LYS B 244 9.09 18.59 11.61
N PHE B 245 8.48 17.76 12.45
CA PHE B 245 7.74 18.31 13.60
C PHE B 245 8.49 18.16 14.94
N ALA B 246 9.70 17.65 14.90
CA ALA B 246 10.50 17.44 16.11
C ALA B 246 11.02 18.79 16.55
N ARG B 247 10.98 19.03 17.85
CA ARG B 247 11.38 20.31 18.41
C ARG B 247 12.27 20.02 19.61
N VAL B 248 13.18 20.93 19.97
CA VAL B 248 13.86 20.79 21.26
C VAL B 248 13.16 21.69 22.26
N CYS B 249 12.68 21.12 23.36
CA CYS B 249 11.97 21.90 24.35
C CYS B 249 12.38 21.54 25.77
N GLU B 250 12.15 22.46 26.71
CA GLU B 250 12.51 22.23 28.09
C GLU B 250 11.47 21.39 28.78
N VAL B 251 11.92 20.37 29.51
CA VAL B 251 11.01 19.55 30.28
C VAL B 251 11.57 19.21 31.66
N ASP B 252 11.00 19.78 32.73
CA ASP B 252 11.42 19.45 34.07
C ASP B 252 12.86 19.70 34.46
N ASN B 253 13.51 20.81 34.04
CA ASN B 253 14.92 21.15 34.36
C ASN B 253 15.89 20.81 33.24
N GLU B 254 15.41 20.04 32.29
CA GLU B 254 16.26 19.50 31.24
C GLU B 254 15.77 19.63 29.79
N LEU B 255 16.74 19.68 28.88
CA LEU B 255 16.43 19.82 27.47
C LEU B 255 16.29 18.46 26.84
N ARG B 256 15.09 18.20 26.34
CA ARG B 256 14.80 16.94 25.66
C ARG B 256 14.00 17.15 24.38
N ILE B 257 14.05 16.16 23.48
CA ILE B 257 13.36 16.23 22.20
C ILE B 257 11.89 15.85 22.26
N CYS B 258 11.04 16.71 21.66
CA CYS B 258 9.59 16.57 21.72
C CYS B 258 8.94 16.63 20.32
N ALA B 259 7.74 16.09 20.17
CA ALA B 259 7.08 16.07 18.86
C ALA B 259 5.82 16.96 18.89
N ARG B 260 5.41 17.51 17.74
CA ARG B 260 4.18 18.33 17.68
C ARG B 260 2.94 17.54 18.10
N ASP B 261 1.95 18.24 18.65
CA ASP B 261 0.81 17.56 19.22
C ASP B 261 -0.04 16.91 18.14
N LYS B 262 0.22 17.30 16.90
CA LYS B 262 -0.48 16.70 15.79
C LYS B 262 0.22 15.40 15.44
N GLU B 263 1.39 15.14 16.00
CA GLU B 263 2.05 13.87 15.70
C GLU B 263 1.78 12.70 16.60
N VAL B 264 0.93 12.91 17.59
CA VAL B 264 0.62 11.85 18.54
C VAL B 264 0.05 10.59 17.87
N GLY B 265 -0.67 10.77 16.76
CA GLY B 265 -1.16 9.63 15.99
C GLY B 265 -0.04 8.82 15.36
N ASN B 266 1.02 9.50 14.91
CA ASN B 266 2.16 8.84 14.30
C ASN B 266 2.92 8.00 15.33
N LEU B 267 3.00 8.48 16.55
CA LEU B 267 3.65 7.73 17.61
C LEU B 267 2.93 6.42 17.84
N TYR B 268 1.60 6.43 17.80
CA TYR B 268 0.83 5.21 18.04
C TYR B 268 1.06 4.22 16.91
N ASP B 269 1.28 4.74 15.71
CA ASP B 269 1.58 3.93 14.55
C ASP B 269 2.94 3.24 14.69
N MET B 270 3.92 3.97 15.21
CA MET B 270 5.24 3.42 15.44
C MET B 270 5.16 2.26 16.42
N PHE B 271 4.32 2.43 17.42
CA PHE B 271 4.13 1.43 18.46
C PHE B 271 3.39 0.20 17.94
N HIS B 272 2.47 0.40 17.00
CA HIS B 272 1.78 -0.75 16.41
C HIS B 272 2.69 -1.51 15.49
N THR B 273 3.52 -0.75 14.78
CA THR B 273 4.51 -1.32 13.86
C THR B 273 5.48 -2.16 14.67
N ARG B 274 5.93 -1.60 15.80
CA ARG B 274 6.79 -2.34 16.73
C ARG B 274 6.16 -3.64 17.25
N ASN B 275 4.90 -3.59 17.67
CA ASN B 275 4.28 -4.76 18.25
C ASN B 275 4.07 -5.83 17.20
N SER B 276 3.74 -5.39 15.97
CA SER B 276 3.54 -6.30 14.84
C SER B 276 4.82 -7.05 14.53
N LEU B 277 5.94 -6.35 14.54
CA LEU B 277 7.25 -6.97 14.34
C LEU B 277 7.62 -7.97 15.43
N HIS B 278 7.40 -7.60 16.69
CA HIS B 278 7.72 -8.49 17.81
C HIS B 278 6.88 -9.75 17.77
N ARG B 279 5.58 -9.57 17.56
CA ARG B 279 4.66 -10.70 17.58
C ARG B 279 4.90 -11.58 16.38
N ARG B 280 5.08 -10.98 15.22
CA ARG B 280 5.15 -11.74 13.99
C ARG B 280 6.52 -12.28 13.62
N ALA B 281 7.59 -11.59 14.00
CA ALA B 281 8.92 -11.99 13.55
C ALA B 281 9.91 -12.28 14.70
N TYR B 282 10.19 -11.29 15.53
CA TYR B 282 11.23 -11.44 16.55
C TYR B 282 10.90 -12.54 17.58
N GLN B 283 9.63 -12.79 17.84
CA GLN B 283 9.28 -13.83 18.81
C GLN B 283 8.84 -15.14 18.16
N HIS B 284 9.12 -15.27 16.87
CA HIS B 284 8.69 -16.43 16.10
C HIS B 284 9.27 -17.70 16.67
N LYS B 285 8.42 -18.71 16.85
CA LYS B 285 8.84 -19.86 17.61
C LYS B 285 9.93 -20.67 16.96
N VAL B 286 9.85 -20.91 15.65
CA VAL B 286 10.90 -21.69 14.97
C VAL B 286 12.21 -20.89 14.85
N GLY B 287 12.09 -19.61 14.54
CA GLY B 287 13.24 -18.75 14.43
C GLY B 287 14.06 -18.74 15.70
N ASN B 288 13.39 -18.62 16.84
CA ASN B 288 14.13 -18.62 18.09
C ASN B 288 14.70 -20.01 18.35
N ILE B 289 13.99 -21.05 17.95
CA ILE B 289 14.51 -22.38 18.10
C ILE B 289 15.80 -22.52 17.31
N ILE B 290 15.82 -22.04 16.07
CA ILE B 290 17.01 -22.16 15.26
C ILE B 290 18.21 -21.35 15.83
N ASP B 291 17.97 -20.14 16.32
CA ASP B 291 19.03 -19.36 16.98
C ASP B 291 19.68 -20.12 18.14
N THR B 292 18.90 -20.89 18.91
CA THR B 292 19.51 -21.70 19.97
C THR B 292 20.23 -22.94 19.41
N MET B 293 19.84 -23.43 18.25
CA MET B 293 20.56 -24.56 17.65
C MET B 293 21.96 -24.13 17.20
N ILE B 294 22.03 -22.97 16.55
CA ILE B 294 23.28 -22.37 16.10
C ILE B 294 24.22 -22.10 17.28
N THR B 295 23.64 -21.62 18.36
CA THR B 295 24.38 -21.36 19.58
C THR B 295 24.94 -22.65 20.16
N ASP B 296 24.13 -23.70 20.17
CA ASP B 296 24.60 -24.99 20.63
C ASP B 296 25.75 -25.47 19.76
N ALA B 297 25.62 -25.19 18.47
CA ALA B 297 26.65 -25.55 17.51
C ALA B 297 27.94 -24.81 17.79
N PHE B 298 27.85 -23.55 18.22
CA PHE B 298 29.06 -22.80 18.52
C PHE B 298 29.72 -23.33 19.79
N LEU B 299 28.90 -23.61 20.81
CA LEU B 299 29.40 -24.11 22.10
C LEU B 299 30.12 -25.42 21.92
N LYS B 300 29.63 -26.25 21.02
CA LYS B 300 30.29 -27.51 20.73
C LYS B 300 31.51 -27.31 19.84
N ALA B 301 31.72 -26.10 19.33
CA ALA B 301 32.87 -25.83 18.44
C ALA B 301 33.91 -24.85 19.04
N ASP B 302 33.56 -24.22 20.16
CA ASP B 302 34.34 -23.16 20.80
C ASP B 302 35.77 -23.55 21.06
N ASP B 303 35.86 -24.74 21.60
CA ASP B 303 37.09 -25.37 22.07
C ASP B 303 38.09 -25.68 20.99
N TYR B 304 37.61 -25.90 19.77
CA TYR B 304 38.49 -26.35 18.70
C TYR B 304 38.74 -25.32 17.59
N ILE B 305 37.93 -24.27 17.52
CA ILE B 305 38.17 -23.24 16.50
C ILE B 305 39.08 -22.09 16.99
N GLU B 306 40.08 -21.75 16.17
CA GLU B 306 41.03 -20.68 16.51
C GLU B 306 40.89 -19.43 15.64
N ILE B 307 40.78 -18.26 16.26
CA ILE B 307 40.81 -17.02 15.51
C ILE B 307 42.08 -16.27 15.86
N THR B 308 42.86 -15.92 14.84
CA THR B 308 44.15 -15.28 15.04
C THR B 308 44.06 -13.76 15.27
N GLY B 309 44.45 -13.30 16.45
CA GLY B 309 44.39 -11.89 16.78
C GLY B 309 45.73 -11.21 16.66
N ALA B 310 45.86 -10.09 17.37
CA ALA B 310 47.07 -9.27 17.33
C ALA B 310 48.27 -10.04 17.82
N GLY B 311 49.41 -9.73 17.22
CA GLY B 311 50.67 -10.34 17.59
C GLY B 311 50.71 -11.82 17.37
N GLY B 312 49.80 -12.33 16.54
CA GLY B 312 49.74 -13.75 16.23
C GLY B 312 49.12 -14.60 17.31
N LYS B 313 48.79 -13.97 18.43
CA LYS B 313 48.08 -14.62 19.54
C LYS B 313 46.81 -15.29 19.02
N LYS B 314 46.46 -16.47 19.55
CA LYS B 314 45.24 -17.15 19.06
C LYS B 314 44.12 -17.19 20.11
N TYR B 315 42.88 -17.11 19.62
CA TYR B 315 41.70 -16.93 20.45
C TYR B 315 40.57 -17.94 20.13
N ARG B 316 39.60 -18.06 21.03
CA ARG B 316 38.41 -18.85 20.78
C ARG B 316 37.27 -17.96 20.30
N ILE B 317 36.21 -18.58 19.78
CA ILE B 317 35.07 -17.79 19.39
C ILE B 317 34.63 -16.99 20.62
N SER B 318 34.59 -17.62 21.78
CA SER B 318 34.08 -16.92 22.95
C SER B 318 35.07 -15.89 23.51
N THR B 319 36.35 -16.04 23.21
CA THR B 319 37.31 -15.12 23.80
C THR B 319 37.85 -14.10 22.77
N ALA B 320 37.38 -14.19 21.52
CA ALA B 320 37.75 -13.21 20.51
C ALA B 320 37.27 -11.79 20.87
N ILE B 321 36.27 -11.68 21.74
CA ILE B 321 35.75 -10.39 22.21
C ILE B 321 36.82 -9.63 23.02
N ASP B 322 37.88 -10.33 23.40
CA ASP B 322 38.94 -9.72 24.20
C ASP B 322 40.02 -9.00 23.36
N ASP B 323 40.17 -9.36 22.10
CA ASP B 323 41.07 -8.64 21.19
C ASP B 323 40.38 -8.25 19.87
N MET B 324 40.32 -6.94 19.61
CA MET B 324 39.59 -6.40 18.46
C MET B 324 40.19 -6.78 17.13
N GLU B 325 41.48 -7.10 17.09
CA GLU B 325 42.02 -7.62 15.85
C GLU B 325 41.45 -9.00 15.54
N ALA B 326 41.28 -9.85 16.56
CA ALA B 326 40.62 -11.14 16.30
C ALA B 326 39.12 -10.94 16.03
N TYR B 327 38.49 -10.06 16.80
CA TYR B 327 37.05 -9.90 16.70
C TYR B 327 36.62 -9.43 15.34
N THR B 328 37.46 -8.60 14.72
CA THR B 328 37.18 -8.10 13.38
C THR B 328 36.98 -9.23 12.40
N LYS B 329 37.70 -10.34 12.58
CA LYS B 329 37.60 -11.47 11.67
C LYS B 329 36.57 -12.50 12.17
N LEU B 330 35.73 -12.07 13.11
CA LEU B 330 34.71 -12.97 13.63
C LEU B 330 33.34 -12.54 13.18
N THR B 331 32.81 -13.18 12.14
CA THR B 331 31.49 -12.83 11.60
C THR B 331 30.60 -14.07 11.39
N ASP B 332 29.57 -13.93 10.56
CA ASP B 332 28.66 -15.05 10.29
C ASP B 332 29.38 -16.19 9.62
N ASN B 333 30.56 -15.91 9.07
CA ASN B 333 31.38 -16.92 8.39
C ASN B 333 31.68 -18.13 9.27
N ILE B 334 31.64 -17.93 10.58
CA ILE B 334 31.96 -18.97 11.51
C ILE B 334 30.92 -20.09 11.45
N PHE B 335 29.72 -19.78 10.98
CA PHE B 335 28.67 -20.78 10.77
C PHE B 335 29.11 -21.74 9.66
N LEU B 336 29.51 -21.19 8.52
CA LEU B 336 29.90 -22.01 7.38
C LEU B 336 31.25 -22.66 7.57
N GLU B 337 32.13 -22.03 8.35
CA GLU B 337 33.43 -22.65 8.65
C GLU B 337 33.25 -23.98 9.37
N ILE B 338 32.27 -24.05 10.27
CA ILE B 338 31.92 -25.28 10.97
C ILE B 338 31.26 -26.27 9.98
N LEU B 339 30.28 -25.78 9.23
CA LEU B 339 29.50 -26.62 8.33
C LEU B 339 30.36 -27.33 7.29
N TYR B 340 31.44 -26.68 6.87
CA TYR B 340 32.28 -27.23 5.79
C TYR B 340 33.51 -27.98 6.31
N SER B 341 33.68 -28.04 7.62
CA SER B 341 34.88 -28.61 8.25
C SER B 341 34.96 -30.13 8.14
N THR B 342 36.19 -30.65 8.20
CA THR B 342 36.41 -32.09 8.19
C THR B 342 36.91 -32.66 9.52
N ASP B 343 37.63 -31.83 10.29
CA ASP B 343 38.18 -32.21 11.61
C ASP B 343 37.15 -32.94 12.46
N PRO B 344 37.54 -34.08 13.00
CA PRO B 344 36.62 -34.90 13.82
C PRO B 344 36.26 -34.29 15.16
N LYS B 345 37.08 -33.37 15.66
CA LYS B 345 36.71 -32.66 16.87
C LYS B 345 35.42 -31.86 16.58
N LEU B 346 35.24 -31.41 15.35
CA LEU B 346 34.11 -30.55 14.98
C LEU B 346 32.85 -31.32 14.55
N LYS B 347 32.88 -32.65 14.62
CA LYS B 347 31.77 -33.49 14.15
C LYS B 347 30.44 -33.21 14.83
N ASP B 348 30.49 -33.13 16.15
CA ASP B 348 29.33 -32.93 16.99
C ASP B 348 28.67 -31.58 16.68
N ALA B 349 29.49 -30.55 16.47
CA ALA B 349 28.99 -29.22 16.10
C ALA B 349 28.41 -29.23 14.70
N ARG B 350 29.19 -29.76 13.78
CA ARG B 350 28.78 -29.89 12.39
C ARG B 350 27.47 -30.69 12.27
N GLU B 351 27.21 -31.63 13.15
CA GLU B 351 25.97 -32.39 12.98
C GLU B 351 24.77 -31.56 13.43
N ILE B 352 24.98 -30.65 14.35
CA ILE B 352 23.91 -29.77 14.77
C ILE B 352 23.54 -28.85 13.63
N LEU B 353 24.54 -28.33 12.91
CA LEU B 353 24.25 -27.49 11.76
C LEU B 353 23.59 -28.25 10.61
N LYS B 354 24.04 -29.47 10.36
CA LYS B 354 23.43 -30.33 9.36
C LYS B 354 21.97 -30.61 9.71
N GLN B 355 21.65 -30.62 10.99
CA GLN B 355 20.26 -30.79 11.40
C GLN B 355 19.43 -29.62 10.92
N ILE B 356 19.98 -28.42 10.99
CA ILE B 356 19.31 -27.22 10.48
C ILE B 356 19.09 -27.33 8.97
N GLU B 357 20.10 -27.83 8.24
CA GLU B 357 20.03 -28.00 6.79
C GLU B 357 18.89 -28.94 6.40
N TYR B 358 18.75 -30.06 7.12
CA TYR B 358 17.71 -31.05 6.84
C TYR B 358 16.38 -30.71 7.50
N ARG B 359 16.39 -29.69 8.35
CA ARG B 359 15.21 -29.22 9.10
C ARG B 359 14.68 -30.25 10.08
N ASN B 360 15.60 -30.94 10.75
CA ASN B 360 15.28 -31.74 11.92
C ASN B 360 15.63 -30.88 13.14
N LEU B 361 14.70 -30.06 13.60
CA LEU B 361 15.03 -29.09 14.63
C LEU B 361 14.72 -29.60 16.07
N PHE B 362 15.21 -28.90 17.08
CA PHE B 362 14.79 -29.17 18.46
C PHE B 362 13.30 -29.10 18.48
N LYS B 363 12.66 -29.76 19.43
CA LYS B 363 11.20 -29.74 19.49
C LYS B 363 10.75 -28.77 20.58
N TYR B 364 9.68 -28.03 20.30
CA TYR B 364 9.16 -27.06 21.26
C TYR B 364 8.39 -27.75 22.37
N VAL B 365 8.78 -27.52 23.63
CA VAL B 365 8.12 -28.18 24.77
C VAL B 365 7.07 -27.29 25.43
N GLY B 366 7.40 -26.03 25.69
CA GLY B 366 6.44 -25.13 26.31
C GLY B 366 6.96 -23.72 26.56
N GLU B 367 6.08 -22.86 27.05
CA GLU B 367 6.37 -21.47 27.33
C GLU B 367 5.84 -21.07 28.71
N THR B 368 6.52 -20.16 29.38
CA THR B 368 6.07 -19.66 30.67
C THR B 368 6.57 -18.24 30.90
N GLN B 369 6.04 -17.58 31.93
CA GLN B 369 6.54 -16.25 32.30
C GLN B 369 6.98 -16.17 33.75
N PRO B 370 7.92 -15.27 34.05
CA PRO B 370 8.19 -15.07 35.47
C PRO B 370 7.13 -14.18 36.07
N THR B 371 6.98 -14.27 37.39
CA THR B 371 6.03 -13.46 38.13
C THR B 371 6.78 -12.69 39.21
N GLY B 372 6.28 -11.51 39.54
CA GLY B 372 7.05 -10.57 40.33
C GLY B 372 7.66 -9.68 39.27
N GLN B 373 8.48 -8.71 39.66
CA GLN B 373 9.08 -7.89 38.62
C GLN B 373 10.49 -8.44 38.47
N ILE B 374 10.59 -9.72 38.82
CA ILE B 374 11.82 -10.51 38.76
C ILE B 374 12.21 -10.93 37.34
N LYS B 375 13.50 -10.75 37.06
CA LYS B 375 14.12 -11.02 35.79
C LYS B 375 15.00 -12.26 35.89
N ILE B 376 15.02 -13.12 34.89
CA ILE B 376 16.10 -14.09 34.81
C ILE B 376 17.31 -13.33 34.27
N LYS B 377 18.48 -13.49 34.88
CA LYS B 377 19.66 -12.71 34.48
C LYS B 377 20.59 -13.56 33.60
N ARG B 378 21.30 -12.89 32.71
CA ARG B 378 22.21 -13.54 31.77
C ARG B 378 23.20 -14.47 32.47
N GLU B 379 23.61 -14.08 33.67
CA GLU B 379 24.55 -14.85 34.43
C GLU B 379 23.98 -16.20 34.84
N ASP B 380 22.66 -16.34 34.78
CA ASP B 380 22.00 -17.55 35.25
C ASP B 380 21.50 -18.44 34.14
N TYR B 381 21.75 -18.05 32.90
CA TYR B 381 21.25 -18.83 31.76
C TYR B 381 21.81 -20.23 31.83
N GLU B 382 23.10 -20.35 32.08
CA GLU B 382 23.79 -21.64 32.04
C GLU B 382 23.14 -22.66 32.98
N SER B 383 22.62 -22.20 34.11
CA SER B 383 22.04 -23.07 35.13
C SER B 383 20.71 -23.69 34.74
N LEU B 384 19.93 -22.97 33.94
CA LEU B 384 18.53 -23.33 33.66
C LEU B 384 18.29 -24.76 33.11
N PRO B 385 19.16 -25.27 32.21
CA PRO B 385 18.87 -26.65 31.79
C PRO B 385 19.05 -27.66 32.90
N LYS B 386 19.98 -27.40 33.81
CA LYS B 386 20.19 -28.29 34.94
C LYS B 386 18.98 -28.23 35.89
N GLU B 387 18.46 -27.03 36.12
CA GLU B 387 17.27 -26.84 36.94
C GLU B 387 16.07 -27.59 36.43
N VAL B 388 15.86 -27.60 35.12
CA VAL B 388 14.70 -28.27 34.56
C VAL B 388 14.84 -29.78 34.75
N ALA B 389 16.03 -30.29 34.49
CA ALA B 389 16.27 -31.72 34.60
C ALA B 389 16.21 -32.25 36.05
N SER B 390 16.41 -31.37 37.03
CA SER B 390 16.46 -31.84 38.41
C SER B 390 15.09 -31.75 39.05
N ALA B 391 14.12 -31.20 38.31
CA ALA B 391 12.77 -31.10 38.86
C ALA B 391 12.23 -32.51 39.01
N LYS B 392 11.42 -32.72 40.04
CA LYS B 392 10.87 -34.04 40.33
C LYS B 392 9.43 -33.94 39.91
N PRO B 393 9.16 -34.48 38.74
CA PRO B 393 7.92 -34.01 38.15
C PRO B 393 6.64 -34.77 38.48
N LYS B 394 6.74 -35.84 39.23
CA LYS B 394 5.91 -36.97 38.89
C LYS B 394 4.75 -37.36 39.81
N VAL B 395 3.75 -38.19 39.44
CA VAL B 395 3.63 -39.37 38.48
C VAL B 395 4.80 -39.86 37.65
N LEU B 396 5.55 -40.89 38.07
CA LEU B 396 6.80 -41.14 37.36
C LEU B 396 6.65 -41.72 35.97
N LEU B 397 7.76 -41.54 35.24
CA LEU B 397 7.85 -41.61 33.78
C LEU B 397 8.59 -42.81 33.20
N ASP B 398 8.49 -42.95 31.88
CA ASP B 398 9.23 -44.05 31.27
C ASP B 398 10.74 -43.73 31.19
N VAL B 399 11.13 -42.47 30.93
CA VAL B 399 12.56 -42.13 30.69
C VAL B 399 13.17 -41.08 31.66
N LYS B 400 14.47 -41.12 31.93
CA LYS B 400 15.03 -40.08 32.76
C LYS B 400 15.79 -39.13 31.84
N LEU B 401 15.61 -37.84 32.05
CA LEU B 401 16.22 -36.89 31.15
C LEU B 401 17.35 -36.11 31.82
N LYS B 402 18.45 -36.01 31.09
CA LYS B 402 19.66 -35.33 31.52
C LYS B 402 19.56 -33.84 31.25
N ALA B 403 20.49 -33.04 31.78
CA ALA B 403 20.40 -31.59 31.58
C ALA B 403 20.72 -31.23 30.13
N GLU B 404 21.53 -32.05 29.48
CA GLU B 404 21.88 -31.83 28.09
C GLU B 404 20.70 -32.03 27.15
N ASP B 405 19.60 -32.55 27.64
CA ASP B 405 18.47 -32.76 26.74
C ASP B 405 17.58 -31.53 26.73
N PHE B 406 17.87 -30.54 27.56
CA PHE B 406 17.05 -29.33 27.59
C PHE B 406 17.76 -28.10 27.06
N ILE B 407 16.99 -27.28 26.36
CA ILE B 407 17.38 -25.95 25.95
C ILE B 407 16.42 -24.99 26.62
N VAL B 408 16.95 -24.01 27.34
CA VAL B 408 16.09 -22.99 27.94
C VAL B 408 16.36 -21.64 27.29
N ASP B 409 15.31 -21.05 26.73
CA ASP B 409 15.45 -19.84 25.94
C ASP B 409 14.80 -18.65 26.64
N VAL B 410 15.54 -17.56 26.78
CA VAL B 410 15.02 -16.41 27.49
C VAL B 410 14.81 -15.23 26.55
N ILE B 411 13.56 -14.93 26.25
CA ILE B 411 13.23 -13.90 25.27
C ILE B 411 12.81 -12.58 25.94
N ASN B 412 13.59 -11.52 25.72
CA ASN B 412 13.34 -10.22 26.35
C ASN B 412 12.79 -9.19 25.36
N MET B 413 11.91 -8.34 25.86
CA MET B 413 11.44 -7.18 25.11
C MET B 413 12.26 -5.93 25.47
N GLU B 455 8.95 -7.24 29.31
CA GLU B 455 8.52 -8.54 29.78
C GLU B 455 9.63 -9.56 29.56
N GLN B 456 9.42 -10.78 30.06
CA GLN B 456 10.34 -11.86 29.76
C GLN B 456 9.56 -13.12 29.44
N LEU B 457 9.94 -13.79 28.36
CA LEU B 457 9.37 -15.09 28.01
C LEU B 457 10.44 -16.15 28.21
N ILE B 458 10.03 -17.30 28.72
CA ILE B 458 10.95 -18.42 28.91
C ILE B 458 10.43 -19.61 28.19
N ARG B 459 11.18 -20.08 27.19
CA ARG B 459 10.77 -21.27 26.45
C ARG B 459 11.72 -22.45 26.66
N VAL B 460 11.17 -23.67 26.63
CA VAL B 460 11.99 -24.85 26.78
C VAL B 460 11.84 -25.78 25.60
N TYR B 461 12.96 -26.21 25.05
CA TYR B 461 12.97 -27.11 23.90
C TYR B 461 13.69 -28.40 24.27
N CYS B 462 13.31 -29.52 23.66
CA CYS B 462 14.00 -30.78 23.91
C CYS B 462 14.78 -31.21 22.66
N LYS B 463 15.99 -31.71 22.87
CA LYS B 463 16.81 -32.18 21.75
C LYS B 463 16.43 -33.61 21.33
N LYS B 464 15.73 -34.34 22.19
CA LYS B 464 15.26 -35.69 21.86
C LYS B 464 13.84 -35.63 21.34
N VAL B 465 13.57 -36.35 20.25
CA VAL B 465 12.35 -36.10 19.49
C VAL B 465 11.26 -37.15 19.53
N ASP B 466 11.57 -38.33 20.05
CA ASP B 466 10.58 -39.37 20.28
C ASP B 466 9.50 -38.84 21.18
N ARG B 467 8.27 -39.31 21.04
CA ARG B 467 7.24 -38.79 21.93
C ARG B 467 7.33 -39.25 23.39
N LYS B 468 8.09 -40.30 23.70
CA LYS B 468 8.16 -40.66 25.11
C LYS B 468 9.07 -39.68 25.86
N SER B 469 10.13 -39.24 25.20
CA SER B 469 10.96 -38.17 25.74
C SER B 469 10.25 -36.82 25.74
N LEU B 470 9.56 -36.50 24.66
CA LEU B 470 8.86 -35.23 24.54
C LEU B 470 7.74 -35.11 25.58
N TYR B 471 7.14 -36.23 25.94
CA TYR B 471 6.16 -36.24 27.01
C TYR B 471 6.84 -35.95 28.34
N ALA B 472 7.98 -36.63 28.54
CA ALA B 472 8.80 -36.48 29.73
C ALA B 472 9.21 -35.04 29.94
N ALA B 473 9.75 -34.46 28.88
CA ALA B 473 10.22 -33.10 28.87
C ALA B 473 9.12 -32.15 29.30
N ARG B 474 7.90 -32.41 28.86
CA ARG B 474 6.76 -31.58 29.25
C ARG B 474 6.46 -31.71 30.73
N GLN B 475 6.68 -32.89 31.29
CA GLN B 475 6.38 -33.04 32.70
C GLN B 475 7.44 -32.35 33.52
N TYR B 476 8.71 -32.61 33.22
CA TYR B 476 9.81 -31.86 33.83
C TYR B 476 9.63 -30.34 33.77
N PHE B 477 9.10 -29.83 32.66
CA PHE B 477 8.95 -28.39 32.45
C PHE B 477 7.85 -27.77 33.31
N VAL B 478 6.67 -28.38 33.30
CA VAL B 478 5.54 -27.88 34.08
C VAL B 478 5.87 -27.93 35.57
N GLN B 479 6.69 -28.89 35.96
CA GLN B 479 7.07 -29.06 37.35
C GLN B 479 8.16 -28.09 37.74
N TRP B 480 9.04 -27.76 36.80
CA TRP B 480 10.03 -26.73 37.02
C TRP B 480 9.35 -25.40 37.18
N CYS B 481 8.31 -25.17 36.40
CA CYS B 481 7.54 -23.95 36.54
C CYS B 481 6.90 -23.85 37.94
N ALA B 482 6.35 -24.95 38.44
CA ALA B 482 5.66 -24.92 39.72
C ALA B 482 6.55 -24.55 40.91
N ASP B 483 7.63 -25.31 41.10
CA ASP B 483 8.53 -25.03 42.21
C ASP B 483 9.33 -23.75 41.99
N ARG B 484 9.21 -23.12 40.83
CA ARG B 484 9.92 -21.84 40.70
C ARG B 484 8.91 -20.70 40.62
N ASN B 485 7.63 -21.07 40.72
CA ASN B 485 6.51 -20.11 40.73
C ASN B 485 6.32 -19.28 39.48
N PHE B 486 6.60 -19.88 38.34
CA PHE B 486 6.29 -19.22 37.09
C PHE B 486 4.83 -19.59 36.78
N THR B 487 4.23 -18.88 35.83
CA THR B 487 2.85 -19.10 35.42
C THR B 487 2.68 -20.50 34.84
N LYS B 488 1.48 -21.05 34.92
CA LYS B 488 1.33 -22.42 34.41
C LYS B 488 1.24 -22.34 32.88
N PRO B 489 2.05 -23.19 32.22
CA PRO B 489 2.14 -23.24 30.76
C PRO B 489 0.81 -23.72 30.22
N GLN B 490 0.07 -22.96 29.41
CA GLN B 490 -1.21 -23.46 28.89
C GLN B 490 -1.02 -24.29 27.62
N MET C 23 -3.22 28.58 4.10
CA MET C 23 -2.74 27.36 3.45
C MET C 23 -3.36 26.08 4.02
N LYS C 24 -4.62 25.80 3.72
CA LYS C 24 -5.32 24.60 4.22
C LYS C 24 -4.86 23.33 3.55
N VAL C 25 -4.75 22.25 4.30
CA VAL C 25 -4.48 20.95 3.70
C VAL C 25 -5.64 19.97 3.92
N ILE C 26 -6.09 19.38 2.81
CA ILE C 26 -7.25 18.51 2.75
C ILE C 26 -6.87 17.06 2.49
N ASN C 27 -7.43 16.11 3.23
CA ASN C 27 -7.17 14.71 2.93
C ASN C 27 -8.08 14.20 1.80
N ASP C 28 -7.48 13.46 0.88
CA ASP C 28 -8.22 12.94 -0.27
C ASP C 28 -7.98 11.45 -0.38
N PRO C 29 -9.06 10.69 -0.62
CA PRO C 29 -8.91 9.23 -0.72
C PRO C 29 -8.09 8.85 -1.99
N ILE C 30 -8.01 9.76 -2.96
CA ILE C 30 -7.33 9.47 -4.20
C ILE C 30 -5.92 10.09 -4.23
N HIS C 31 -5.80 11.37 -3.89
CA HIS C 31 -4.53 12.07 -4.03
C HIS C 31 -3.73 12.21 -2.73
N GLY C 32 -4.27 11.74 -1.63
CA GLY C 32 -3.63 11.92 -0.33
C GLY C 32 -3.85 13.32 0.24
N HIS C 33 -2.78 14.01 0.61
CA HIS C 33 -2.92 15.38 1.14
C HIS C 33 -2.87 16.41 0.02
N ILE C 34 -3.84 17.31 0.04
CA ILE C 34 -3.94 18.38 -0.94
C ILE C 34 -3.70 19.72 -0.29
N GLU C 35 -2.67 20.43 -0.72
CA GLU C 35 -2.44 21.76 -0.19
C GLU C 35 -3.08 22.83 -1.07
N LEU C 36 -3.71 23.78 -0.39
CA LEU C 36 -4.46 24.85 -1.01
C LEU C 36 -3.98 26.25 -0.60
N HIS C 37 -3.63 27.05 -1.59
CA HIS C 37 -3.35 28.47 -1.41
C HIS C 37 -4.59 29.20 -0.90
N PRO C 38 -4.42 30.11 0.07
CA PRO C 38 -5.45 30.93 0.72
C PRO C 38 -6.44 31.60 -0.25
N LEU C 39 -5.94 32.00 -1.42
CA LEU C 39 -6.80 32.55 -2.47
C LEU C 39 -7.78 31.47 -2.97
N LEU C 40 -7.29 30.23 -3.07
CA LEU C 40 -8.15 29.11 -3.45
C LEU C 40 -9.24 28.88 -2.40
N VAL C 41 -8.84 28.80 -1.13
CA VAL C 41 -9.77 28.63 -0.02
C VAL C 41 -10.86 29.69 -0.06
N ARG C 42 -10.49 30.89 -0.48
CA ARG C 42 -11.46 31.97 -0.59
C ARG C 42 -12.49 31.67 -1.64
N ILE C 43 -12.06 31.09 -2.75
CA ILE C 43 -12.95 30.77 -3.84
C ILE C 43 -13.79 29.57 -3.46
N ILE C 44 -13.17 28.62 -2.76
CA ILE C 44 -13.86 27.41 -2.38
C ILE C 44 -14.98 27.69 -1.39
N ASP C 45 -14.70 28.56 -0.42
CA ASP C 45 -15.64 28.85 0.65
C ASP C 45 -16.71 29.86 0.27
N THR C 46 -17.46 29.56 -0.78
CA THR C 46 -18.52 30.40 -1.27
C THR C 46 -19.70 29.51 -1.57
N PRO C 47 -20.91 30.08 -1.57
CA PRO C 47 -22.13 29.36 -1.95
C PRO C 47 -22.05 28.78 -3.35
N GLN C 48 -21.39 29.47 -4.26
CA GLN C 48 -21.31 29.04 -5.66
C GLN C 48 -20.38 27.84 -5.86
N PHE C 49 -19.46 27.61 -4.94
CA PHE C 49 -18.61 26.45 -5.07
C PHE C 49 -19.14 25.27 -4.24
N GLN C 50 -19.42 25.50 -2.95
CA GLN C 50 -19.91 24.48 -2.04
C GLN C 50 -21.17 23.81 -2.58
N ARG C 51 -21.83 24.54 -3.47
CA ARG C 51 -22.95 24.05 -4.26
C ARG C 51 -22.69 22.67 -4.85
N LEU C 52 -21.44 22.43 -5.23
CA LEU C 52 -21.03 21.20 -5.90
C LEU C 52 -21.02 20.00 -4.99
N ARG C 53 -21.15 20.23 -3.68
CA ARG C 53 -21.28 19.13 -2.72
C ARG C 53 -22.61 18.43 -2.88
N TYR C 54 -23.54 19.07 -3.60
CA TYR C 54 -24.93 18.63 -3.68
C TYR C 54 -25.30 18.22 -5.10
N ILE C 55 -24.28 17.83 -5.86
CA ILE C 55 -24.45 17.31 -7.21
C ILE C 55 -23.67 16.01 -7.42
N LYS C 56 -24.38 14.91 -7.62
CA LYS C 56 -23.73 13.62 -7.85
C LYS C 56 -22.96 13.61 -9.18
N GLN C 57 -21.76 13.04 -9.12
CA GLN C 57 -20.87 12.89 -10.27
C GLN C 57 -21.41 11.90 -11.32
N LEU C 58 -21.89 10.73 -10.89
CA LEU C 58 -22.33 9.70 -11.85
C LEU C 58 -23.83 9.63 -12.05
N GLY C 59 -24.55 10.65 -11.59
CA GLY C 59 -25.98 10.74 -11.81
C GLY C 59 -26.74 9.47 -11.45
N GLY C 60 -27.52 8.95 -12.38
CA GLY C 60 -28.25 7.74 -12.09
C GLY C 60 -27.40 6.50 -11.90
N GLY C 61 -26.08 6.63 -12.07
CA GLY C 61 -25.17 5.52 -11.86
C GLY C 61 -25.20 5.03 -10.43
N TYR C 62 -25.43 5.97 -9.52
CA TYR C 62 -25.56 5.65 -8.09
C TYR C 62 -26.64 4.60 -7.92
N TYR C 63 -27.60 4.57 -8.83
CA TYR C 63 -28.68 3.60 -8.75
C TYR C 63 -28.33 2.22 -9.34
N VAL C 64 -27.10 2.06 -9.81
CA VAL C 64 -26.61 0.78 -10.31
C VAL C 64 -25.31 0.37 -9.60
N PHE C 65 -24.48 1.36 -9.28
CA PHE C 65 -23.26 1.13 -8.49
C PHE C 65 -23.35 1.85 -7.14
N PRO C 66 -23.69 1.12 -6.08
CA PRO C 66 -23.95 1.84 -4.82
C PRO C 66 -22.75 2.60 -4.27
N GLY C 67 -21.54 2.26 -4.67
CA GLY C 67 -20.36 2.98 -4.23
C GLY C 67 -20.12 4.32 -4.91
N ALA C 68 -20.87 4.59 -5.97
CA ALA C 68 -20.66 5.77 -6.82
C ALA C 68 -21.39 6.98 -6.25
N SER C 69 -21.12 7.23 -4.99
CA SER C 69 -21.82 8.22 -4.19
C SER C 69 -21.21 9.60 -4.29
N HIS C 70 -20.12 9.72 -5.04
CA HIS C 70 -19.30 10.93 -5.01
C HIS C 70 -19.89 12.13 -5.77
N ASN C 71 -19.54 13.33 -5.31
CA ASN C 71 -20.07 14.58 -5.83
C ASN C 71 -19.07 15.40 -6.63
N ALA C 72 -19.56 16.43 -7.33
CA ALA C 72 -18.70 17.27 -8.16
C ALA C 72 -17.63 18.03 -7.36
N PHE C 73 -17.92 18.25 -6.07
CA PHE C 73 -17.02 18.94 -5.17
C PHE C 73 -15.61 18.34 -5.03
N GLU C 74 -15.52 17.07 -4.63
CA GLU C 74 -14.20 16.47 -4.45
C GLU C 74 -13.44 16.30 -5.78
N HIS C 75 -14.17 16.11 -6.88
CA HIS C 75 -13.57 16.05 -8.21
C HIS C 75 -12.91 17.40 -8.58
N SER C 76 -13.63 18.50 -8.35
CA SER C 76 -13.07 19.82 -8.63
C SER C 76 -11.82 20.13 -7.81
N LEU C 77 -11.79 19.75 -6.53
CA LEU C 77 -10.58 19.88 -5.74
C LEU C 77 -9.41 19.09 -6.34
N GLY C 78 -9.71 17.90 -6.87
CA GLY C 78 -8.69 17.05 -7.45
C GLY C 78 -8.10 17.63 -8.71
N VAL C 79 -8.96 18.15 -9.57
CA VAL C 79 -8.53 18.78 -10.81
C VAL C 79 -7.69 20.01 -10.52
N GLY C 80 -8.12 20.81 -9.55
CA GLY C 80 -7.35 21.96 -9.11
C GLY C 80 -6.00 21.52 -8.59
N TYR C 81 -5.98 20.44 -7.83
CA TYR C 81 -4.73 19.92 -7.32
C TYR C 81 -3.82 19.43 -8.45
N LEU C 82 -4.34 18.63 -9.35
CA LEU C 82 -3.51 18.10 -10.42
C LEU C 82 -2.96 19.19 -11.32
N ALA C 83 -3.79 20.16 -11.70
CA ALA C 83 -3.37 21.31 -12.51
C ALA C 83 -2.20 21.98 -11.82
N GLY C 84 -2.30 22.12 -10.50
CA GLY C 84 -1.19 22.61 -9.72
C GLY C 84 0.04 21.72 -9.85
N CYS C 85 -0.12 20.41 -9.66
CA CYS C 85 1.02 19.50 -9.71
C CYS C 85 1.75 19.55 -11.03
N LEU C 86 1.02 19.62 -12.12
CA LEU C 86 1.62 19.58 -13.45
C LEU C 86 2.32 20.88 -13.84
N VAL C 87 1.69 22.02 -13.60
CA VAL C 87 2.35 23.26 -13.99
C VAL C 87 3.58 23.48 -13.09
N HIS C 88 3.47 23.18 -11.80
CA HIS C 88 4.63 23.30 -10.92
C HIS C 88 5.76 22.38 -11.35
N ALA C 89 5.41 21.20 -11.85
CA ALA C 89 6.42 20.23 -12.27
C ALA C 89 7.14 20.76 -13.49
N LEU C 90 6.38 21.31 -14.43
CA LEU C 90 6.94 21.86 -15.67
C LEU C 90 7.86 23.04 -15.39
N GLY C 91 7.41 23.94 -14.54
CA GLY C 91 8.15 25.13 -14.18
C GLY C 91 9.49 24.88 -13.52
N GLU C 92 9.54 23.87 -12.64
CA GLU C 92 10.75 23.59 -11.87
C GLU C 92 11.82 22.92 -12.72
N LYS C 93 11.43 22.15 -13.72
CA LYS C 93 12.44 21.47 -14.51
C LYS C 93 12.76 22.19 -15.80
N GLN C 94 11.97 23.20 -16.15
CA GLN C 94 12.25 24.00 -17.34
C GLN C 94 12.02 25.48 -17.04
N PRO C 95 12.93 26.09 -16.26
CA PRO C 95 12.81 27.49 -15.84
C PRO C 95 12.75 28.45 -17.02
N GLU C 96 13.19 27.99 -18.19
CA GLU C 96 13.16 28.82 -19.38
C GLU C 96 11.76 29.17 -19.89
N LEU C 97 10.75 28.39 -19.52
CA LEU C 97 9.37 28.62 -19.96
C LEU C 97 8.74 29.86 -19.32
N GLN C 98 9.39 30.39 -18.28
CA GLN C 98 8.94 31.60 -17.64
C GLN C 98 7.56 31.40 -17.02
N ILE C 99 7.39 30.31 -16.27
CA ILE C 99 6.12 30.08 -15.62
C ILE C 99 6.11 30.81 -14.28
N SER C 100 5.20 31.78 -14.13
CA SER C 100 5.15 32.59 -12.91
C SER C 100 4.32 31.95 -11.80
N GLU C 101 4.44 32.48 -10.58
CA GLU C 101 3.54 32.08 -9.48
C GLU C 101 2.14 32.48 -9.89
N ARG C 102 2.03 33.63 -10.55
CA ARG C 102 0.73 34.09 -11.05
C ARG C 102 0.09 33.10 -12.04
N ASP C 103 0.91 32.49 -12.91
CA ASP C 103 0.45 31.49 -13.87
C ASP C 103 -0.09 30.24 -13.17
N VAL C 104 0.63 29.77 -12.14
CA VAL C 104 0.20 28.57 -11.43
C VAL C 104 -1.14 28.76 -10.77
N LEU C 105 -1.32 29.89 -10.08
CA LEU C 105 -2.57 30.12 -9.40
C LEU C 105 -3.73 30.10 -10.37
N CYS C 106 -3.50 30.67 -11.55
CA CYS C 106 -4.54 30.76 -12.56
C CYS C 106 -4.89 29.42 -13.16
N VAL C 107 -3.90 28.54 -13.23
CA VAL C 107 -4.15 27.19 -13.70
C VAL C 107 -4.90 26.38 -12.61
N GLN C 108 -4.55 26.58 -11.34
CA GLN C 108 -5.24 25.87 -10.27
C GLN C 108 -6.69 26.33 -10.22
N ILE C 109 -6.90 27.63 -10.27
CA ILE C 109 -8.24 28.20 -10.18
C ILE C 109 -9.09 27.75 -11.37
N ALA C 110 -8.46 27.59 -12.53
CA ALA C 110 -9.16 27.09 -13.70
C ALA C 110 -9.54 25.65 -13.48
N GLY C 111 -8.62 24.90 -12.89
CA GLY C 111 -8.85 23.50 -12.56
C GLY C 111 -9.94 23.36 -11.52
N LEU C 112 -9.91 24.22 -10.52
CA LEU C 112 -10.90 24.23 -9.46
C LEU C 112 -12.32 24.46 -9.94
N CYS C 113 -12.50 25.42 -10.85
CA CYS C 113 -13.82 25.93 -11.21
C CYS C 113 -14.36 25.45 -12.54
N HIS C 114 -13.69 24.49 -13.16
CA HIS C 114 -14.10 24.06 -14.50
C HIS C 114 -15.50 23.44 -14.56
N ASP C 115 -15.95 22.84 -13.46
CA ASP C 115 -17.25 22.16 -13.44
C ASP C 115 -18.29 22.90 -12.60
N LEU C 116 -18.00 24.17 -12.34
CA LEU C 116 -18.94 25.02 -11.63
C LEU C 116 -20.32 25.04 -12.26
N GLY C 117 -20.38 24.86 -13.57
CA GLY C 117 -21.64 25.04 -14.27
C GLY C 117 -22.55 23.82 -14.33
N HIS C 118 -22.12 22.71 -13.75
CA HIS C 118 -22.90 21.49 -13.79
C HIS C 118 -24.28 21.74 -13.19
N GLY C 119 -25.26 20.94 -13.60
CA GLY C 119 -26.59 21.01 -13.04
C GLY C 119 -26.91 19.73 -12.31
N PRO C 120 -28.18 19.55 -11.89
CA PRO C 120 -28.61 18.34 -11.19
C PRO C 120 -28.18 17.12 -11.99
N PHE C 121 -27.47 16.20 -11.37
CA PHE C 121 -27.03 14.96 -12.01
C PHE C 121 -26.13 15.21 -13.20
N SER C 122 -25.26 16.21 -13.07
CA SER C 122 -24.18 16.42 -14.02
C SER C 122 -24.63 16.44 -15.46
N HIS C 123 -24.11 15.45 -16.17
CA HIS C 123 -24.16 15.37 -17.62
C HIS C 123 -25.58 15.08 -18.07
N MET C 124 -26.40 14.63 -17.13
CA MET C 124 -27.80 14.37 -17.39
C MET C 124 -28.49 15.67 -17.76
N PHE C 125 -28.07 16.74 -17.08
CA PHE C 125 -28.74 18.01 -17.18
C PHE C 125 -28.51 18.71 -18.50
N ASP C 126 -27.27 18.76 -18.94
CA ASP C 126 -26.99 19.48 -20.16
C ASP C 126 -26.99 18.52 -21.34
N GLY C 127 -26.88 17.24 -21.06
CA GLY C 127 -26.86 16.24 -22.10
C GLY C 127 -28.24 15.83 -22.61
N ARG C 128 -29.23 15.80 -21.73
CA ARG C 128 -30.54 15.32 -22.13
C ARG C 128 -31.67 16.26 -21.71
N PHE C 129 -31.66 16.72 -20.46
CA PHE C 129 -32.75 17.55 -19.99
C PHE C 129 -32.88 18.88 -20.72
N ILE C 130 -31.83 19.71 -20.71
CA ILE C 130 -31.93 21.04 -21.33
C ILE C 130 -32.24 20.91 -22.82
N PRO C 131 -31.53 20.02 -23.56
CA PRO C 131 -31.93 19.81 -24.96
C PRO C 131 -33.41 19.42 -25.15
N LEU C 132 -33.95 18.54 -24.32
CA LEU C 132 -35.37 18.14 -24.44
C LEU C 132 -36.36 19.22 -24.01
N ALA C 133 -35.98 20.09 -23.08
CA ALA C 133 -36.89 21.09 -22.53
C ALA C 133 -36.84 22.38 -23.35
N ARG C 134 -35.65 22.71 -23.83
CA ARG C 134 -35.44 23.94 -24.59
C ARG C 134 -34.50 23.68 -25.75
N PRO C 135 -35.04 23.04 -26.82
CA PRO C 135 -34.25 22.71 -28.02
C PRO C 135 -33.78 24.00 -28.71
N GLU C 136 -34.48 25.09 -28.43
CA GLU C 136 -34.05 26.46 -28.79
C GLU C 136 -32.57 26.72 -28.46
N VAL C 137 -32.16 26.32 -27.27
CA VAL C 137 -30.98 26.92 -26.62
C VAL C 137 -29.58 26.33 -26.82
N LYS C 138 -28.66 27.29 -26.97
CA LYS C 138 -27.20 27.25 -26.75
C LYS C 138 -26.90 26.83 -25.28
N TRP C 139 -26.50 25.60 -24.98
CA TRP C 139 -26.11 25.38 -23.57
C TRP C 139 -25.20 24.19 -23.38
N THR C 140 -24.08 24.51 -22.77
CA THR C 140 -23.15 23.53 -22.28
C THR C 140 -22.77 23.92 -20.88
N HIS C 141 -22.41 22.95 -20.06
CA HIS C 141 -22.14 23.25 -18.66
C HIS C 141 -20.87 24.06 -18.56
N GLU C 142 -20.01 23.94 -19.56
CA GLU C 142 -18.79 24.74 -19.62
C GLU C 142 -19.12 26.22 -19.70
N GLN C 143 -20.14 26.56 -20.50
CA GLN C 143 -20.63 27.93 -20.57
C GLN C 143 -21.06 28.40 -19.19
N GLY C 144 -21.83 27.56 -18.52
CA GLY C 144 -22.34 27.83 -17.19
C GLY C 144 -21.25 28.06 -16.18
N SER C 145 -20.22 27.24 -16.25
CA SER C 145 -19.09 27.35 -15.34
C SER C 145 -18.50 28.74 -15.42
N VAL C 146 -18.47 29.27 -16.63
CA VAL C 146 -17.93 30.61 -16.86
C VAL C 146 -18.86 31.67 -16.25
N MET C 147 -20.15 31.51 -16.52
CA MET C 147 -21.19 32.36 -15.95
C MET C 147 -21.17 32.29 -14.42
N MET C 148 -21.08 31.09 -13.91
CA MET C 148 -21.03 30.88 -12.48
C MET C 148 -19.71 31.42 -11.92
N PHE C 149 -18.63 31.26 -12.68
CA PHE C 149 -17.36 31.74 -12.19
C PHE C 149 -17.38 33.25 -12.06
N GLU C 150 -18.06 33.91 -12.99
CA GLU C 150 -18.16 35.36 -12.94
C GLU C 150 -18.96 35.78 -11.72
N HIS C 151 -20.14 35.20 -11.57
CA HIS C 151 -21.04 35.47 -10.47
C HIS C 151 -20.37 35.28 -9.11
N LEU C 152 -19.51 34.27 -9.03
CA LEU C 152 -18.81 33.94 -7.80
C LEU C 152 -17.85 35.04 -7.43
N ILE C 153 -16.93 35.38 -8.30
CA ILE C 153 -15.92 36.37 -7.92
C ILE C 153 -16.57 37.72 -7.68
N ASN C 154 -17.69 37.98 -8.35
CA ASN C 154 -18.37 39.24 -8.13
C ASN C 154 -19.12 39.28 -6.79
N SER C 155 -19.88 38.23 -6.52
CA SER C 155 -20.68 38.16 -5.31
C SER C 155 -19.85 38.06 -4.04
N ASN C 156 -18.61 37.61 -4.14
CA ASN C 156 -17.83 37.39 -2.92
C ASN C 156 -16.55 38.23 -2.81
N GLY C 157 -16.47 39.30 -3.61
CA GLY C 157 -15.36 40.25 -3.54
C GLY C 157 -13.97 39.65 -3.65
N ILE C 158 -13.79 38.82 -4.67
CA ILE C 158 -12.58 38.03 -4.83
C ILE C 158 -11.45 38.81 -5.52
N LYS C 159 -11.84 39.74 -6.38
CA LYS C 159 -10.89 40.48 -7.20
C LYS C 159 -9.87 41.24 -6.33
N PRO C 160 -10.33 41.90 -5.25
CA PRO C 160 -9.36 42.43 -4.28
C PRO C 160 -8.39 41.38 -3.75
N VAL C 161 -8.90 40.20 -3.41
CA VAL C 161 -8.05 39.12 -2.92
C VAL C 161 -7.14 38.59 -4.01
N MET C 162 -7.61 38.62 -5.26
CA MET C 162 -6.77 38.19 -6.37
C MET C 162 -5.55 39.09 -6.46
N GLU C 163 -5.79 40.40 -6.37
CA GLU C 163 -4.72 41.38 -6.51
C GLU C 163 -3.79 41.25 -5.31
N GLN C 164 -4.37 41.05 -4.15
CA GLN C 164 -3.63 40.88 -2.91
C GLN C 164 -2.54 39.83 -3.06
N TYR C 165 -2.79 38.85 -3.94
CA TYR C 165 -1.85 37.77 -4.16
C TYR C 165 -1.22 37.85 -5.55
N GLY C 166 -1.34 39.00 -6.17
CA GLY C 166 -0.53 39.31 -7.33
C GLY C 166 -1.17 38.98 -8.66
N LEU C 167 -2.47 38.75 -8.68
CA LEU C 167 -3.09 38.49 -9.95
C LEU C 167 -3.58 39.82 -10.52
N ILE C 168 -3.64 39.92 -11.83
CA ILE C 168 -4.28 41.05 -12.47
C ILE C 168 -5.64 40.60 -12.99
N PRO C 169 -6.68 40.92 -12.22
CA PRO C 169 -8.06 40.52 -12.50
C PRO C 169 -8.48 40.68 -13.92
N GLU C 170 -8.19 41.81 -14.55
CA GLU C 170 -8.82 41.96 -15.84
C GLU C 170 -8.29 40.88 -16.78
N GLU C 171 -7.00 40.72 -17.04
CA GLU C 171 -6.75 39.63 -18.02
C GLU C 171 -6.44 38.20 -17.44
N ASP C 172 -6.24 38.06 -16.13
CA ASP C 172 -6.11 36.68 -15.55
C ASP C 172 -7.47 35.98 -15.45
N ILE C 173 -8.52 36.74 -15.17
CA ILE C 173 -9.84 36.17 -15.19
C ILE C 173 -10.19 35.69 -16.60
N CYS C 174 -9.72 36.40 -17.61
CA CYS C 174 -9.95 35.98 -19.00
C CYS C 174 -9.25 34.66 -19.28
N PHE C 175 -8.02 34.56 -18.79
CA PHE C 175 -7.18 33.37 -18.91
C PHE C 175 -7.89 32.13 -18.36
N ILE C 176 -8.38 32.25 -17.13
CA ILE C 176 -9.08 31.18 -16.46
C ILE C 176 -10.29 30.75 -17.25
N LYS C 177 -11.11 31.71 -17.65
CA LYS C 177 -12.27 31.44 -18.47
C LYS C 177 -11.88 30.75 -19.77
N GLU C 178 -10.74 31.16 -20.36
CA GLU C 178 -10.30 30.57 -21.62
C GLU C 178 -9.83 29.14 -21.44
N GLN C 179 -9.24 28.85 -20.28
CA GLN C 179 -8.82 27.51 -19.93
C GLN C 179 -9.99 26.53 -19.80
N ILE C 180 -11.16 27.08 -19.52
CA ILE C 180 -12.38 26.32 -19.22
C ILE C 180 -13.26 26.05 -20.46
N VAL C 181 -13.57 27.12 -21.19
CA VAL C 181 -14.51 27.07 -22.28
C VAL C 181 -13.83 27.25 -23.64
N GLY C 182 -12.56 27.63 -23.61
CA GLY C 182 -11.84 27.91 -24.85
C GLY C 182 -11.88 29.38 -25.17
N PRO C 183 -11.43 29.75 -26.38
CA PRO C 183 -11.37 31.15 -26.83
C PRO C 183 -12.77 31.76 -26.93
N LEU C 184 -12.91 33.00 -26.44
CA LEU C 184 -14.19 33.70 -26.38
C LEU C 184 -14.51 34.50 -27.66
C SER C 191 -4.53 32.11 -37.53
N LEU C 192 -5.20 32.33 -36.42
CA LEU C 192 -4.82 33.30 -35.40
C LEU C 192 -4.07 32.63 -34.26
N TRP C 193 -3.61 33.43 -33.30
CA TRP C 193 -3.62 32.99 -31.90
C TRP C 193 -4.83 33.60 -31.18
N PRO C 194 -5.84 32.78 -30.89
CA PRO C 194 -7.17 33.26 -30.48
C PRO C 194 -7.31 33.65 -29.01
N TYR C 195 -6.29 33.41 -28.19
CA TYR C 195 -6.40 33.67 -26.76
C TYR C 195 -5.89 35.06 -26.35
N LYS C 196 -6.72 35.78 -25.59
CA LYS C 196 -6.36 37.08 -25.03
C LYS C 196 -5.76 36.97 -23.63
N GLY C 197 -5.98 35.85 -22.97
CA GLY C 197 -5.55 35.67 -21.59
C GLY C 197 -4.07 35.48 -21.42
N ARG C 198 -3.44 34.85 -22.41
CA ARG C 198 -1.99 34.65 -22.43
C ARG C 198 -1.45 34.67 -23.88
N PRO C 199 -0.21 35.11 -24.05
CA PRO C 199 0.45 35.06 -25.36
C PRO C 199 0.79 33.64 -25.78
N GLU C 200 1.02 33.50 -27.08
CA GLU C 200 1.24 32.20 -27.68
C GLU C 200 2.49 31.52 -27.15
N ASN C 201 3.42 32.28 -26.58
CA ASN C 201 4.60 31.63 -26.06
C ASN C 201 4.31 30.87 -24.76
N LYS C 202 3.13 31.06 -24.19
CA LYS C 202 2.71 30.27 -23.02
C LYS C 202 1.51 29.40 -23.35
N SER C 203 1.39 29.03 -24.63
CA SER C 203 0.30 28.24 -25.15
C SER C 203 0.04 26.90 -24.46
N PHE C 204 1.10 26.26 -23.98
CA PHE C 204 1.00 24.93 -23.38
C PHE C 204 0.14 24.90 -22.12
N LEU C 205 -0.02 26.03 -21.44
CA LEU C 205 -0.85 26.08 -20.23
C LEU C 205 -2.29 25.75 -20.58
N TYR C 206 -2.70 26.12 -21.78
CA TYR C 206 -4.06 25.84 -22.23
C TYR C 206 -4.34 24.36 -22.48
N GLU C 207 -3.33 23.52 -22.29
CA GLU C 207 -3.49 22.09 -22.51
C GLU C 207 -3.71 21.35 -21.20
N ILE C 208 -3.57 22.07 -20.09
CA ILE C 208 -3.55 21.44 -18.78
C ILE C 208 -4.93 21.09 -18.25
N VAL C 209 -5.81 22.08 -18.15
CA VAL C 209 -7.08 21.79 -17.53
C VAL C 209 -8.06 21.18 -18.51
N SER C 210 -8.24 21.81 -19.67
CA SER C 210 -9.14 21.21 -20.65
C SER C 210 -8.47 21.22 -22.01
N ASN C 211 -8.11 20.02 -22.42
CA ASN C 211 -7.38 19.77 -23.64
C ASN C 211 -8.24 19.00 -24.60
N LYS C 212 -8.77 19.65 -25.63
CA LYS C 212 -9.67 18.89 -26.51
C LYS C 212 -9.12 18.07 -27.66
N ARG C 213 -7.89 18.30 -28.09
CA ARG C 213 -7.47 17.52 -29.24
C ARG C 213 -6.80 16.19 -28.90
N ASN C 214 -6.41 16.00 -27.64
CA ASN C 214 -6.18 14.63 -27.17
C ASN C 214 -7.22 14.13 -26.20
N GLY C 215 -7.89 15.06 -25.54
CA GLY C 215 -8.71 14.70 -24.40
C GLY C 215 -7.83 14.16 -23.27
N ILE C 216 -6.53 14.42 -23.33
CA ILE C 216 -5.64 14.02 -22.23
C ILE C 216 -5.26 15.25 -21.41
N ASP C 217 -5.93 15.37 -20.27
CA ASP C 217 -5.81 16.51 -19.39
C ASP C 217 -5.99 16.05 -17.93
N VAL C 218 -5.76 16.94 -16.97
CA VAL C 218 -5.90 16.55 -15.57
C VAL C 218 -7.37 16.30 -15.13
N ASP C 219 -8.35 16.86 -15.85
CA ASP C 219 -9.77 16.58 -15.59
C ASP C 219 -10.08 15.08 -15.75
N LYS C 220 -9.66 14.48 -16.87
CA LYS C 220 -9.89 13.06 -17.13
C LYS C 220 -9.11 12.18 -16.15
N TRP C 221 -7.88 12.59 -15.83
CA TRP C 221 -7.04 11.82 -14.92
C TRP C 221 -7.71 11.63 -13.59
N ASP C 222 -8.28 12.69 -13.06
CA ASP C 222 -8.94 12.63 -11.78
C ASP C 222 -10.15 11.74 -11.83
N TYR C 223 -11.05 11.96 -12.78
CA TYR C 223 -12.28 11.20 -12.69
C TYR C 223 -12.12 9.75 -13.21
N PHE C 224 -11.03 9.42 -13.90
CA PHE C 224 -10.69 8.00 -14.10
C PHE C 224 -10.32 7.39 -12.75
N ALA C 225 -9.40 8.04 -12.06
CA ALA C 225 -8.94 7.55 -10.77
C ALA C 225 -10.09 7.50 -9.77
N ARG C 226 -10.91 8.55 -9.75
CA ARG C 226 -11.98 8.69 -8.76
C ARG C 226 -13.13 7.71 -9.04
N ASP C 227 -13.59 7.62 -10.27
CA ASP C 227 -14.70 6.71 -10.58
C ASP C 227 -14.33 5.25 -10.31
N CYS C 228 -13.11 4.88 -10.63
CA CYS C 228 -12.63 3.54 -10.37
C CYS C 228 -12.71 3.21 -8.89
N HIS C 229 -12.29 4.17 -8.08
CA HIS C 229 -12.22 4.03 -6.63
C HIS C 229 -13.61 3.79 -6.06
N HIS C 230 -14.60 4.46 -6.63
CA HIS C 230 -15.96 4.31 -6.15
C HIS C 230 -16.65 3.13 -6.81
N LEU C 231 -16.23 2.77 -8.04
CA LEU C 231 -16.87 1.68 -8.78
C LEU C 231 -16.23 0.30 -8.59
N GLY C 232 -15.00 0.25 -8.11
CA GLY C 232 -14.30 -1.03 -8.02
C GLY C 232 -13.87 -1.56 -9.37
N ILE C 233 -13.28 -0.67 -10.15
CA ILE C 233 -12.70 -1.04 -11.41
C ILE C 233 -11.21 -0.73 -11.30
N GLN C 234 -10.33 -1.63 -11.72
CA GLN C 234 -8.93 -1.38 -11.47
C GLN C 234 -8.47 -0.31 -12.44
N ASN C 235 -7.82 0.71 -11.90
CA ASN C 235 -7.24 1.80 -12.70
C ASN C 235 -5.77 1.54 -12.88
N ASN C 236 -5.36 1.36 -14.13
CA ASN C 236 -3.98 1.00 -14.45
C ASN C 236 -3.14 2.15 -14.92
N PHE C 237 -3.76 3.31 -15.07
CA PHE C 237 -3.03 4.51 -15.41
C PHE C 237 -2.45 5.12 -14.15
N ASP C 238 -1.16 5.38 -14.17
CA ASP C 238 -0.52 6.07 -13.07
C ASP C 238 -0.25 7.52 -13.43
N TYR C 239 -1.15 8.40 -13.02
CA TYR C 239 -1.07 9.78 -13.43
C TYR C 239 0.11 10.49 -12.79
N LYS C 240 0.59 9.95 -11.67
CA LYS C 240 1.67 10.61 -10.97
C LYS C 240 2.99 10.40 -11.74
N ARG C 241 3.12 9.28 -12.42
CA ARG C 241 4.32 8.99 -13.22
C ARG C 241 4.40 9.86 -14.48
N PHE C 242 3.25 10.03 -15.12
CA PHE C 242 3.14 10.88 -16.29
C PHE C 242 3.51 12.32 -15.96
N ILE C 243 3.08 12.78 -14.80
CA ILE C 243 3.33 14.16 -14.43
C ILE C 243 4.81 14.33 -14.11
N LYS C 244 5.46 13.26 -13.70
CA LYS C 244 6.85 13.35 -13.28
C LYS C 244 7.79 13.35 -14.48
N PHE C 245 7.36 12.73 -15.58
CA PHE C 245 8.14 12.80 -16.81
C PHE C 245 7.65 13.76 -17.90
N ALA C 246 6.65 14.58 -17.61
CA ALA C 246 6.07 15.46 -18.63
C ALA C 246 6.98 16.63 -18.94
N ARG C 247 7.15 17.01 -20.21
CA ARG C 247 7.97 18.18 -20.55
C ARG C 247 7.35 19.02 -21.65
N VAL C 248 7.75 20.28 -21.73
CA VAL C 248 7.33 21.12 -22.85
C VAL C 248 8.34 21.11 -24.01
N CYS C 249 7.86 20.75 -25.19
CA CYS C 249 8.73 20.65 -26.36
C CYS C 249 8.07 21.25 -27.60
N GLU C 250 8.88 21.60 -28.60
CA GLU C 250 8.33 22.22 -29.80
C GLU C 250 7.80 21.13 -30.73
N VAL C 251 6.60 21.37 -31.27
CA VAL C 251 5.95 20.49 -32.23
C VAL C 251 5.25 21.33 -33.31
N ASP C 252 5.80 21.38 -34.53
CA ASP C 252 5.16 22.12 -35.62
C ASP C 252 4.99 23.60 -35.31
N ASN C 253 6.05 24.21 -34.78
CA ASN C 253 6.05 25.63 -34.43
C ASN C 253 5.09 26.02 -33.31
N GLU C 254 4.73 25.03 -32.51
CA GLU C 254 3.84 25.26 -31.37
C GLU C 254 4.45 24.60 -30.14
N LEU C 255 4.19 25.16 -28.97
CA LEU C 255 4.66 24.52 -27.75
C LEU C 255 3.56 23.64 -27.18
N ARG C 256 3.85 22.36 -27.00
CA ARG C 256 2.87 21.43 -26.48
C ARG C 256 3.46 20.63 -25.32
N ILE C 257 2.59 20.02 -24.52
CA ILE C 257 3.07 19.18 -23.43
C ILE C 257 3.32 17.80 -24.00
N CYS C 258 4.51 17.27 -23.79
CA CYS C 258 4.88 16.02 -24.43
C CYS C 258 5.30 15.05 -23.35
N ALA C 259 5.21 13.76 -23.66
CA ALA C 259 5.49 12.75 -22.66
C ALA C 259 6.79 12.07 -22.99
N ARG C 260 7.46 11.57 -21.96
CA ARG C 260 8.67 10.80 -22.16
C ARG C 260 8.22 9.54 -22.88
N ASP C 261 9.07 9.02 -23.76
CA ASP C 261 8.71 7.87 -24.56
C ASP C 261 8.60 6.58 -23.76
N LYS C 262 9.10 6.56 -22.53
CA LYS C 262 8.99 5.34 -21.74
C LYS C 262 7.59 5.31 -21.12
N GLU C 263 6.83 6.39 -21.27
CA GLU C 263 5.50 6.42 -20.71
C GLU C 263 4.42 5.98 -21.69
N VAL C 264 4.84 5.50 -22.86
CA VAL C 264 3.87 4.99 -23.83
C VAL C 264 3.06 3.79 -23.31
N GLY C 265 3.68 2.94 -22.50
CA GLY C 265 2.96 1.83 -21.92
C GLY C 265 1.87 2.33 -20.99
N ASN C 266 2.17 3.41 -20.27
CA ASN C 266 1.23 4.02 -19.35
C ASN C 266 0.04 4.66 -20.10
N LEU C 267 0.31 5.24 -21.26
CA LEU C 267 -0.78 5.78 -22.08
C LEU C 267 -1.74 4.67 -22.53
N TYR C 268 -1.21 3.50 -22.87
CA TYR C 268 -2.09 2.42 -23.31
C TYR C 268 -2.96 1.98 -22.13
N ASP C 269 -2.38 1.99 -20.93
CA ASP C 269 -3.18 1.65 -19.77
C ASP C 269 -4.29 2.71 -19.55
N MET C 270 -3.95 3.99 -19.75
CA MET C 270 -4.93 5.05 -19.58
C MET C 270 -6.08 4.90 -20.55
N PHE C 271 -5.79 4.51 -21.78
CA PHE C 271 -6.85 4.36 -22.76
C PHE C 271 -7.70 3.14 -22.47
N HIS C 272 -7.10 2.07 -21.93
CA HIS C 272 -7.91 0.90 -21.58
C HIS C 272 -8.73 1.15 -20.33
N THR C 273 -8.17 1.87 -19.37
CA THR C 273 -8.98 2.21 -18.21
C THR C 273 -10.20 3.05 -18.63
N ARG C 274 -9.96 4.04 -19.47
CA ARG C 274 -11.02 4.86 -20.07
C ARG C 274 -12.01 3.94 -20.75
N ASN C 275 -11.49 2.95 -21.46
CA ASN C 275 -12.39 2.09 -22.22
C ASN C 275 -13.23 1.19 -21.32
N SER C 276 -12.64 0.70 -20.23
CA SER C 276 -13.36 -0.11 -19.23
C SER C 276 -14.44 0.68 -18.53
N LEU C 277 -14.12 1.93 -18.17
CA LEU C 277 -15.09 2.75 -17.48
C LEU C 277 -16.31 2.96 -18.32
N HIS C 278 -16.11 3.25 -19.61
CA HIS C 278 -17.22 3.47 -20.54
C HIS C 278 -18.06 2.20 -20.77
N ARG C 279 -17.42 1.07 -21.04
CA ARG C 279 -18.17 -0.15 -21.32
C ARG C 279 -18.91 -0.64 -20.08
N ARG C 280 -18.27 -0.56 -18.93
CA ARG C 280 -18.83 -1.13 -17.73
C ARG C 280 -19.79 -0.22 -16.93
N ALA C 281 -19.60 1.10 -16.97
CA ALA C 281 -20.39 1.98 -16.10
C ALA C 281 -21.19 3.03 -16.85
N TYR C 282 -20.51 3.88 -17.63
CA TYR C 282 -21.18 5.00 -18.31
C TYR C 282 -22.21 4.52 -19.35
N GLN C 283 -21.98 3.36 -19.96
CA GLN C 283 -22.91 2.87 -20.97
C GLN C 283 -23.82 1.78 -20.43
N HIS C 284 -23.90 1.69 -19.10
CA HIS C 284 -24.73 0.70 -18.43
C HIS C 284 -26.20 0.87 -18.83
N LYS C 285 -26.91 -0.22 -19.12
CA LYS C 285 -28.23 -0.07 -19.74
C LYS C 285 -29.25 0.43 -18.76
N VAL C 286 -29.21 -0.11 -17.55
CA VAL C 286 -30.14 0.30 -16.49
C VAL C 286 -29.80 1.69 -16.02
N GLY C 287 -28.48 1.95 -15.91
CA GLY C 287 -27.96 3.23 -15.47
C GLY C 287 -28.50 4.39 -16.27
N ASN C 288 -28.50 4.23 -17.58
CA ASN C 288 -29.05 5.21 -18.50
C ASN C 288 -30.58 5.27 -18.54
N ILE C 289 -31.23 4.13 -18.34
CA ILE C 289 -32.69 4.12 -18.30
C ILE C 289 -33.13 5.02 -17.16
N ILE C 290 -32.48 4.84 -16.02
CA ILE C 290 -32.77 5.61 -14.82
C ILE C 290 -32.43 7.09 -15.08
N ASP C 291 -31.37 7.38 -15.83
CA ASP C 291 -31.10 8.76 -16.24
C ASP C 291 -32.28 9.31 -17.05
N THR C 292 -32.85 8.51 -17.92
CA THR C 292 -33.99 9.02 -18.68
C THR C 292 -35.27 9.09 -17.86
N MET C 293 -35.37 8.26 -16.82
CA MET C 293 -36.52 8.35 -15.93
C MET C 293 -36.48 9.62 -15.07
N ILE C 294 -35.31 9.95 -14.55
CA ILE C 294 -35.16 11.19 -13.79
C ILE C 294 -35.44 12.39 -14.66
N THR C 295 -34.95 12.35 -15.89
CA THR C 295 -35.18 13.41 -16.86
C THR C 295 -36.65 13.59 -17.18
N ASP C 296 -37.36 12.48 -17.37
CA ASP C 296 -38.80 12.51 -17.66
C ASP C 296 -39.53 13.15 -16.49
N ALA C 297 -39.11 12.84 -15.29
CA ALA C 297 -39.71 13.45 -14.10
C ALA C 297 -39.47 14.97 -14.02
N PHE C 298 -38.28 15.42 -14.38
CA PHE C 298 -38.00 16.84 -14.29
C PHE C 298 -38.88 17.61 -15.27
N LEU C 299 -39.06 17.04 -16.45
CA LEU C 299 -39.91 17.67 -17.46
C LEU C 299 -41.34 17.83 -16.98
N LYS C 300 -41.87 16.81 -16.31
CA LYS C 300 -43.24 16.84 -15.82
C LYS C 300 -43.35 17.73 -14.59
N ALA C 301 -42.21 18.22 -14.11
CA ALA C 301 -42.18 19.09 -12.93
C ALA C 301 -41.78 20.50 -13.33
N ASP C 302 -41.32 20.66 -14.57
CA ASP C 302 -40.76 21.92 -15.01
C ASP C 302 -41.77 23.06 -14.94
N ASP C 303 -43.00 22.81 -15.37
CA ASP C 303 -44.03 23.84 -15.41
C ASP C 303 -44.36 24.36 -14.01
N TYR C 304 -44.21 23.53 -13.00
CA TYR C 304 -44.77 23.81 -11.69
C TYR C 304 -43.76 24.14 -10.59
N ILE C 305 -42.48 23.84 -10.79
CA ILE C 305 -41.49 24.18 -9.76
C ILE C 305 -40.90 25.59 -9.96
N GLU C 306 -40.85 26.35 -8.86
CA GLU C 306 -40.34 27.74 -8.83
C GLU C 306 -39.01 27.78 -8.09
N ILE C 307 -37.98 28.31 -8.74
CA ILE C 307 -36.69 28.53 -8.08
C ILE C 307 -36.46 30.04 -7.97
N THR C 308 -36.17 30.54 -6.76
CA THR C 308 -36.09 31.98 -6.58
C THR C 308 -34.75 32.56 -7.05
N GLY C 309 -34.82 33.44 -8.04
CA GLY C 309 -33.62 34.05 -8.59
C GLY C 309 -33.31 35.45 -8.11
N ALA C 310 -32.48 36.15 -8.88
CA ALA C 310 -32.08 37.52 -8.58
C ALA C 310 -33.24 38.49 -8.72
N GLY C 311 -33.24 39.52 -7.89
CA GLY C 311 -34.27 40.54 -7.95
C GLY C 311 -35.64 39.96 -7.66
N GLY C 312 -35.65 38.82 -6.99
CA GLY C 312 -36.88 38.16 -6.60
C GLY C 312 -37.61 37.47 -7.73
N LYS C 313 -37.17 37.68 -8.97
CA LYS C 313 -37.74 36.98 -10.13
C LYS C 313 -37.74 35.48 -9.86
N LYS C 314 -38.76 34.79 -10.34
CA LYS C 314 -38.83 33.35 -10.11
C LYS C 314 -38.59 32.60 -11.41
N TYR C 315 -37.93 31.46 -11.33
CA TYR C 315 -37.45 30.70 -12.49
C TYR C 315 -37.91 29.24 -12.48
N ARG C 316 -37.81 28.58 -13.63
CA ARG C 316 -38.12 27.17 -13.76
C ARG C 316 -36.84 26.32 -13.74
N ILE C 317 -36.96 25.01 -13.58
CA ILE C 317 -35.79 24.13 -13.67
C ILE C 317 -35.06 24.34 -15.00
N SER C 318 -35.83 24.46 -16.08
CA SER C 318 -35.25 24.61 -17.40
C SER C 318 -34.69 26.02 -17.66
N THR C 319 -35.19 27.01 -16.93
CA THR C 319 -34.77 28.39 -17.18
C THR C 319 -33.84 28.94 -16.10
N ALA C 320 -33.56 28.14 -15.09
CA ALA C 320 -32.66 28.58 -14.04
C ALA C 320 -31.25 28.86 -14.54
N ILE C 321 -30.89 28.30 -15.69
CA ILE C 321 -29.57 28.51 -16.31
C ILE C 321 -29.40 29.91 -16.85
N ASP C 322 -30.51 30.65 -16.92
CA ASP C 322 -30.43 31.99 -17.46
C ASP C 322 -29.99 33.02 -16.43
N ASP C 323 -30.22 32.74 -15.15
CA ASP C 323 -29.78 33.63 -14.07
C ASP C 323 -29.02 32.84 -12.98
N MET C 324 -27.76 33.19 -12.77
CA MET C 324 -26.91 32.41 -11.90
C MET C 324 -27.34 32.42 -10.42
N GLU C 325 -28.05 33.46 -10.02
CA GLU C 325 -28.50 33.52 -8.63
C GLU C 325 -29.54 32.41 -8.35
N ALA C 326 -30.37 32.10 -9.35
CA ALA C 326 -31.29 30.98 -9.27
C ALA C 326 -30.56 29.65 -9.39
N TYR C 327 -29.59 29.63 -10.29
CA TYR C 327 -28.87 28.41 -10.64
C TYR C 327 -28.08 27.92 -9.43
N THR C 328 -27.64 28.82 -8.57
CA THR C 328 -26.91 28.42 -7.37
C THR C 328 -27.80 27.51 -6.51
N LYS C 329 -29.12 27.75 -6.58
CA LYS C 329 -30.13 27.01 -5.80
C LYS C 329 -30.69 25.80 -6.53
N LEU C 330 -30.08 25.44 -7.64
CA LEU C 330 -30.52 24.25 -8.38
C LEU C 330 -29.48 23.11 -8.34
N THR C 331 -29.74 22.10 -7.51
CA THR C 331 -28.86 20.93 -7.36
C THR C 331 -29.65 19.64 -7.38
N ASP C 332 -29.04 18.55 -6.92
CA ASP C 332 -29.70 17.25 -6.93
C ASP C 332 -30.92 17.24 -6.05
N ASN C 333 -31.02 18.24 -5.17
CA ASN C 333 -32.13 18.37 -4.20
C ASN C 333 -33.47 18.41 -4.93
N ILE C 334 -33.46 18.86 -6.17
CA ILE C 334 -34.69 19.06 -6.91
C ILE C 334 -35.40 17.72 -7.11
N PHE C 335 -34.62 16.64 -7.02
CA PHE C 335 -35.15 15.28 -7.10
C PHE C 335 -36.04 14.99 -5.91
N LEU C 336 -35.51 15.23 -4.71
CA LEU C 336 -36.24 14.95 -3.49
C LEU C 336 -37.36 16.00 -3.25
N GLU C 337 -37.20 17.21 -3.74
CA GLU C 337 -38.30 18.16 -3.63
C GLU C 337 -39.54 17.64 -4.37
N ILE C 338 -39.32 17.04 -5.55
CA ILE C 338 -40.40 16.43 -6.30
C ILE C 338 -40.91 15.19 -5.57
N LEU C 339 -39.98 14.34 -5.16
CA LEU C 339 -40.32 13.04 -4.55
C LEU C 339 -41.16 13.16 -3.30
N TYR C 340 -40.95 14.22 -2.53
CA TYR C 340 -41.60 14.40 -1.26
C TYR C 340 -42.84 15.29 -1.31
N SER C 341 -43.10 15.88 -2.48
CA SER C 341 -44.12 16.92 -2.59
C SER C 341 -45.52 16.40 -2.41
N THR C 342 -46.43 17.29 -2.02
CA THR C 342 -47.82 16.92 -1.84
C THR C 342 -48.71 17.53 -2.92
N ASP C 343 -48.23 18.65 -3.50
CA ASP C 343 -48.92 19.39 -4.57
C ASP C 343 -49.42 18.39 -5.62
N PRO C 344 -50.70 18.46 -5.98
CA PRO C 344 -51.29 17.55 -6.96
C PRO C 344 -50.82 17.84 -8.37
N LYS C 345 -50.32 19.06 -8.58
CA LYS C 345 -49.71 19.44 -9.85
C LYS C 345 -48.54 18.52 -10.13
N LEU C 346 -47.86 18.11 -9.07
CA LEU C 346 -46.64 17.34 -9.20
C LEU C 346 -46.78 15.81 -9.18
N LYS C 347 -48.01 15.28 -9.17
CA LYS C 347 -48.23 13.82 -9.06
C LYS C 347 -47.57 13.11 -10.23
N ASP C 348 -47.67 13.70 -11.43
CA ASP C 348 -47.13 13.02 -12.60
C ASP C 348 -45.64 12.82 -12.52
N ALA C 349 -44.93 13.85 -12.09
CA ALA C 349 -43.47 13.77 -11.90
C ALA C 349 -43.15 12.83 -10.75
N ARG C 350 -43.86 13.01 -9.65
CA ARG C 350 -43.69 12.18 -8.48
C ARG C 350 -43.92 10.69 -8.69
N GLU C 351 -44.83 10.33 -9.58
CA GLU C 351 -45.13 8.92 -9.72
C GLU C 351 -43.99 8.22 -10.44
N ILE C 352 -43.31 8.95 -11.31
CA ILE C 352 -42.15 8.40 -12.00
C ILE C 352 -40.99 8.12 -11.07
N LEU C 353 -40.75 9.04 -10.15
CA LEU C 353 -39.66 8.86 -9.22
C LEU C 353 -39.95 7.69 -8.29
N LYS C 354 -41.20 7.58 -7.83
CA LYS C 354 -41.60 6.46 -6.98
C LYS C 354 -41.40 5.17 -7.74
N GLN C 355 -41.60 5.23 -9.05
CA GLN C 355 -41.35 4.09 -9.89
C GLN C 355 -39.87 3.71 -9.86
N ILE C 356 -38.98 4.71 -9.83
CA ILE C 356 -37.56 4.40 -9.70
C ILE C 356 -37.29 3.70 -8.37
N GLU C 357 -37.95 4.18 -7.32
CA GLU C 357 -37.78 3.63 -5.98
C GLU C 357 -38.21 2.17 -5.83
N TYR C 358 -39.35 1.84 -6.45
CA TYR C 358 -39.89 0.48 -6.37
C TYR C 358 -39.19 -0.40 -7.38
N ARG C 359 -38.32 0.24 -8.15
CA ARG C 359 -37.52 -0.41 -9.19
C ARG C 359 -38.40 -0.96 -10.31
N ASN C 360 -39.46 -0.23 -10.66
CA ASN C 360 -40.22 -0.48 -11.88
C ASN C 360 -39.79 0.47 -12.97
N LEU C 361 -38.73 0.08 -13.68
CA LEU C 361 -38.10 0.99 -14.61
C LEU C 361 -38.71 0.77 -15.99
N PHE C 362 -38.43 1.70 -16.91
CA PHE C 362 -38.77 1.54 -18.31
C PHE C 362 -38.13 0.25 -18.80
N LYS C 363 -38.70 -0.36 -19.83
CA LYS C 363 -38.08 -1.57 -20.34
C LYS C 363 -37.24 -1.29 -21.58
N TYR C 364 -36.12 -2.01 -21.65
CA TYR C 364 -35.16 -1.92 -22.74
C TYR C 364 -35.66 -2.68 -23.97
N VAL C 365 -35.80 -1.96 -25.08
CA VAL C 365 -36.26 -2.58 -26.31
C VAL C 365 -35.12 -2.92 -27.29
N GLY C 366 -34.22 -1.96 -27.52
CA GLY C 366 -33.09 -2.19 -28.41
C GLY C 366 -32.08 -1.08 -28.57
N GLU C 367 -31.02 -1.39 -29.32
CA GLU C 367 -29.88 -0.49 -29.53
C GLU C 367 -29.51 -0.44 -31.01
N THR C 368 -29.06 0.72 -31.47
CA THR C 368 -28.59 0.88 -32.84
C THR C 368 -27.54 1.94 -32.94
N GLN C 369 -26.86 1.99 -34.08
CA GLN C 369 -25.89 3.05 -34.33
C GLN C 369 -26.13 3.71 -35.67
N PRO C 370 -25.83 5.00 -35.74
CA PRO C 370 -25.83 5.73 -37.01
C PRO C 370 -24.49 5.63 -37.71
N THR C 371 -24.01 4.46 -38.11
CA THR C 371 -22.68 4.47 -38.71
C THR C 371 -22.74 4.46 -40.24
N GLY C 372 -21.80 5.18 -40.86
CA GLY C 372 -21.83 5.47 -42.28
C GLY C 372 -22.24 6.92 -42.43
N GLN C 373 -23.25 7.33 -41.68
CA GLN C 373 -23.71 8.72 -41.69
C GLN C 373 -23.47 9.50 -40.41
N ILE C 374 -23.59 10.81 -40.59
CA ILE C 374 -23.31 11.81 -39.58
C ILE C 374 -24.38 11.69 -38.48
N LYS C 375 -23.93 11.90 -37.25
CA LYS C 375 -24.59 11.53 -36.00
C LYS C 375 -25.57 12.58 -35.47
N ILE C 376 -26.53 12.10 -34.69
CA ILE C 376 -27.64 12.90 -34.17
C ILE C 376 -27.26 14.06 -33.24
N LYS C 377 -27.90 15.20 -33.49
CA LYS C 377 -27.59 16.44 -32.80
C LYS C 377 -28.63 16.70 -31.72
N ARG C 378 -28.20 17.40 -30.67
CA ARG C 378 -29.04 17.71 -29.52
C ARG C 378 -30.35 18.38 -29.86
N GLU C 379 -30.34 19.25 -30.87
CA GLU C 379 -31.52 20.04 -31.19
C GLU C 379 -32.66 19.22 -31.77
N ASP C 380 -32.41 17.99 -32.20
CA ASP C 380 -33.51 17.19 -32.71
C ASP C 380 -33.90 16.06 -31.75
N TYR C 381 -33.37 16.11 -30.53
CA TYR C 381 -33.70 15.13 -29.49
C TYR C 381 -35.21 15.05 -29.23
N GLU C 382 -35.89 16.20 -29.14
CA GLU C 382 -37.34 16.20 -28.85
C GLU C 382 -38.15 15.38 -29.87
N SER C 383 -37.73 15.41 -31.13
CA SER C 383 -38.43 14.76 -32.25
C SER C 383 -38.38 13.23 -32.24
N LEU C 384 -37.32 12.67 -31.67
CA LEU C 384 -37.04 11.24 -31.80
C LEU C 384 -38.17 10.29 -31.36
N PRO C 385 -38.91 10.60 -30.27
CA PRO C 385 -39.99 9.67 -29.95
C PRO C 385 -41.17 9.65 -30.97
N LYS C 386 -41.48 10.79 -31.59
CA LYS C 386 -42.54 10.88 -32.61
C LYS C 386 -42.17 10.11 -33.88
N GLU C 387 -40.90 10.23 -34.27
CA GLU C 387 -40.36 9.52 -35.42
C GLU C 387 -40.52 8.00 -35.29
N VAL C 388 -40.32 7.51 -34.06
CA VAL C 388 -40.44 6.08 -33.78
C VAL C 388 -41.88 5.59 -33.87
N ALA C 389 -42.81 6.41 -33.37
CA ALA C 389 -44.23 6.07 -33.38
C ALA C 389 -44.84 6.03 -34.79
N SER C 390 -44.19 6.72 -35.72
CA SER C 390 -44.70 6.85 -37.09
C SER C 390 -44.22 5.79 -38.10
N ALA C 391 -43.31 4.92 -37.69
CA ALA C 391 -42.85 3.86 -38.57
C ALA C 391 -43.93 2.82 -38.82
N ASP C 398 -51.39 -5.03 -34.03
CA ASP C 398 -52.02 -5.79 -32.95
C ASP C 398 -52.41 -4.81 -31.83
N VAL C 399 -51.42 -4.05 -31.35
CA VAL C 399 -51.66 -2.96 -30.39
C VAL C 399 -51.01 -1.72 -31.00
N LYS C 400 -51.57 -0.53 -30.78
CA LYS C 400 -50.92 0.65 -31.34
C LYS C 400 -50.38 1.58 -30.26
N LEU C 401 -49.14 2.02 -30.47
CA LEU C 401 -48.39 2.82 -29.50
C LEU C 401 -48.18 4.22 -30.05
N LYS C 402 -48.51 5.24 -29.26
CA LYS C 402 -48.23 6.61 -29.68
C LYS C 402 -46.85 6.97 -29.10
N ALA C 403 -46.31 8.13 -29.48
CA ALA C 403 -44.97 8.55 -29.12
C ALA C 403 -44.75 8.79 -27.64
N GLU C 404 -45.83 9.02 -26.91
CA GLU C 404 -45.76 9.32 -25.49
C GLU C 404 -45.25 8.16 -24.64
N ASP C 405 -45.23 6.97 -25.22
CA ASP C 405 -44.77 5.77 -24.54
C ASP C 405 -43.36 5.36 -24.96
N PHE C 406 -42.75 6.13 -25.85
CA PHE C 406 -41.39 5.81 -26.30
C PHE C 406 -40.37 6.78 -25.72
N ILE C 407 -39.24 6.22 -25.32
CA ILE C 407 -38.07 6.98 -24.90
C ILE C 407 -36.92 6.66 -25.84
N VAL C 408 -36.34 7.68 -26.47
CA VAL C 408 -35.18 7.46 -27.33
C VAL C 408 -33.96 8.12 -26.72
N ASP C 409 -32.96 7.30 -26.40
CA ASP C 409 -31.80 7.74 -25.64
C ASP C 409 -30.55 7.72 -26.49
N VAL C 410 -29.86 8.87 -26.55
CA VAL C 410 -28.67 8.99 -27.40
C VAL C 410 -27.39 9.10 -26.56
N ILE C 411 -26.59 8.03 -26.59
CA ILE C 411 -25.39 7.93 -25.78
C ILE C 411 -24.12 8.22 -26.57
N ASN C 412 -23.42 9.28 -26.19
CA ASN C 412 -22.21 9.74 -26.86
C ASN C 412 -20.98 9.46 -26.01
N MET C 413 -19.82 9.25 -26.62
CA MET C 413 -18.62 9.23 -25.79
C MET C 413 -18.06 10.64 -25.64
N ASP C 414 -17.76 11.31 -26.75
CA ASP C 414 -17.56 12.76 -26.71
C ASP C 414 -18.54 13.39 -27.71
N TYR C 415 -19.45 14.24 -27.23
CA TYR C 415 -20.44 14.85 -28.12
C TYR C 415 -19.79 15.71 -29.21
N PRO C 422 -6.25 8.82 -30.59
CA PRO C 422 -5.78 10.04 -29.92
C PRO C 422 -4.29 9.93 -29.54
N ILE C 423 -3.76 8.74 -29.75
CA ILE C 423 -2.38 8.38 -29.47
C ILE C 423 -1.43 9.06 -30.46
N ASP C 424 -1.87 9.18 -31.71
CA ASP C 424 -1.17 10.00 -32.69
C ASP C 424 -1.30 11.51 -32.52
N HIS C 425 -2.04 11.93 -31.49
CA HIS C 425 -2.07 13.36 -31.20
C HIS C 425 -1.26 13.65 -29.96
N VAL C 426 -0.53 12.64 -29.49
CA VAL C 426 0.27 12.73 -28.28
C VAL C 426 1.74 12.74 -28.66
N SER C 427 2.46 13.75 -28.19
CA SER C 427 3.83 13.94 -28.59
C SER C 427 4.78 13.36 -27.56
N PHE C 428 5.84 12.72 -28.03
CA PHE C 428 6.82 12.20 -27.11
C PHE C 428 8.14 12.90 -27.30
N TYR C 429 9.04 12.64 -26.38
CA TYR C 429 10.36 13.19 -26.43
C TYR C 429 11.22 12.06 -25.84
N CYS C 430 12.46 11.96 -26.26
CA CYS C 430 13.39 10.91 -25.84
C CYS C 430 14.26 11.66 -24.83
N LYS C 431 15.32 11.13 -24.24
CA LYS C 431 16.05 12.04 -23.34
C LYS C 431 17.36 12.50 -24.01
N THR C 432 17.72 11.93 -25.16
CA THR C 432 18.95 12.35 -25.85
C THR C 432 19.00 13.79 -26.48
N ALA C 433 17.88 14.29 -26.97
CA ALA C 433 17.73 15.65 -27.48
C ALA C 433 16.44 16.25 -26.93
N PRO C 434 16.35 16.48 -25.60
CA PRO C 434 15.13 16.62 -24.79
C PRO C 434 14.05 17.54 -25.35
N ASN C 435 14.38 18.57 -26.12
CA ASN C 435 13.35 19.42 -26.71
C ASN C 435 13.16 18.95 -28.16
N ARG C 436 12.74 17.69 -28.32
CA ARG C 436 12.43 17.15 -29.65
C ARG C 436 11.16 16.39 -29.56
N ALA C 437 10.34 16.56 -30.58
CA ALA C 437 9.16 15.75 -30.65
C ALA C 437 9.60 14.50 -31.38
N ILE C 438 9.02 13.36 -31.06
CA ILE C 438 9.37 12.13 -31.75
C ILE C 438 8.29 11.75 -32.76
N GLN C 447 -2.76 -1.46 -33.54
CA GLN C 447 -3.16 -2.87 -33.53
C GLN C 447 -3.87 -3.29 -32.27
N LEU C 448 -3.42 -2.71 -31.16
CA LEU C 448 -3.62 -3.29 -29.83
C LEU C 448 -4.36 -2.36 -28.86
N LEU C 449 -5.17 -1.47 -29.41
CA LEU C 449 -5.89 -0.49 -28.62
C LEU C 449 -7.41 -0.72 -28.72
N PRO C 450 -8.22 0.11 -28.04
CA PRO C 450 -9.66 -0.08 -28.26
C PRO C 450 -10.09 0.27 -29.68
N GLU C 455 -17.91 7.46 -30.17
CA GLU C 455 -19.10 6.86 -30.77
C GLU C 455 -20.40 7.59 -30.51
N GLN C 456 -21.44 7.09 -31.16
CA GLN C 456 -22.82 7.40 -30.80
C GLN C 456 -23.63 6.11 -30.77
N LEU C 457 -24.33 5.88 -29.66
CA LEU C 457 -25.27 4.76 -29.53
C LEU C 457 -26.67 5.32 -29.46
N ILE C 458 -27.63 4.62 -30.07
CA ILE C 458 -29.01 5.05 -29.93
C ILE C 458 -29.86 3.91 -29.38
N ARG C 459 -30.38 4.11 -28.17
CA ARG C 459 -31.22 3.11 -27.52
C ARG C 459 -32.65 3.59 -27.32
N VAL C 460 -33.58 2.66 -27.39
CA VAL C 460 -34.97 3.01 -27.23
C VAL C 460 -35.59 2.19 -26.08
N TYR C 461 -36.31 2.91 -25.20
CA TYR C 461 -36.96 2.31 -24.05
C TYR C 461 -38.46 2.47 -24.17
N CYS C 462 -39.21 1.50 -23.65
CA CYS C 462 -40.66 1.59 -23.63
C CYS C 462 -41.22 1.74 -22.22
N LYS C 463 -42.21 2.61 -22.06
CA LYS C 463 -42.83 2.82 -20.76
C LYS C 463 -43.90 1.79 -20.43
N LYS C 464 -44.39 1.12 -21.47
CA LYS C 464 -45.40 0.07 -21.26
C LYS C 464 -44.65 -1.24 -21.09
N VAL C 465 -45.00 -2.02 -20.07
CA VAL C 465 -44.16 -3.17 -19.72
C VAL C 465 -44.80 -4.54 -19.94
N ASP C 466 -46.08 -4.55 -20.32
CA ASP C 466 -46.82 -5.76 -20.71
C ASP C 466 -46.15 -6.46 -21.89
N ARG C 467 -46.33 -7.77 -22.03
CA ARG C 467 -45.60 -8.48 -23.07
C ARG C 467 -45.96 -8.22 -24.52
N LYS C 468 -47.15 -7.70 -24.81
CA LYS C 468 -47.35 -7.37 -26.22
C LYS C 468 -47.09 -5.92 -26.62
N SER C 469 -47.21 -4.98 -25.68
CA SER C 469 -46.75 -3.60 -26.00
C SER C 469 -45.26 -3.65 -26.35
N LEU C 470 -44.51 -4.41 -25.57
CA LEU C 470 -43.08 -4.51 -25.75
C LEU C 470 -42.72 -5.12 -27.10
N TYR C 471 -43.54 -6.06 -27.56
CA TYR C 471 -43.30 -6.70 -28.85
C TYR C 471 -43.55 -5.72 -30.00
N ALA C 472 -44.67 -5.01 -29.92
CA ALA C 472 -44.98 -3.97 -30.90
C ALA C 472 -43.89 -2.92 -30.88
N ALA C 473 -43.55 -2.48 -29.67
CA ALA C 473 -42.49 -1.51 -29.43
C ALA C 473 -41.19 -1.98 -30.05
N ARG C 474 -40.91 -3.28 -29.98
CA ARG C 474 -39.71 -3.81 -30.60
C ARG C 474 -39.73 -3.59 -32.12
N GLN C 475 -40.91 -3.76 -32.73
CA GLN C 475 -40.99 -3.59 -34.19
C GLN C 475 -41.05 -2.16 -34.67
N TYR C 476 -41.76 -1.29 -33.96
CA TYR C 476 -41.65 0.15 -34.21
C TYR C 476 -40.18 0.57 -34.27
N PHE C 477 -39.37 -0.03 -33.42
CA PHE C 477 -37.96 0.29 -33.34
C PHE C 477 -37.21 -0.25 -34.56
N VAL C 478 -37.42 -1.52 -34.88
CA VAL C 478 -36.70 -2.14 -35.99
C VAL C 478 -36.98 -1.42 -37.30
N GLN C 479 -38.19 -0.90 -37.43
CA GLN C 479 -38.58 -0.22 -38.67
C GLN C 479 -38.07 1.19 -38.70
N TRP C 480 -37.99 1.82 -37.52
CA TRP C 480 -37.42 3.14 -37.43
C TRP C 480 -35.93 3.09 -37.76
N CYS C 481 -35.26 2.01 -37.35
CA CYS C 481 -33.84 1.81 -37.71
C CYS C 481 -33.62 1.69 -39.21
N ALA C 482 -34.47 0.90 -39.87
CA ALA C 482 -34.37 0.68 -41.32
C ALA C 482 -34.59 1.95 -42.10
N ASP C 483 -35.65 2.66 -41.74
CA ASP C 483 -36.09 3.86 -42.39
C ASP C 483 -35.08 5.04 -42.33
N ARG C 484 -34.21 5.07 -41.33
CA ARG C 484 -33.31 6.21 -41.15
C ARG C 484 -31.81 5.87 -41.38
N ASN C 485 -31.66 4.70 -41.98
CA ASN C 485 -30.43 4.03 -42.44
C ASN C 485 -29.58 3.66 -41.22
N PHE C 486 -30.21 3.28 -40.11
CA PHE C 486 -29.40 2.83 -38.98
C PHE C 486 -29.08 1.35 -39.03
N THR C 487 -28.10 0.94 -38.23
CA THR C 487 -27.63 -0.44 -38.19
C THR C 487 -28.79 -1.32 -37.75
N LYS C 488 -28.81 -2.59 -38.18
CA LYS C 488 -29.94 -3.39 -37.75
C LYS C 488 -29.68 -3.98 -36.38
N PRO C 489 -30.69 -3.88 -35.50
CA PRO C 489 -30.62 -4.31 -34.10
C PRO C 489 -30.38 -5.82 -34.00
N GLN C 490 -29.28 -6.26 -33.40
CA GLN C 490 -29.02 -7.70 -33.31
C GLN C 490 -29.67 -8.38 -32.12
N MET D 23 -31.46 -13.57 -8.49
CA MET D 23 -30.28 -13.34 -7.65
C MET D 23 -29.48 -12.13 -8.14
N LYS D 24 -29.90 -10.90 -7.78
CA LYS D 24 -29.20 -9.68 -8.22
C LYS D 24 -27.81 -9.70 -7.64
N VAL D 25 -26.85 -9.30 -8.45
CA VAL D 25 -25.46 -9.16 -8.02
C VAL D 25 -25.04 -7.71 -8.18
N ILE D 26 -24.54 -7.15 -7.07
CA ILE D 26 -24.20 -5.75 -6.92
C ILE D 26 -22.69 -5.49 -6.79
N ASN D 27 -22.15 -4.54 -7.54
CA ASN D 27 -20.72 -4.25 -7.38
C ASN D 27 -20.48 -3.29 -6.20
N ASP D 28 -19.50 -3.64 -5.38
CA ASP D 28 -19.24 -2.87 -4.20
C ASP D 28 -17.74 -2.54 -4.17
N PRO D 29 -17.40 -1.29 -3.82
CA PRO D 29 -15.99 -0.95 -3.84
C PRO D 29 -15.22 -1.67 -2.73
N ILE D 30 -15.91 -2.16 -1.70
CA ILE D 30 -15.23 -2.80 -0.58
C ILE D 30 -15.27 -4.31 -0.66
N HIS D 31 -16.43 -4.88 -0.94
CA HIS D 31 -16.59 -6.34 -0.90
C HIS D 31 -16.56 -6.97 -2.29
N GLY D 32 -16.46 -6.17 -3.33
CA GLY D 32 -16.49 -6.72 -4.67
C GLY D 32 -17.91 -7.05 -5.07
N HIS D 33 -18.15 -8.31 -5.42
CA HIS D 33 -19.49 -8.69 -5.80
C HIS D 33 -20.30 -9.14 -4.59
N ILE D 34 -21.49 -8.58 -4.51
CA ILE D 34 -22.47 -8.90 -3.50
C ILE D 34 -23.63 -9.56 -4.22
N GLU D 35 -23.94 -10.83 -3.90
CA GLU D 35 -25.15 -11.42 -4.46
C GLU D 35 -26.27 -11.32 -3.44
N LEU D 36 -27.46 -10.96 -3.90
CA LEU D 36 -28.58 -10.74 -2.99
C LEU D 36 -29.74 -11.67 -3.31
N HIS D 37 -30.10 -12.48 -2.33
CA HIS D 37 -31.26 -13.33 -2.44
C HIS D 37 -32.47 -12.47 -2.73
N PRO D 38 -33.34 -12.92 -3.66
CA PRO D 38 -34.55 -12.22 -4.12
C PRO D 38 -35.44 -11.65 -3.01
N LEU D 39 -35.50 -12.29 -1.84
CA LEU D 39 -36.27 -11.74 -0.71
C LEU D 39 -35.67 -10.45 -0.18
N LEU D 40 -34.34 -10.40 -0.12
CA LEU D 40 -33.63 -9.18 0.24
C LEU D 40 -33.89 -8.10 -0.79
N VAL D 41 -33.76 -8.44 -2.07
CA VAL D 41 -34.03 -7.53 -3.16
C VAL D 41 -35.43 -6.95 -3.03
N ARG D 42 -36.34 -7.80 -2.60
CA ARG D 42 -37.71 -7.39 -2.44
C ARG D 42 -37.87 -6.29 -1.34
N ILE D 43 -37.12 -6.44 -0.25
CA ILE D 43 -37.12 -5.50 0.87
C ILE D 43 -36.41 -4.20 0.55
N ILE D 44 -35.32 -4.34 -0.20
CA ILE D 44 -34.46 -3.26 -0.64
C ILE D 44 -35.22 -2.30 -1.53
N ASP D 45 -36.05 -2.85 -2.40
CA ASP D 45 -36.76 -2.00 -3.34
C ASP D 45 -38.06 -1.37 -2.81
N THR D 46 -37.95 -0.71 -1.68
CA THR D 46 -39.08 -0.03 -1.06
C THR D 46 -38.64 1.34 -0.62
N PRO D 47 -39.56 2.30 -0.59
CA PRO D 47 -39.24 3.66 -0.14
C PRO D 47 -38.61 3.71 1.24
N GLN D 48 -38.99 2.83 2.15
CA GLN D 48 -38.46 2.88 3.52
C GLN D 48 -37.01 2.46 3.54
N PHE D 49 -36.55 1.76 2.51
CA PHE D 49 -35.15 1.39 2.46
C PHE D 49 -34.35 2.38 1.62
N GLN D 50 -34.85 2.68 0.43
CA GLN D 50 -34.21 3.59 -0.51
C GLN D 50 -34.01 4.95 0.11
N ARG D 51 -34.77 5.16 1.16
CA ARG D 51 -34.61 6.28 2.06
C ARG D 51 -33.13 6.47 2.48
N LEU D 52 -32.41 5.37 2.67
CA LEU D 52 -31.02 5.40 3.13
C LEU D 52 -30.00 5.91 2.09
N ARG D 53 -30.40 6.12 0.85
CA ARG D 53 -29.47 6.68 -0.12
C ARG D 53 -29.17 8.14 0.18
N TYR D 54 -30.01 8.72 1.06
CA TYR D 54 -30.06 10.15 1.29
C TYR D 54 -29.64 10.50 2.71
N ILE D 55 -28.86 9.64 3.34
CA ILE D 55 -28.32 9.94 4.68
C ILE D 55 -26.82 9.66 4.73
N LYS D 56 -26.00 10.70 4.82
CA LYS D 56 -24.56 10.52 4.77
C LYS D 56 -24.12 9.67 5.95
N GLN D 57 -23.20 8.77 5.69
CA GLN D 57 -22.70 7.92 6.76
C GLN D 57 -21.99 8.72 7.84
N LEU D 58 -21.15 9.67 7.47
CA LEU D 58 -20.38 10.39 8.48
C LEU D 58 -20.97 11.75 8.81
N GLY D 59 -22.20 11.98 8.38
CA GLY D 59 -22.88 13.24 8.61
C GLY D 59 -21.99 14.40 8.18
N GLY D 60 -21.80 15.35 9.09
CA GLY D 60 -20.97 16.52 8.89
C GLY D 60 -19.49 16.25 8.74
N GLY D 61 -19.09 14.99 8.78
CA GLY D 61 -17.71 14.64 8.53
C GLY D 61 -17.30 15.02 7.13
N TYR D 62 -18.28 14.93 6.23
CA TYR D 62 -18.10 15.27 4.84
C TYR D 62 -17.56 16.71 4.68
N TYR D 63 -17.87 17.58 5.64
CA TYR D 63 -17.42 18.96 5.55
C TYR D 63 -15.98 19.10 6.01
N VAL D 64 -15.34 17.97 6.32
CA VAL D 64 -13.92 17.91 6.65
C VAL D 64 -13.20 16.90 5.76
N PHE D 65 -13.90 15.82 5.42
CA PHE D 65 -13.34 14.79 4.51
C PHE D 65 -14.13 14.65 3.21
N PRO D 66 -13.67 15.29 2.11
CA PRO D 66 -14.46 15.33 0.88
C PRO D 66 -14.67 13.95 0.29
N GLY D 67 -13.84 12.99 0.67
CA GLY D 67 -13.99 11.63 0.18
C GLY D 67 -15.15 10.86 0.81
N ALA D 68 -15.71 11.42 1.88
CA ALA D 68 -16.75 10.79 2.71
C ALA D 68 -18.14 11.09 2.18
N SER D 69 -18.39 10.78 0.92
CA SER D 69 -19.66 11.12 0.32
C SER D 69 -20.68 10.02 0.52
N HIS D 70 -20.26 8.93 1.18
CA HIS D 70 -21.08 7.72 1.24
C HIS D 70 -22.24 7.73 2.23
N ASN D 71 -23.29 7.00 1.86
CA ASN D 71 -24.53 7.00 2.61
C ASN D 71 -24.77 5.65 3.28
N ALA D 72 -25.80 5.61 4.14
CA ALA D 72 -26.14 4.42 4.91
C ALA D 72 -26.56 3.26 4.04
N PHE D 73 -27.09 3.59 2.86
CA PHE D 73 -27.56 2.60 1.90
C PHE D 73 -26.51 1.57 1.51
N GLU D 74 -25.38 2.00 0.97
CA GLU D 74 -24.38 1.05 0.55
C GLU D 74 -23.77 0.28 1.74
N HIS D 75 -23.68 0.94 2.90
CA HIS D 75 -23.20 0.33 4.15
C HIS D 75 -24.11 -0.78 4.61
N SER D 76 -25.41 -0.53 4.55
CA SER D 76 -26.39 -1.52 4.96
C SER D 76 -26.35 -2.78 4.10
N LEU D 77 -26.13 -2.61 2.79
CA LEU D 77 -25.91 -3.75 1.90
C LEU D 77 -24.70 -4.57 2.35
N GLY D 78 -23.65 -3.87 2.76
CA GLY D 78 -22.41 -4.52 3.15
C GLY D 78 -22.53 -5.31 4.43
N VAL D 79 -23.18 -4.74 5.42
CA VAL D 79 -23.37 -5.45 6.68
C VAL D 79 -24.26 -6.67 6.49
N GLY D 80 -25.33 -6.50 5.72
CA GLY D 80 -26.17 -7.63 5.37
C GLY D 80 -25.38 -8.69 4.61
N TYR D 81 -24.53 -8.25 3.70
CA TYR D 81 -23.71 -9.17 2.95
C TYR D 81 -22.73 -9.93 3.86
N LEU D 82 -22.03 -9.24 4.74
CA LEU D 82 -21.11 -9.89 5.66
C LEU D 82 -21.86 -10.77 6.64
N ALA D 83 -23.02 -10.31 7.11
CA ALA D 83 -23.85 -11.11 8.01
C ALA D 83 -24.12 -12.49 7.40
N GLY D 84 -24.49 -12.51 6.12
CA GLY D 84 -24.68 -13.76 5.40
C GLY D 84 -23.41 -14.59 5.37
N CYS D 85 -22.29 -13.98 5.00
CA CYS D 85 -21.04 -14.72 4.89
C CYS D 85 -20.64 -15.40 6.19
N LEU D 86 -20.88 -14.72 7.31
CA LEU D 86 -20.47 -15.26 8.61
C LEU D 86 -21.28 -16.49 9.03
N VAL D 87 -22.60 -16.46 8.85
CA VAL D 87 -23.43 -17.59 9.27
C VAL D 87 -23.25 -18.83 8.39
N HIS D 88 -23.16 -18.63 7.07
CA HIS D 88 -22.92 -19.70 6.13
C HIS D 88 -21.55 -20.33 6.37
N ALA D 89 -20.54 -19.53 6.73
CA ALA D 89 -19.24 -20.11 7.03
C ALA D 89 -19.30 -20.97 8.31
N LEU D 90 -19.96 -20.44 9.34
CA LEU D 90 -20.13 -21.21 10.58
C LEU D 90 -20.96 -22.45 10.27
N GLY D 91 -22.02 -22.27 9.49
CA GLY D 91 -22.92 -23.35 9.14
C GLY D 91 -22.23 -24.52 8.46
N GLU D 92 -21.27 -24.22 7.59
CA GLU D 92 -20.54 -25.28 6.89
C GLU D 92 -19.45 -25.95 7.75
N LYS D 93 -18.85 -25.22 8.69
CA LYS D 93 -17.75 -25.80 9.42
C LYS D 93 -18.20 -26.49 10.70
N GLN D 94 -19.45 -26.25 11.06
CA GLN D 94 -20.02 -26.86 12.26
C GLN D 94 -21.48 -27.24 11.99
N PRO D 95 -21.69 -28.33 11.23
CA PRO D 95 -23.05 -28.76 10.87
C PRO D 95 -23.94 -29.09 12.07
N GLU D 96 -23.33 -29.34 13.23
CA GLU D 96 -24.06 -29.66 14.45
C GLU D 96 -24.87 -28.49 14.98
N LEU D 97 -24.49 -27.28 14.59
CA LEU D 97 -25.15 -26.07 15.11
C LEU D 97 -26.56 -26.00 14.58
N GLN D 98 -26.77 -26.73 13.49
CA GLN D 98 -28.07 -26.92 12.87
C GLN D 98 -28.65 -25.57 12.45
N ILE D 99 -27.82 -24.83 11.72
CA ILE D 99 -28.15 -23.50 11.20
C ILE D 99 -28.89 -23.62 9.87
N SER D 100 -30.15 -23.22 9.84
CA SER D 100 -30.99 -23.46 8.68
C SER D 100 -30.94 -22.41 7.57
N GLU D 101 -31.63 -22.71 6.48
CA GLU D 101 -31.86 -21.78 5.37
C GLU D 101 -32.52 -20.51 5.88
N ARG D 102 -33.47 -20.72 6.78
CA ARG D 102 -34.30 -19.71 7.39
C ARG D 102 -33.53 -18.75 8.28
N ASP D 103 -32.59 -19.32 9.02
CA ASP D 103 -31.74 -18.58 9.92
C ASP D 103 -30.82 -17.63 9.16
N VAL D 104 -30.26 -18.11 8.05
CA VAL D 104 -29.36 -17.28 7.24
C VAL D 104 -30.10 -16.06 6.70
N LEU D 105 -31.26 -16.28 6.12
CA LEU D 105 -32.04 -15.18 5.57
C LEU D 105 -32.43 -14.14 6.64
N CYS D 106 -32.72 -14.60 7.85
CA CYS D 106 -33.12 -13.71 8.94
C CYS D 106 -31.98 -12.87 9.47
N VAL D 107 -30.76 -13.42 9.43
CA VAL D 107 -29.55 -12.70 9.84
C VAL D 107 -29.17 -11.65 8.78
N GLN D 108 -29.39 -11.97 7.52
CA GLN D 108 -29.13 -11.03 6.44
C GLN D 108 -30.10 -9.85 6.57
N ILE D 109 -31.36 -10.18 6.80
CA ILE D 109 -32.38 -9.14 6.93
C ILE D 109 -32.11 -8.27 8.17
N ALA D 110 -31.60 -8.87 9.24
CA ALA D 110 -31.22 -8.09 10.42
C ALA D 110 -30.02 -7.20 10.05
N GLY D 111 -29.09 -7.74 9.27
CA GLY D 111 -27.95 -6.98 8.83
C GLY D 111 -28.31 -5.84 7.90
N LEU D 112 -29.22 -6.13 6.97
CA LEU D 112 -29.71 -5.14 5.99
C LEU D 112 -30.43 -3.94 6.61
N CYS D 113 -31.28 -4.18 7.63
CA CYS D 113 -32.18 -3.17 8.22
C CYS D 113 -31.77 -2.65 9.59
N HIS D 114 -30.57 -2.99 10.03
CA HIS D 114 -30.13 -2.61 11.36
C HIS D 114 -30.07 -1.10 11.50
N ASP D 115 -29.79 -0.39 10.41
CA ASP D 115 -29.63 1.04 10.47
C ASP D 115 -30.77 1.79 9.80
N LEU D 116 -31.87 1.07 9.56
CA LEU D 116 -33.08 1.66 8.99
C LEU D 116 -33.59 2.85 9.75
N GLY D 117 -33.31 2.91 11.05
CA GLY D 117 -33.95 3.91 11.85
C GLY D 117 -33.21 5.24 11.85
N HIS D 118 -32.08 5.30 11.14
CA HIS D 118 -31.28 6.53 11.13
C HIS D 118 -32.05 7.75 10.63
N GLY D 119 -31.70 8.90 11.17
CA GLY D 119 -32.29 10.16 10.76
C GLY D 119 -31.26 11.02 10.09
N PRO D 120 -31.63 12.28 9.78
CA PRO D 120 -30.73 13.19 9.06
C PRO D 120 -29.36 13.28 9.73
N PHE D 121 -28.30 13.00 8.99
CA PHE D 121 -26.92 13.07 9.50
C PHE D 121 -26.62 12.07 10.59
N SER D 122 -27.16 10.86 10.44
CA SER D 122 -26.85 9.76 11.32
C SER D 122 -27.00 10.10 12.80
N HIS D 123 -25.89 9.91 13.51
CA HIS D 123 -25.90 9.93 14.97
C HIS D 123 -26.05 11.31 15.50
N MET D 124 -25.94 12.30 14.63
CA MET D 124 -26.17 13.66 15.03
C MET D 124 -27.60 13.75 15.51
N PHE D 125 -28.48 13.05 14.80
CA PHE D 125 -29.91 13.17 15.01
C PHE D 125 -30.42 12.55 16.30
N ASP D 126 -29.99 11.33 16.61
CA ASP D 126 -30.50 10.70 17.81
C ASP D 126 -29.57 11.02 18.98
N GLY D 127 -28.35 11.41 18.62
CA GLY D 127 -27.30 11.69 19.57
C GLY D 127 -27.35 13.08 20.17
N ARG D 128 -27.83 14.07 19.42
CA ARG D 128 -27.83 15.42 19.93
C ARG D 128 -29.15 16.15 19.75
N PHE D 129 -29.67 16.14 18.54
CA PHE D 129 -30.84 16.93 18.21
C PHE D 129 -32.06 16.54 19.02
N ILE D 130 -32.47 15.28 18.95
CA ILE D 130 -33.67 14.82 19.66
C ILE D 130 -33.54 15.02 21.18
N PRO D 131 -32.37 14.72 21.76
CA PRO D 131 -32.18 15.12 23.16
C PRO D 131 -32.43 16.61 23.44
N LEU D 132 -31.92 17.50 22.59
CA LEU D 132 -32.08 18.95 22.76
C LEU D 132 -33.46 19.50 22.47
N ALA D 133 -34.18 18.85 21.55
CA ALA D 133 -35.46 19.32 21.05
C ALA D 133 -36.65 18.78 21.84
N ARG D 134 -36.51 17.53 22.27
CA ARG D 134 -37.54 16.83 23.04
C ARG D 134 -36.84 16.02 24.09
N PRO D 135 -36.50 16.73 25.16
CA PRO D 135 -35.82 16.10 26.27
C PRO D 135 -36.61 15.00 27.06
N GLU D 136 -37.94 15.08 27.13
CA GLU D 136 -38.84 14.05 27.68
C GLU D 136 -38.55 12.66 27.12
N VAL D 137 -38.31 12.63 25.81
CA VAL D 137 -38.45 11.44 25.01
C VAL D 137 -37.25 10.51 25.06
N LYS D 138 -37.50 9.20 25.23
CA LYS D 138 -36.41 8.24 25.09
C LYS D 138 -36.40 7.67 23.66
N TRP D 139 -35.41 8.09 22.89
CA TRP D 139 -35.23 7.68 21.49
C TRP D 139 -33.84 7.10 21.18
N THR D 140 -33.80 5.95 20.51
CA THR D 140 -32.55 5.43 19.96
C THR D 140 -32.81 5.04 18.52
N HIS D 141 -31.80 5.08 17.66
CA HIS D 141 -32.10 4.79 16.27
C HIS D 141 -32.45 3.30 16.08
N GLU D 142 -32.00 2.44 16.99
CA GLU D 142 -32.39 1.03 16.95
C GLU D 142 -33.90 0.87 17.12
N GLN D 143 -34.46 1.63 18.05
CA GLN D 143 -35.89 1.63 18.25
C GLN D 143 -36.53 1.95 16.93
N GLY D 144 -36.04 3.01 16.29
CA GLY D 144 -36.53 3.44 15.00
C GLY D 144 -36.40 2.35 13.95
N SER D 145 -35.26 1.65 13.93
CA SER D 145 -35.02 0.58 12.97
C SER D 145 -36.06 -0.54 13.06
N VAL D 146 -36.45 -0.87 14.28
CA VAL D 146 -37.45 -1.90 14.46
C VAL D 146 -38.79 -1.38 13.95
N MET D 147 -39.13 -0.14 14.30
CA MET D 147 -40.33 0.51 13.78
C MET D 147 -40.36 0.65 12.25
N MET D 148 -39.24 1.06 11.67
CA MET D 148 -39.21 1.29 10.24
C MET D 148 -39.36 -0.03 9.51
N PHE D 149 -38.73 -1.07 10.05
CA PHE D 149 -38.82 -2.39 9.45
C PHE D 149 -40.27 -2.88 9.46
N GLU D 150 -41.00 -2.61 10.54
CA GLU D 150 -42.40 -3.01 10.62
C GLU D 150 -43.21 -2.20 9.59
N HIS D 151 -43.00 -0.89 9.56
CA HIS D 151 -43.66 -0.05 8.56
C HIS D 151 -43.36 -0.57 7.16
N LEU D 152 -42.13 -1.04 6.91
CA LEU D 152 -41.77 -1.55 5.59
C LEU D 152 -42.54 -2.82 5.18
N ILE D 153 -42.42 -3.89 5.97
CA ILE D 153 -43.02 -5.18 5.58
C ILE D 153 -44.53 -5.10 5.54
N ASN D 154 -45.11 -4.19 6.34
CA ASN D 154 -46.55 -4.03 6.33
C ASN D 154 -46.98 -3.26 5.11
N SER D 155 -46.22 -2.23 4.77
CA SER D 155 -46.52 -1.36 3.63
C SER D 155 -46.30 -1.99 2.25
N ASN D 156 -45.45 -3.00 2.19
CA ASN D 156 -45.10 -3.54 0.90
C ASN D 156 -45.40 -5.05 0.77
N GLY D 157 -46.23 -5.56 1.67
CA GLY D 157 -46.70 -6.94 1.60
C GLY D 157 -45.58 -7.95 1.51
N ILE D 158 -44.61 -7.80 2.39
CA ILE D 158 -43.40 -8.60 2.36
C ILE D 158 -43.63 -9.95 3.04
N LYS D 159 -44.59 -9.98 3.96
CA LYS D 159 -44.86 -11.21 4.72
C LYS D 159 -45.26 -12.39 3.82
N PRO D 160 -46.14 -12.18 2.81
CA PRO D 160 -46.39 -13.27 1.85
C PRO D 160 -45.11 -13.80 1.20
N VAL D 161 -44.21 -12.90 0.83
CA VAL D 161 -42.93 -13.24 0.22
C VAL D 161 -42.05 -14.00 1.19
N MET D 162 -42.14 -13.63 2.47
CA MET D 162 -41.38 -14.31 3.51
C MET D 162 -41.76 -15.78 3.57
N GLU D 163 -43.05 -16.07 3.54
CA GLU D 163 -43.49 -17.46 3.64
C GLU D 163 -43.11 -18.25 2.37
N GLN D 164 -43.16 -17.61 1.20
CA GLN D 164 -42.76 -18.26 -0.06
C GLN D 164 -41.32 -18.82 -0.02
N TYR D 165 -40.43 -18.19 0.75
CA TYR D 165 -39.03 -18.63 0.80
C TYR D 165 -38.72 -19.33 2.12
N GLY D 166 -39.77 -19.68 2.87
CA GLY D 166 -39.65 -20.59 4.00
C GLY D 166 -39.54 -19.98 5.38
N LEU D 167 -39.86 -18.70 5.49
CA LEU D 167 -39.80 -18.02 6.77
C LEU D 167 -41.12 -18.08 7.50
N ILE D 168 -41.07 -18.07 8.83
CA ILE D 168 -42.28 -17.91 9.64
C ILE D 168 -42.39 -16.49 10.15
N PRO D 169 -43.26 -15.68 9.52
CA PRO D 169 -43.41 -14.26 9.89
C PRO D 169 -43.55 -14.06 11.39
N GLU D 170 -44.43 -14.79 12.09
CA GLU D 170 -44.64 -14.53 13.51
C GLU D 170 -43.37 -14.73 14.32
N GLU D 171 -42.62 -15.78 14.02
CA GLU D 171 -41.40 -16.10 14.76
C GLU D 171 -40.11 -15.42 14.27
N ASP D 172 -39.96 -15.31 12.96
CA ASP D 172 -38.74 -14.77 12.40
C ASP D 172 -38.66 -13.26 12.44
N ILE D 173 -39.79 -12.59 12.27
CA ILE D 173 -39.81 -11.14 12.42
C ILE D 173 -39.43 -10.74 13.84
N CYS D 174 -39.84 -11.53 14.83
CA CYS D 174 -39.40 -11.28 16.19
C CYS D 174 -37.87 -11.44 16.29
N PHE D 175 -37.35 -12.50 15.67
CA PHE D 175 -35.91 -12.77 15.63
C PHE D 175 -35.13 -11.59 15.01
N ILE D 176 -35.60 -11.12 13.86
CA ILE D 176 -34.98 -10.02 13.14
C ILE D 176 -34.88 -8.75 13.99
N LYS D 177 -36.01 -8.38 14.58
CA LYS D 177 -36.08 -7.25 15.48
C LYS D 177 -35.18 -7.40 16.69
N GLU D 178 -35.05 -8.61 17.22
CA GLU D 178 -34.24 -8.82 18.42
C GLU D 178 -32.75 -8.66 18.16
N GLN D 179 -32.32 -9.00 16.94
CA GLN D 179 -30.93 -8.85 16.54
C GLN D 179 -30.53 -7.37 16.48
N ILE D 180 -31.54 -6.53 16.31
CA ILE D 180 -31.37 -5.11 16.09
C ILE D 180 -31.37 -4.31 17.38
N VAL D 181 -32.39 -4.55 18.19
CA VAL D 181 -32.69 -3.76 19.37
C VAL D 181 -32.44 -4.54 20.68
N GLY D 182 -32.23 -5.84 20.57
CA GLY D 182 -32.10 -6.71 21.74
C GLY D 182 -33.46 -7.28 22.10
N PRO D 183 -33.55 -7.99 23.24
CA PRO D 183 -34.79 -8.63 23.72
C PRO D 183 -35.89 -7.60 24.05
N LEU D 184 -37.12 -7.87 23.65
CA LEU D 184 -38.23 -6.91 23.78
C LEU D 184 -39.00 -6.90 25.12
N TRP D 193 -33.39 -16.76 30.03
CA TRP D 193 -33.19 -16.54 28.60
C TRP D 193 -34.22 -15.60 28.02
N PRO D 194 -33.80 -14.36 27.69
CA PRO D 194 -34.74 -13.28 27.37
C PRO D 194 -35.24 -13.23 25.91
N TYR D 195 -34.67 -14.01 25.00
CA TYR D 195 -35.07 -13.96 23.58
C TYR D 195 -36.14 -15.00 23.26
N LYS D 196 -37.24 -14.57 22.66
CA LYS D 196 -38.24 -15.53 22.20
C LYS D 196 -38.10 -15.90 20.71
N GLY D 197 -37.28 -15.17 19.97
CA GLY D 197 -37.17 -15.40 18.54
C GLY D 197 -36.45 -16.69 18.14
N ARG D 198 -35.48 -17.09 18.95
CA ARG D 198 -34.72 -18.32 18.72
C ARG D 198 -34.41 -18.95 20.07
N PRO D 199 -34.28 -20.27 20.12
CA PRO D 199 -33.91 -21.01 21.33
C PRO D 199 -32.47 -20.77 21.78
N GLU D 200 -32.16 -21.09 23.02
CA GLU D 200 -30.85 -20.80 23.59
C GLU D 200 -29.70 -21.52 22.90
N ASN D 201 -30.00 -22.59 22.18
CA ASN D 201 -28.95 -23.33 21.46
C ASN D 201 -28.48 -22.58 20.22
N LYS D 202 -29.21 -21.54 19.85
CA LYS D 202 -28.84 -20.72 18.71
C LYS D 202 -28.45 -19.33 19.20
N SER D 203 -27.98 -19.30 20.44
CA SER D 203 -27.54 -18.07 21.10
C SER D 203 -26.45 -17.31 20.35
N PHE D 204 -25.59 -18.05 19.66
CA PHE D 204 -24.44 -17.48 18.94
C PHE D 204 -24.85 -16.58 17.77
N LEU D 205 -26.05 -16.78 17.25
CA LEU D 205 -26.54 -15.94 16.16
C LEU D 205 -26.71 -14.45 16.54
N TYR D 206 -27.10 -14.18 17.78
CA TYR D 206 -27.36 -12.83 18.24
C TYR D 206 -26.06 -12.03 18.37
N GLU D 207 -24.96 -12.71 18.11
CA GLU D 207 -23.65 -12.10 18.22
C GLU D 207 -23.18 -11.65 16.85
N ILE D 208 -23.95 -11.98 15.83
CA ILE D 208 -23.49 -11.77 14.47
C ILE D 208 -23.75 -10.35 13.91
N VAL D 209 -24.98 -9.85 13.88
CA VAL D 209 -25.18 -8.52 13.32
C VAL D 209 -24.81 -7.44 14.34
N SER D 210 -25.31 -7.56 15.56
CA SER D 210 -25.02 -6.60 16.63
C SER D 210 -24.61 -7.26 17.95
N ASN D 211 -23.35 -7.04 18.32
CA ASN D 211 -22.72 -7.66 19.49
C ASN D 211 -22.50 -6.61 20.56
N LYS D 212 -23.31 -6.63 21.61
CA LYS D 212 -23.12 -5.66 22.67
C LYS D 212 -21.86 -5.79 23.51
N ARG D 213 -21.52 -6.97 24.04
CA ARG D 213 -20.44 -6.88 25.01
C ARG D 213 -18.96 -7.05 24.59
N ASN D 214 -18.62 -7.59 23.43
CA ASN D 214 -17.22 -7.35 23.02
C ASN D 214 -17.18 -6.34 21.86
N GLY D 215 -18.36 -6.06 21.29
CA GLY D 215 -18.48 -5.10 20.21
C GLY D 215 -17.84 -5.41 18.87
N ILE D 216 -17.55 -6.68 18.63
CA ILE D 216 -17.01 -7.13 17.35
C ILE D 216 -18.12 -7.80 16.55
N ASP D 217 -18.65 -7.08 15.56
CA ASP D 217 -19.80 -7.56 14.79
C ASP D 217 -19.61 -7.19 13.34
N VAL D 218 -20.44 -7.70 12.44
CA VAL D 218 -20.20 -7.40 11.03
C VAL D 218 -20.52 -5.94 10.70
N ASP D 219 -21.31 -5.27 11.53
CA ASP D 219 -21.59 -3.84 11.35
C ASP D 219 -20.28 -3.08 11.36
N LYS D 220 -19.44 -3.30 12.38
CA LYS D 220 -18.18 -2.58 12.54
C LYS D 220 -17.16 -2.95 11.45
N TRP D 221 -17.10 -4.22 11.10
CA TRP D 221 -16.16 -4.67 10.07
C TRP D 221 -16.41 -3.90 8.82
N ASP D 222 -17.67 -3.83 8.43
CA ASP D 222 -18.02 -3.13 7.20
C ASP D 222 -17.65 -1.67 7.26
N TYR D 223 -18.11 -0.96 8.29
CA TYR D 223 -17.94 0.50 8.23
C TYR D 223 -16.54 0.93 8.62
N PHE D 224 -15.79 0.06 9.30
CA PHE D 224 -14.36 0.35 9.45
C PHE D 224 -13.72 0.38 8.06
N ALA D 225 -13.91 -0.68 7.29
CA ALA D 225 -13.28 -0.79 5.97
C ALA D 225 -13.74 0.32 5.06
N ARG D 226 -15.05 0.57 5.09
CA ARG D 226 -15.68 1.53 4.20
C ARG D 226 -15.29 2.97 4.55
N ASP D 227 -15.33 3.33 5.83
CA ASP D 227 -14.98 4.68 6.20
C ASP D 227 -13.50 4.89 5.87
N CYS D 228 -12.66 3.88 6.09
CA CYS D 228 -11.23 3.93 5.72
C CYS D 228 -11.00 4.18 4.26
N HIS D 229 -11.79 3.50 3.44
CA HIS D 229 -11.67 3.57 1.99
C HIS D 229 -12.01 4.94 1.45
N HIS D 230 -13.03 5.56 2.03
CA HIS D 230 -13.49 6.86 1.58
C HIS D 230 -12.68 8.00 2.21
N LEU D 231 -12.10 7.76 3.39
CA LEU D 231 -11.34 8.77 4.11
C LEU D 231 -9.87 8.83 3.76
N GLY D 232 -9.35 7.75 3.20
CA GLY D 232 -7.93 7.59 2.90
C GLY D 232 -7.12 7.37 4.16
N ILE D 233 -7.63 6.47 4.97
CA ILE D 233 -7.01 6.01 6.22
C ILE D 233 -6.74 4.53 6.11
N GLN D 234 -5.58 4.07 6.58
CA GLN D 234 -5.23 2.68 6.33
C GLN D 234 -5.92 1.70 7.23
N ASN D 235 -6.41 0.62 6.60
CA ASN D 235 -7.13 -0.47 7.26
C ASN D 235 -6.21 -1.67 7.44
N ASN D 236 -5.96 -2.07 8.69
CA ASN D 236 -5.00 -3.12 8.97
C ASN D 236 -5.69 -4.47 9.20
N PHE D 237 -7.01 -4.41 9.35
CA PHE D 237 -7.87 -5.57 9.60
C PHE D 237 -8.31 -6.31 8.34
N ASP D 238 -8.05 -7.62 8.27
CA ASP D 238 -8.55 -8.44 7.16
C ASP D 238 -9.74 -9.26 7.63
N TYR D 239 -10.94 -8.78 7.33
CA TYR D 239 -12.14 -9.38 7.88
C TYR D 239 -12.48 -10.76 7.33
N LYS D 240 -12.02 -11.14 6.14
CA LYS D 240 -12.43 -12.48 5.68
C LYS D 240 -11.60 -13.60 6.27
N ARG D 241 -10.35 -13.33 6.59
CA ARG D 241 -9.57 -14.39 7.24
C ARG D 241 -10.16 -14.56 8.64
N PHE D 242 -10.64 -13.44 9.18
CA PHE D 242 -11.36 -13.48 10.45
C PHE D 242 -12.59 -14.35 10.33
N ILE D 243 -13.25 -14.31 9.16
CA ILE D 243 -14.44 -15.13 9.01
C ILE D 243 -14.23 -16.62 8.80
N LYS D 244 -13.21 -17.07 8.08
CA LYS D 244 -13.15 -18.53 7.95
C LYS D 244 -12.26 -19.23 8.99
N PHE D 245 -11.64 -18.46 9.87
CA PHE D 245 -11.04 -19.02 11.07
C PHE D 245 -12.02 -18.85 12.22
N ALA D 246 -13.22 -18.37 11.90
CA ALA D 246 -14.26 -18.17 12.91
C ALA D 246 -14.95 -19.47 13.24
N ARG D 247 -15.11 -19.74 14.53
CA ARG D 247 -15.79 -20.95 14.96
C ARG D 247 -16.68 -20.69 16.19
N VAL D 248 -17.70 -21.53 16.38
CA VAL D 248 -18.52 -21.51 17.59
C VAL D 248 -17.99 -22.48 18.62
N CYS D 249 -17.77 -21.97 19.82
CA CYS D 249 -17.27 -22.78 20.92
C CYS D 249 -18.09 -22.47 22.15
N GLU D 250 -18.07 -23.41 23.10
CA GLU D 250 -18.80 -23.22 24.33
C GLU D 250 -17.91 -22.51 25.38
N VAL D 251 -18.42 -21.41 25.96
CA VAL D 251 -17.70 -20.58 26.95
C VAL D 251 -18.68 -20.28 28.09
N ASP D 252 -18.45 -20.91 29.25
CA ASP D 252 -19.32 -20.81 30.44
C ASP D 252 -20.73 -21.36 30.18
N ASN D 253 -20.80 -22.43 29.40
CA ASN D 253 -22.03 -23.16 29.01
C ASN D 253 -23.09 -22.29 28.24
N GLU D 254 -22.66 -21.18 27.60
CA GLU D 254 -23.51 -20.48 26.61
C GLU D 254 -22.71 -20.21 25.30
N LEU D 255 -23.35 -20.39 24.15
CA LEU D 255 -22.60 -20.57 22.90
C LEU D 255 -22.24 -19.27 22.20
N ARG D 256 -20.94 -19.01 22.06
CA ARG D 256 -20.48 -17.72 21.53
C ARG D 256 -19.53 -17.92 20.34
N ILE D 257 -19.36 -16.88 19.54
CA ILE D 257 -18.46 -16.92 18.39
C ILE D 257 -17.00 -16.63 18.75
N CYS D 258 -16.09 -17.55 18.40
CA CYS D 258 -14.70 -17.46 18.81
C CYS D 258 -13.74 -17.58 17.63
N ALA D 259 -12.53 -17.03 17.82
CA ALA D 259 -11.53 -17.04 16.77
C ALA D 259 -10.41 -17.99 17.18
N ARG D 260 -9.75 -18.63 16.21
CA ARG D 260 -8.58 -19.40 16.55
C ARG D 260 -7.44 -18.44 16.85
N ASP D 261 -6.56 -18.78 17.79
CA ASP D 261 -5.70 -17.73 18.39
C ASP D 261 -4.54 -17.23 17.57
N LYS D 262 -4.19 -17.75 16.42
CA LYS D 262 -3.04 -17.00 15.89
C LYS D 262 -3.44 -15.77 15.07
N GLU D 263 -4.74 -15.57 14.94
CA GLU D 263 -5.24 -14.34 14.31
C GLU D 263 -5.55 -13.29 15.39
N VAL D 264 -5.00 -13.51 16.58
CA VAL D 264 -4.96 -12.51 17.66
C VAL D 264 -4.21 -11.31 17.09
N GLY D 265 -3.28 -11.59 16.18
CA GLY D 265 -2.54 -10.57 15.46
C GLY D 265 -3.50 -9.77 14.62
N ASN D 266 -4.49 -10.45 14.05
CA ASN D 266 -5.54 -9.78 13.27
C ASN D 266 -6.45 -8.93 14.14
N LEU D 267 -6.74 -9.42 15.34
CA LEU D 267 -7.61 -8.66 16.23
C LEU D 267 -7.02 -7.32 16.61
N TYR D 268 -5.72 -7.28 16.88
CA TYR D 268 -5.10 -6.03 17.31
C TYR D 268 -5.05 -5.03 16.14
N ASP D 269 -4.94 -5.54 14.93
CA ASP D 269 -5.00 -4.69 13.74
C ASP D 269 -6.39 -4.03 13.63
N MET D 270 -7.44 -4.77 13.93
CA MET D 270 -8.78 -4.22 13.90
C MET D 270 -8.93 -3.12 14.92
N PHE D 271 -8.37 -3.37 16.11
CA PHE D 271 -8.47 -2.42 17.21
C PHE D 271 -7.65 -1.19 16.90
N HIS D 272 -6.52 -1.36 16.18
CA HIS D 272 -5.76 -0.19 15.82
C HIS D 272 -6.51 0.61 14.74
N THR D 273 -7.19 -0.08 13.84
CA THR D 273 -7.99 0.56 12.81
C THR D 273 -9.11 1.39 13.44
N ARG D 274 -9.74 0.80 14.46
CA ARG D 274 -10.77 1.46 15.27
C ARG D 274 -10.28 2.76 15.93
N ASN D 275 -9.11 2.68 16.54
CA ASN D 275 -8.57 3.81 17.28
C ASN D 275 -8.19 4.94 16.35
N SER D 276 -7.70 4.59 15.16
CA SER D 276 -7.38 5.61 14.17
C SER D 276 -8.58 6.36 13.65
N LEU D 277 -9.64 5.64 13.30
CA LEU D 277 -10.83 6.26 12.76
C LEU D 277 -11.40 7.22 13.79
N HIS D 278 -11.39 6.79 15.06
CA HIS D 278 -11.84 7.66 16.13
C HIS D 278 -10.94 8.86 16.31
N ARG D 279 -9.64 8.61 16.40
CA ARG D 279 -8.71 9.67 16.69
C ARG D 279 -8.59 10.63 15.53
N ARG D 280 -8.60 10.08 14.31
CA ARG D 280 -8.40 10.94 13.14
C ARG D 280 -9.69 11.54 12.58
N ALA D 281 -10.80 10.82 12.68
CA ALA D 281 -12.02 11.24 11.97
C ALA D 281 -13.26 11.45 12.84
N TYR D 282 -13.68 10.44 13.57
CA TYR D 282 -14.89 10.57 14.35
C TYR D 282 -14.81 11.67 15.46
N GLN D 283 -13.62 11.90 16.02
CA GLN D 283 -13.45 12.88 17.08
C GLN D 283 -12.82 14.17 16.59
N HIS D 284 -12.84 14.38 15.29
CA HIS D 284 -12.23 15.56 14.67
C HIS D 284 -12.85 16.85 15.20
N LYS D 285 -12.02 17.85 15.53
CA LYS D 285 -12.58 19.01 16.23
C LYS D 285 -13.50 19.85 15.32
N VAL D 286 -13.11 20.09 14.07
CA VAL D 286 -13.97 20.88 13.17
C VAL D 286 -15.24 20.12 12.76
N GLY D 287 -15.06 18.83 12.50
CA GLY D 287 -16.15 17.95 12.11
C GLY D 287 -17.27 17.98 13.12
N ASN D 288 -16.93 17.87 14.41
CA ASN D 288 -17.95 17.88 15.44
C ASN D 288 -18.61 19.23 15.62
N ILE D 289 -17.84 20.30 15.48
CA ILE D 289 -18.41 21.65 15.54
C ILE D 289 -19.49 21.81 14.50
N ILE D 290 -19.22 21.32 13.30
CA ILE D 290 -20.15 21.48 12.20
C ILE D 290 -21.46 20.72 12.40
N ASP D 291 -21.38 19.52 12.96
CA ASP D 291 -22.58 18.76 13.33
C ASP D 291 -23.41 19.48 14.40
N THR D 292 -22.74 20.18 15.32
CA THR D 292 -23.48 20.97 16.32
C THR D 292 -24.06 22.25 15.69
N MET D 293 -23.45 22.77 14.63
CA MET D 293 -24.02 23.91 13.88
C MET D 293 -25.25 23.47 13.07
N ILE D 294 -25.18 22.31 12.43
CA ILE D 294 -26.31 21.76 11.70
C ILE D 294 -27.47 21.49 12.66
N THR D 295 -27.12 20.99 13.83
CA THR D 295 -28.10 20.78 14.89
C THR D 295 -28.74 22.07 15.39
N ASP D 296 -27.94 23.12 15.56
CA ASP D 296 -28.46 24.41 15.99
C ASP D 296 -29.43 24.97 14.96
N ALA D 297 -29.11 24.76 13.68
CA ALA D 297 -29.95 25.23 12.60
C ALA D 297 -31.28 24.51 12.63
N PHE D 298 -31.25 23.21 12.90
CA PHE D 298 -32.45 22.37 12.91
C PHE D 298 -33.35 22.82 14.04
N LEU D 299 -32.76 23.10 15.20
CA LEU D 299 -33.52 23.56 16.37
C LEU D 299 -34.23 24.87 16.04
N LYS D 300 -33.56 25.74 15.30
CA LYS D 300 -34.14 27.00 14.92
C LYS D 300 -35.15 26.87 13.81
N ALA D 301 -35.30 25.69 13.22
CA ALA D 301 -36.27 25.58 12.13
C ALA D 301 -37.44 24.65 12.49
N ASP D 302 -37.31 23.95 13.61
CA ASP D 302 -38.26 22.90 13.97
C ASP D 302 -39.68 23.41 14.05
N ASP D 303 -39.83 24.58 14.62
CA ASP D 303 -41.13 25.23 14.75
C ASP D 303 -41.79 25.47 13.42
N TYR D 304 -40.98 25.58 12.36
CA TYR D 304 -41.42 26.09 11.08
C TYR D 304 -41.53 25.09 9.95
N ILE D 305 -40.76 24.02 10.04
CA ILE D 305 -40.74 23.01 8.98
C ILE D 305 -41.74 21.91 9.22
N GLU D 306 -42.50 21.59 8.18
CA GLU D 306 -43.54 20.57 8.23
C GLU D 306 -43.22 19.36 7.35
N ILE D 307 -43.25 18.17 7.93
CA ILE D 307 -43.12 16.95 7.15
C ILE D 307 -44.45 16.19 7.17
N THR D 308 -45.00 15.87 6.00
CA THR D 308 -46.31 15.23 5.93
C THR D 308 -46.28 13.72 6.18
N GLY D 309 -46.92 13.26 7.26
CA GLY D 309 -46.98 11.85 7.61
C GLY D 309 -48.30 11.23 7.19
N ALA D 310 -48.69 10.14 7.85
CA ALA D 310 -49.90 9.36 7.50
C ALA D 310 -51.21 10.14 7.60
N GLY D 311 -52.20 9.86 6.76
CA GLY D 311 -53.48 10.54 6.88
C GLY D 311 -53.36 12.04 6.76
N GLY D 312 -52.30 12.52 6.12
CA GLY D 312 -52.10 13.95 5.89
C GLY D 312 -51.64 14.85 7.04
N LYS D 313 -51.62 14.30 8.25
CA LYS D 313 -51.10 15.00 9.44
C LYS D 313 -49.73 15.55 9.18
N LYS D 314 -49.44 16.71 9.77
CA LYS D 314 -48.13 17.31 9.57
C LYS D 314 -47.31 17.25 10.84
N TYR D 315 -46.01 17.05 10.65
CA TYR D 315 -45.12 16.73 11.73
C TYR D 315 -43.95 17.65 11.74
N ARG D 316 -43.29 17.74 12.88
CA ARG D 316 -42.11 18.57 12.96
C ARG D 316 -40.94 17.63 12.72
N ILE D 317 -39.78 18.19 12.43
CA ILE D 317 -38.57 17.40 12.31
C ILE D 317 -38.41 16.58 13.58
N SER D 318 -38.65 17.20 14.72
CA SER D 318 -38.46 16.56 16.01
C SER D 318 -39.58 15.59 16.37
N THR D 319 -40.77 15.76 15.78
CA THR D 319 -41.87 14.87 16.13
C THR D 319 -42.20 13.86 15.01
N ALA D 320 -41.46 13.91 13.91
CA ALA D 320 -41.62 12.92 12.82
C ALA D 320 -41.22 11.49 13.25
N ILE D 321 -40.47 11.37 14.35
CA ILE D 321 -40.10 10.07 14.86
C ILE D 321 -41.35 9.35 15.39
N ASP D 322 -42.42 10.12 15.53
CA ASP D 322 -43.66 9.61 16.08
C ASP D 322 -44.50 8.91 15.02
N ASP D 323 -44.30 9.29 13.76
CA ASP D 323 -45.01 8.64 12.65
C ASP D 323 -44.10 8.23 11.51
N MET D 324 -44.01 6.94 11.23
CA MET D 324 -43.03 6.44 10.24
C MET D 324 -43.24 6.91 8.79
N GLU D 325 -44.48 7.22 8.44
CA GLU D 325 -44.75 7.68 7.09
C GLU D 325 -44.07 9.01 6.84
N ALA D 326 -44.03 9.83 7.87
CA ALA D 326 -43.28 11.08 7.88
C ALA D 326 -41.77 10.85 8.01
N TYR D 327 -41.40 9.87 8.81
CA TYR D 327 -39.99 9.62 9.07
C TYR D 327 -39.32 9.13 7.79
N THR D 328 -40.08 8.41 6.98
CA THR D 328 -39.61 7.95 5.68
C THR D 328 -39.14 9.15 4.85
N LYS D 329 -39.84 10.26 5.01
CA LYS D 329 -39.54 11.47 4.28
C LYS D 329 -38.56 12.40 5.02
N LEU D 330 -37.95 11.94 6.11
CA LEU D 330 -37.01 12.79 6.86
C LEU D 330 -35.56 12.35 6.72
N THR D 331 -34.83 13.04 5.85
CA THR D 331 -33.43 12.72 5.53
C THR D 331 -32.49 13.94 5.49
N ASP D 332 -31.31 13.75 4.90
CA ASP D 332 -30.31 14.81 4.86
C ASP D 332 -30.82 16.00 4.08
N ASN D 333 -31.86 15.79 3.29
CA ASN D 333 -32.52 16.81 2.48
C ASN D 333 -33.05 17.97 3.28
N ILE D 334 -33.33 17.74 4.55
CA ILE D 334 -33.93 18.79 5.37
C ILE D 334 -32.92 19.92 5.56
N PHE D 335 -31.65 19.59 5.38
CA PHE D 335 -30.59 20.58 5.43
C PHE D 335 -30.80 21.57 4.29
N LEU D 336 -30.97 21.06 3.08
CA LEU D 336 -31.09 21.92 1.90
C LEU D 336 -32.44 22.65 1.83
N GLU D 337 -33.50 22.03 2.38
CA GLU D 337 -34.83 22.65 2.44
C GLU D 337 -34.74 23.94 3.25
N ILE D 338 -34.00 23.89 4.36
CA ILE D 338 -33.74 25.08 5.14
C ILE D 338 -32.89 26.08 4.35
N LEU D 339 -31.81 25.59 3.77
CA LEU D 339 -30.86 26.47 3.10
C LEU D 339 -31.43 27.26 1.92
N TYR D 340 -32.34 26.65 1.19
CA TYR D 340 -32.86 27.25 -0.03
C TYR D 340 -34.13 28.02 0.20
N SER D 341 -34.61 28.01 1.45
CA SER D 341 -35.90 28.62 1.78
C SER D 341 -35.87 30.12 1.71
N THR D 342 -37.03 30.68 1.41
CA THR D 342 -37.23 32.11 1.31
C THR D 342 -38.04 32.63 2.48
N ASP D 343 -38.86 31.74 3.06
CA ASP D 343 -39.70 32.03 4.22
C ASP D 343 -38.85 32.76 5.27
N PRO D 344 -39.32 33.93 5.76
CA PRO D 344 -38.61 34.82 6.70
C PRO D 344 -38.46 34.29 8.12
N LYS D 345 -39.38 33.39 8.43
CA LYS D 345 -39.44 32.63 9.64
C LYS D 345 -38.16 31.76 9.74
N LEU D 346 -37.61 31.32 8.60
CA LEU D 346 -36.43 30.45 8.53
C LEU D 346 -35.06 31.15 8.42
N LYS D 347 -35.05 32.47 8.49
CA LYS D 347 -33.81 33.26 8.35
C LYS D 347 -32.74 32.94 9.38
N ASP D 348 -33.12 32.80 10.64
CA ASP D 348 -32.13 32.52 11.66
C ASP D 348 -31.45 31.18 11.40
N ALA D 349 -32.23 30.17 11.00
CA ALA D 349 -31.68 28.83 10.68
C ALA D 349 -30.81 28.87 9.44
N ARG D 350 -31.35 29.49 8.40
CA ARG D 350 -30.66 29.66 7.14
C ARG D 350 -29.33 30.36 7.30
N GLU D 351 -29.21 31.27 8.26
CA GLU D 351 -27.97 32.03 8.43
C GLU D 351 -26.91 31.15 9.06
N ILE D 352 -27.34 30.23 9.92
CA ILE D 352 -26.41 29.30 10.55
C ILE D 352 -25.83 28.34 9.52
N LEU D 353 -26.67 27.87 8.61
CA LEU D 353 -26.20 27.00 7.53
C LEU D 353 -25.30 27.78 6.58
N LYS D 354 -25.65 29.03 6.29
CA LYS D 354 -24.79 29.89 5.47
C LYS D 354 -23.41 30.18 6.11
N GLN D 355 -23.33 30.23 7.45
CA GLN D 355 -22.04 30.38 8.11
C GLN D 355 -21.10 29.21 7.77
N ILE D 356 -21.65 28.00 7.70
CA ILE D 356 -20.90 26.81 7.29
C ILE D 356 -20.39 26.88 5.85
N GLU D 357 -21.22 27.39 4.94
CA GLU D 357 -20.84 27.56 3.53
C GLU D 357 -19.68 28.56 3.39
N TYR D 358 -19.73 29.67 4.12
CA TYR D 358 -18.67 30.69 4.07
C TYR D 358 -17.49 30.32 5.00
N ARG D 359 -17.67 29.23 5.75
CA ARG D 359 -16.69 28.72 6.67
C ARG D 359 -16.33 29.68 7.81
N ASN D 360 -17.36 30.36 8.30
CA ASN D 360 -17.28 31.10 9.55
C ASN D 360 -17.89 30.25 10.63
N LEU D 361 -17.11 29.38 11.24
CA LEU D 361 -17.70 28.42 12.18
C LEU D 361 -17.71 28.91 13.63
N PHE D 362 -18.42 28.17 14.47
CA PHE D 362 -18.36 28.36 15.92
C PHE D 362 -16.90 28.24 16.35
N LYS D 363 -16.53 28.92 17.43
CA LYS D 363 -15.14 28.90 17.84
C LYS D 363 -14.90 27.93 18.99
N TYR D 364 -13.78 27.22 18.89
CA TYR D 364 -13.42 26.19 19.85
C TYR D 364 -12.85 26.81 21.13
N VAL D 365 -13.51 26.53 22.25
CA VAL D 365 -13.12 27.06 23.56
C VAL D 365 -12.26 26.10 24.36
N GLY D 366 -12.67 24.85 24.50
CA GLY D 366 -11.85 23.91 25.23
C GLY D 366 -12.45 22.53 25.36
N GLU D 367 -11.69 21.63 25.99
CA GLU D 367 -12.14 20.26 26.16
C GLU D 367 -11.90 19.80 27.61
N THR D 368 -12.79 18.95 28.10
CA THR D 368 -12.68 18.38 29.44
C THR D 368 -13.26 16.99 29.50
N GLN D 369 -12.99 16.32 30.62
CA GLN D 369 -13.51 14.98 30.88
C GLN D 369 -14.20 14.90 32.22
N PRO D 370 -15.20 14.02 32.33
CA PRO D 370 -15.92 13.69 33.56
C PRO D 370 -15.27 12.65 34.44
N THR D 371 -14.52 13.08 35.45
CA THR D 371 -14.01 12.15 36.46
C THR D 371 -14.98 12.25 37.63
N GLY D 372 -15.17 11.15 38.37
CA GLY D 372 -14.50 9.90 38.11
C GLY D 372 -15.45 8.93 37.43
N GLN D 373 -16.60 8.71 38.06
CA GLN D 373 -17.60 7.82 37.50
C GLN D 373 -18.84 8.58 36.99
N ILE D 374 -18.85 9.91 37.10
CA ILE D 374 -20.03 10.63 36.67
C ILE D 374 -20.21 10.62 35.15
N LYS D 375 -21.37 10.15 34.71
CA LYS D 375 -21.66 10.08 33.29
C LYS D 375 -22.69 11.15 32.97
N ILE D 376 -22.45 12.00 31.97
CA ILE D 376 -23.47 12.96 31.59
C ILE D 376 -24.58 12.27 30.82
N LYS D 377 -25.83 12.51 31.20
CA LYS D 377 -26.93 11.79 30.57
C LYS D 377 -27.59 12.69 29.53
N ARG D 378 -28.07 12.07 28.47
CA ARG D 378 -28.63 12.77 27.31
C ARG D 378 -29.65 13.81 27.64
N GLU D 379 -30.37 13.55 28.72
CA GLU D 379 -31.40 14.47 29.12
C GLU D 379 -31.00 15.72 29.83
N ASP D 380 -29.73 15.77 30.17
CA ASP D 380 -29.16 16.91 30.84
C ASP D 380 -28.43 17.76 29.82
N TYR D 381 -28.49 17.35 28.55
CA TYR D 381 -27.78 18.09 27.49
C TYR D 381 -28.25 19.54 27.43
N GLU D 382 -29.56 19.72 27.40
CA GLU D 382 -30.19 21.03 27.23
C GLU D 382 -29.82 22.02 28.33
N SER D 383 -29.60 21.52 29.54
CA SER D 383 -29.27 22.41 30.66
C SER D 383 -27.84 22.97 30.56
N LEU D 384 -26.92 22.20 29.99
CA LEU D 384 -25.49 22.50 30.07
C LEU D 384 -25.02 23.90 29.62
N PRO D 385 -25.59 24.44 28.52
CA PRO D 385 -25.13 25.78 28.16
C PRO D 385 -25.52 26.80 29.23
N LYS D 386 -26.63 26.58 29.92
CA LYS D 386 -27.04 27.46 31.03
C LYS D 386 -26.11 27.29 32.22
N GLU D 387 -25.74 26.05 32.49
CA GLU D 387 -24.79 25.73 33.56
C GLU D 387 -23.44 26.40 33.40
N VAL D 388 -22.93 26.42 32.18
CA VAL D 388 -21.65 27.05 31.93
C VAL D 388 -21.76 28.55 32.05
N ALA D 389 -22.83 29.11 31.48
CA ALA D 389 -23.03 30.56 31.44
C ALA D 389 -23.28 31.11 32.83
N SER D 390 -23.75 30.25 33.72
CA SER D 390 -24.12 30.65 35.06
C SER D 390 -22.96 30.53 36.05
N ALA D 391 -21.86 29.95 35.61
CA ALA D 391 -20.68 29.86 36.46
C ALA D 391 -20.13 31.26 36.64
N LYS D 392 -19.53 31.50 37.79
CA LYS D 392 -19.01 32.81 38.10
C LYS D 392 -17.50 32.73 38.00
N PRO D 393 -16.96 33.27 36.90
CA PRO D 393 -15.60 33.03 36.46
C PRO D 393 -14.57 33.93 37.17
N LYS D 394 -14.90 34.78 38.16
CA LYS D 394 -14.04 35.97 38.43
C LYS D 394 -12.68 35.46 38.84
N VAL D 395 -11.59 36.00 38.25
CA VAL D 395 -11.66 37.27 37.47
C VAL D 395 -12.69 37.42 36.28
N LEU D 396 -13.60 38.37 36.52
CA LEU D 396 -14.68 38.83 35.70
C LEU D 396 -14.08 39.83 34.77
N LEU D 397 -14.56 39.84 33.55
CA LEU D 397 -14.07 40.83 32.63
C LEU D 397 -15.17 41.41 31.74
N ASP D 398 -14.75 42.24 30.80
CA ASP D 398 -15.57 43.33 30.26
C ASP D 398 -16.96 42.94 29.75
N VAL D 399 -17.07 41.74 29.22
CA VAL D 399 -18.36 41.31 28.71
C VAL D 399 -18.86 40.06 29.41
N LYS D 400 -20.19 39.97 29.52
CA LYS D 400 -20.83 38.78 30.05
C LYS D 400 -21.65 38.11 28.97
N LEU D 401 -21.60 36.79 28.98
CA LEU D 401 -22.13 35.98 27.91
C LEU D 401 -23.41 35.30 28.37
N LYS D 402 -24.43 35.28 27.52
CA LYS D 402 -25.63 34.51 27.86
C LYS D 402 -25.42 33.06 27.43
N ALA D 403 -26.33 32.18 27.85
CA ALA D 403 -26.23 30.76 27.54
C ALA D 403 -26.43 30.53 26.04
N GLU D 404 -27.14 31.45 25.40
CA GLU D 404 -27.38 31.38 23.96
C GLU D 404 -26.06 31.49 23.20
N ASP D 405 -25.01 31.97 23.86
CA ASP D 405 -23.69 32.12 23.24
C ASP D 405 -22.83 30.85 23.34
N PHE D 406 -23.32 29.85 24.07
CA PHE D 406 -22.57 28.60 24.27
C PHE D 406 -23.16 27.35 23.60
N ILE D 407 -22.27 26.50 23.11
CA ILE D 407 -22.60 25.15 22.64
C ILE D 407 -21.83 24.15 23.53
N VAL D 408 -22.54 23.20 24.12
CA VAL D 408 -21.89 22.14 24.90
C VAL D 408 -22.08 20.83 24.16
N ASP D 409 -20.96 20.21 23.79
CA ASP D 409 -20.99 18.99 22.97
C ASP D 409 -20.51 17.78 23.76
N VAL D 410 -21.32 16.73 23.79
CA VAL D 410 -21.01 15.51 24.55
C VAL D 410 -20.68 14.33 23.66
N ILE D 411 -19.40 13.93 23.66
CA ILE D 411 -18.92 12.87 22.79
C ILE D 411 -18.70 11.54 23.50
N ASN D 412 -19.43 10.51 23.12
CA ASN D 412 -19.29 9.20 23.77
C ASN D 412 -18.67 8.15 22.87
N MET D 413 -17.94 7.20 23.46
CA MET D 413 -17.51 6.00 22.74
C MET D 413 -18.55 4.88 22.95
N GLU D 455 -15.27 6.04 27.36
CA GLU D 455 -14.96 7.38 27.84
C GLU D 455 -16.05 8.36 27.41
N GLN D 456 -15.97 9.57 27.96
CA GLN D 456 -16.81 10.69 27.57
C GLN D 456 -15.99 11.96 27.44
N LEU D 457 -16.17 12.71 26.35
CA LEU D 457 -15.54 14.00 26.21
C LEU D 457 -16.57 15.10 26.30
N ILE D 458 -16.20 16.22 26.91
CA ILE D 458 -17.10 17.35 26.94
C ILE D 458 -16.35 18.51 26.34
N ARG D 459 -16.84 19.00 25.21
CA ARG D 459 -16.21 20.14 24.55
C ARG D 459 -17.14 21.35 24.58
N VAL D 460 -16.54 22.53 24.63
CA VAL D 460 -17.33 23.75 24.65
C VAL D 460 -16.91 24.64 23.51
N TYR D 461 -17.89 25.14 22.78
CA TYR D 461 -17.64 26.06 21.68
C TYR D 461 -18.36 27.37 21.98
N CYS D 462 -17.83 28.49 21.49
CA CYS D 462 -18.53 29.76 21.62
C CYS D 462 -19.05 30.27 20.26
N LYS D 463 -20.26 30.84 20.24
CA LYS D 463 -20.80 31.38 18.99
C LYS D 463 -20.34 32.80 18.71
N LYS D 464 -19.84 33.50 19.73
CA LYS D 464 -19.34 34.84 19.53
C LYS D 464 -17.85 34.76 19.21
N VAL D 465 -17.42 35.54 18.22
CA VAL D 465 -16.08 35.43 17.66
C VAL D 465 -15.21 36.62 18.01
N ASP D 466 -15.78 37.57 18.78
CA ASP D 466 -14.98 38.65 19.33
C ASP D 466 -13.89 37.92 20.06
N ARG D 467 -12.67 38.42 20.03
CA ARG D 467 -11.70 37.75 20.87
C ARG D 467 -11.88 38.19 22.30
N LYS D 468 -12.67 39.24 22.55
CA LYS D 468 -12.93 39.58 23.96
C LYS D 468 -14.03 38.66 24.54
N SER D 469 -15.03 38.32 23.73
CA SER D 469 -15.97 37.28 24.14
C SER D 469 -15.30 35.92 24.25
N LEU D 470 -14.46 35.58 23.27
CA LEU D 470 -13.82 34.27 23.27
C LEU D 470 -12.93 34.07 24.48
N TYR D 471 -12.36 35.15 24.99
CA TYR D 471 -11.57 35.05 26.20
C TYR D 471 -12.48 34.75 27.37
N ALA D 472 -13.59 35.48 27.43
CA ALA D 472 -14.60 35.31 28.46
C ALA D 472 -15.17 33.88 28.50
N ALA D 473 -15.54 33.37 27.31
CA ALA D 473 -16.07 32.02 27.20
C ALA D 473 -15.10 31.02 27.80
N ARG D 474 -13.81 31.21 27.58
CA ARG D 474 -12.81 30.31 28.16
C ARG D 474 -12.81 30.34 29.69
N GLN D 475 -13.07 31.51 30.28
CA GLN D 475 -13.05 31.58 31.74
C GLN D 475 -14.25 30.92 32.38
N TYR D 476 -15.43 31.22 31.86
CA TYR D 476 -16.66 30.54 32.28
C TYR D 476 -16.44 29.04 32.25
N PHE D 477 -15.75 28.57 31.22
CA PHE D 477 -15.55 27.15 30.98
C PHE D 477 -14.61 26.48 31.97
N VAL D 478 -13.44 27.09 32.19
CA VAL D 478 -12.42 26.50 33.06
C VAL D 478 -12.98 26.33 34.47
N GLN D 479 -13.85 27.26 34.87
CA GLN D 479 -14.45 27.23 36.19
C GLN D 479 -15.65 26.30 36.23
N TRP D 480 -16.33 26.15 35.10
CA TRP D 480 -17.45 25.23 35.03
C TRP D 480 -17.02 23.81 35.30
N CYS D 481 -15.88 23.45 34.73
CA CYS D 481 -15.26 22.15 34.95
C CYS D 481 -14.96 21.97 36.43
N ALA D 482 -14.52 23.06 37.04
CA ALA D 482 -14.14 23.11 38.46
C ALA D 482 -15.30 22.85 39.40
N ASP D 483 -16.38 23.56 39.14
CA ASP D 483 -17.62 23.46 39.91
C ASP D 483 -18.32 22.12 39.77
N ARG D 484 -17.98 21.40 38.72
CA ARG D 484 -18.59 20.09 38.49
C ARG D 484 -17.60 18.95 38.64
N ASN D 485 -16.40 19.29 39.12
CA ASN D 485 -15.36 18.31 39.44
C ASN D 485 -14.81 17.61 38.19
N PHE D 486 -14.77 18.32 37.07
CA PHE D 486 -14.19 17.78 35.83
C PHE D 486 -12.69 18.03 35.70
N THR D 487 -12.04 17.34 34.76
CA THR D 487 -10.60 17.50 34.54
C THR D 487 -10.35 18.96 34.10
N LYS D 488 -9.20 19.54 34.42
CA LYS D 488 -8.97 20.91 34.00
C LYS D 488 -8.37 20.98 32.63
N PRO D 489 -8.93 21.84 31.78
CA PRO D 489 -8.70 22.01 30.33
C PRO D 489 -7.26 22.29 29.94
N GLN D 490 -6.52 21.24 29.64
CA GLN D 490 -5.11 21.39 29.31
C GLN D 490 -4.92 21.90 27.88
FE FE E . 17.00 -17.39 -11.93
PG DGT F . 36.06 7.70 -6.51
O1G DGT F . 36.23 9.14 -6.80
O2G DGT F . 36.69 6.88 -7.58
O3G DGT F . 36.67 7.39 -5.16
O3B DGT F . 34.53 7.39 -6.44
PB DGT F . 33.84 6.12 -7.14
O1B DGT F . 32.38 6.38 -7.01
O2B DGT F . 34.24 5.97 -8.58
O3A DGT F . 34.24 4.76 -6.40
PA DGT F . 33.48 4.21 -5.07
O1A DGT F . 33.83 2.78 -4.84
O2A DGT F . 33.87 4.97 -3.86
O5' DGT F . 31.91 4.35 -5.30
C5' DGT F . 31.09 3.25 -4.89
C4' DGT F . 29.62 3.49 -5.21
O4' DGT F . 28.92 2.42 -4.52
C3' DGT F . 29.17 4.74 -4.63
O3' DGT F . 27.93 5.11 -5.27
C2' DGT F . 28.84 4.45 -3.21
C1' DGT F . 28.38 3.03 -3.28
N9 DGT F . 28.88 2.31 -2.17
C8 DGT F . 28.23 1.19 -1.45
N7 DGT F . 29.06 0.88 -0.54
C5 DGT F . 30.08 1.52 -0.51
C6 DGT F . 31.18 1.36 0.42
O6 DGT F . 31.14 0.51 1.29
N1 DGT F . 32.28 2.15 0.35
C2 DGT F . 32.36 3.14 -0.65
N2 DGT F . 33.53 3.97 -0.73
N3 DGT F . 31.34 3.31 -1.52
C4 DGT F . 30.18 2.48 -1.45
FE FE G . 21.27 -0.58 15.23
PG DGT H . 6.11 -28.55 10.95
O1G DGT H . 7.38 -29.26 10.98
O2G DGT H . 5.25 -29.12 9.87
O3G DGT H . 5.44 -28.68 12.30
O3B DGT H . 6.32 -27.02 10.62
PB DGT H . 6.87 -25.91 11.64
O1B DGT H . 6.12 -24.65 11.41
O2B DGT H . 6.63 -26.36 13.06
O3A DGT H . 8.44 -25.68 11.38
PA DGT H . 9.17 -25.46 9.92
O1A DGT H . 10.65 -25.36 10.03
O2A DGT H . 8.86 -26.59 9.02
O5' DGT H . 8.64 -24.10 9.27
C5' DGT H . 9.08 -22.80 9.77
C4' DGT H . 8.54 -21.71 8.85
O4' DGT H . 9.61 -21.14 8.06
C3' DGT H . 7.54 -22.23 7.93
O3' DGT H . 6.51 -21.24 7.80
C2' DGT H . 8.22 -22.42 6.61
C1' DGT H . 9.23 -21.32 6.64
N9 DGT H . 10.43 -21.64 5.97
C8 DGT H . 11.37 -20.67 5.37
N7 DGT H . 12.31 -21.38 4.89
C5 DGT H . 12.20 -22.57 5.05
C6 DGT H . 13.15 -23.55 4.60
O6 DGT H . 14.17 -23.20 4.02
N1 DGT H . 12.93 -24.88 4.85
C2 DGT H . 11.76 -25.28 5.52
N2 DGT H . 11.52 -26.67 5.78
N3 DGT H . 10.85 -24.34 5.93
C4 DGT H . 11.08 -22.95 5.70
FE FE I . -14.45 17.63 -14.64
PG DGT J . -8.37 28.02 10.53
O1G DGT J . -7.11 28.26 11.26
O2G DGT J . -9.51 28.03 11.48
O3G DGT J . -8.57 29.07 9.46
O3B DGT J . -8.27 26.63 9.81
PB DGT J . -8.80 25.26 10.43
O1B DGT J . -8.06 24.14 9.80
O2B DGT J . -8.52 25.26 11.91
O3A DGT J . -10.40 25.14 10.21
PA DGT J . -11.18 24.76 8.82
O1A DGT J . -10.99 25.77 7.74
O2A DGT J . -12.63 24.64 9.05
O5' DGT J . -10.55 23.37 8.36
C5' DGT J . -11.40 22.23 8.20
C4' DGT J . -10.62 21.10 7.55
O4' DGT J . -11.52 20.38 6.64
C3' DGT J . -9.53 21.65 6.79
O3' DGT J . -8.38 20.82 7.04
C2' DGT J . -9.90 21.59 5.34
C1' DGT J . -11.00 20.60 5.28
N9 DGT J . -12.04 21.03 4.43
C8 DGT J . -12.99 20.18 3.66
N7 DGT J . -13.74 20.99 3.00
C5 DGT J . -13.47 22.16 3.17
C6 DGT J . -14.18 23.27 2.55
O6 DGT J . -15.11 23.05 1.80
N1 DGT J . -13.79 24.56 2.83
C2 DGT J . -12.71 24.80 3.71
N2 DGT J . -12.29 26.15 4.01
N3 DGT J . -12.05 23.74 4.30
C4 DGT J . -12.45 22.41 4.02
PG DGT K . -34.59 -7.90 -13.67
O1G DGT K . -34.87 -9.17 -14.39
O2G DGT K . -35.41 -6.81 -14.28
O3G DGT K . -34.94 -8.03 -12.20
O3B DGT K . -33.06 -7.58 -13.87
PB DGT K . -32.41 -6.12 -13.85
O1B DGT K . -31.02 -6.24 -14.37
O2B DGT K . -33.19 -5.16 -14.71
O3A DGT K . -32.37 -5.65 -12.32
PA DGT K . -32.31 -4.09 -11.78
O1A DGT K . -33.41 -3.84 -10.82
O2A DGT K . -32.46 -3.16 -12.93
O5' DGT K . -30.87 -3.92 -11.15
C5' DGT K . -29.80 -4.27 -12.06
C4' DGT K . -28.43 -3.92 -11.50
O4' DGT K . -28.52 -2.70 -10.71
C3' DGT K . -27.97 -4.99 -10.65
O3' DGT K . -26.59 -5.23 -10.99
C2' DGT K . -28.05 -4.51 -9.23
C1' DGT K . -27.88 -3.04 -9.43
N9 DGT K . -28.42 -2.31 -8.34
C8 DGT K . -27.72 -1.32 -7.51
N7 DGT K . -28.57 -0.91 -6.65
C5 DGT K . -29.67 -1.42 -6.73
C6 DGT K . -30.84 -1.15 -5.87
O6 DGT K . -30.79 -0.33 -4.95
N1 DGT K . -32.01 -1.81 -6.09
C2 DGT K . -32.12 -2.76 -7.13
N2 DGT K . -33.35 -3.45 -7.37
N3 DGT K . -31.03 -3.01 -7.94
C4 DGT K . -29.79 -2.33 -7.73
FE FE L . -24.29 0.15 10.86
#